data_6PNU
#
_entry.id   6PNU
#
_cell.length_a   82.880
_cell.length_b   137.800
_cell.length_c   108.870
_cell.angle_alpha   90.000
_cell.angle_beta   109.940
_cell.angle_gamma   90.000
#
_symmetry.space_group_name_H-M   'P 1 21 1'
#
loop_
_entity.id
_entity.type
_entity.pdbx_description
1 polymer 'Aldehyde dehydrogenase'
2 non-polymer 1,2-ETHANEDIOL
3 water water
#
_entity_poly.entity_id   1
_entity_poly.type   'polypeptide(L)'
_entity_poly.pdbx_seq_one_letter_code
;MGSSHHHHHHSSGLVPRGSHMASLSKQLYIGGKLITSDATTEIINPATLEIVGEISAAGINEANMALESAQEAFSSWSTT
PAIERAQWMLKLRDAVIANEQHLRECVHLEMAKPWQSTADDFQMLVDSLNFYADAIVNIADEEIKDNEGTHSHVLSREPV
GVAAAFLAWNFPLLNLAYKLGPAMAAGCPLVVKPSSKTPLSAYAVGELCEQIGLPAGVVNILSGMDSTVGDAISASTIPS
VLTLIGSTNVGKHVIATGATSIKRYSMELGGNAPAIVCSDANLDNAADVICGVKFANAGQICVTPNRVFVHESVADEFIE
KVLTRAKAVKVGFDKNEAIDMGPVMDANSWQRIDELVKDAQQNGAQLQLGGKKPTGVNGYFYEPTVLTNVDSSMKIYKDE
IFGPVISIIIFSDNEQVLSDANDTDAGLSSFIFSSNEDTISYFAKHLRFGEVQVNGIKYSINLPHFGIKQSGVGVDCSLL
ALDDYLAYKRVSRALKV
;
_entity_poly.pdbx_strand_id   A,B,C,D
#
# COMPACT_ATOMS: atom_id res chain seq x y z
N SER A 23 -13.20 3.58 -21.05
CA SER A 23 -13.04 2.85 -22.30
C SER A 23 -12.66 1.39 -22.03
N LEU A 24 -12.05 1.13 -20.88
CA LEU A 24 -11.63 -0.21 -20.51
C LEU A 24 -12.27 -0.61 -19.18
N SER A 25 -12.64 -1.88 -19.08
CA SER A 25 -13.25 -2.44 -17.87
C SER A 25 -12.37 -3.59 -17.41
N LYS A 26 -11.91 -3.53 -16.17
CA LYS A 26 -11.00 -4.53 -15.63
C LYS A 26 -11.62 -5.19 -14.41
N GLN A 27 -11.45 -6.51 -14.32
CA GLN A 27 -12.05 -7.31 -13.28
C GLN A 27 -11.03 -7.66 -12.21
N LEU A 28 -11.53 -8.11 -11.07
CA LEU A 28 -10.68 -8.55 -9.98
C LEU A 28 -9.97 -9.84 -10.37
N TYR A 29 -8.72 -9.99 -9.94
CA TYR A 29 -7.96 -11.22 -10.14
C TYR A 29 -7.78 -11.89 -8.79
N ILE A 30 -8.65 -12.87 -8.51
CA ILE A 30 -8.69 -13.54 -7.22
C ILE A 30 -8.84 -15.04 -7.45
N GLY A 31 -8.00 -15.83 -6.80
CA GLY A 31 -8.11 -17.29 -6.87
C GLY A 31 -7.89 -17.85 -8.27
N GLY A 32 -7.00 -17.24 -9.04
CA GLY A 32 -6.76 -17.70 -10.39
C GLY A 32 -7.88 -17.43 -11.37
N LYS A 33 -8.83 -16.57 -11.02
CA LYS A 33 -9.94 -16.25 -11.89
C LYS A 33 -10.14 -14.73 -11.95
N LEU A 34 -10.63 -14.26 -13.09
CA LEU A 34 -11.03 -12.87 -13.27
C LEU A 34 -12.52 -12.77 -12.96
N ILE A 35 -12.86 -12.11 -11.86
CA ILE A 35 -14.24 -12.11 -11.38
C ILE A 35 -14.72 -10.67 -11.27
N THR A 36 -16.03 -10.51 -11.32
CA THR A 36 -16.69 -9.25 -11.10
C THR A 36 -17.18 -9.18 -9.66
N SER A 37 -17.74 -8.03 -9.29
CA SER A 37 -18.29 -7.82 -7.97
C SER A 37 -19.54 -6.96 -8.10
N ASP A 38 -20.14 -6.61 -6.96
CA ASP A 38 -21.34 -5.79 -6.95
C ASP A 38 -21.04 -4.31 -7.13
N ALA A 39 -19.80 -3.89 -6.92
CA ALA A 39 -19.44 -2.48 -6.97
C ALA A 39 -18.41 -2.23 -8.07
N THR A 40 -18.35 -0.98 -8.51
CA THR A 40 -17.39 -0.54 -9.52
C THR A 40 -16.81 0.79 -9.10
N THR A 41 -15.63 1.10 -9.62
CA THR A 41 -14.95 2.36 -9.36
C THR A 41 -14.49 2.93 -10.69
N GLU A 42 -14.88 4.18 -10.96
CA GLU A 42 -14.47 4.86 -12.17
C GLU A 42 -13.15 5.59 -11.94
N ILE A 43 -12.25 5.47 -12.91
CA ILE A 43 -10.93 6.10 -12.83
C ILE A 43 -10.97 7.39 -13.64
N ILE A 44 -10.59 8.50 -13.03
CA ILE A 44 -10.64 9.82 -13.65
C ILE A 44 -9.22 10.32 -13.82
N ASN A 45 -8.88 10.71 -15.05
CA ASN A 45 -7.54 11.24 -15.34
C ASN A 45 -7.38 12.60 -14.67
N PRO A 46 -6.30 12.81 -13.90
CA PRO A 46 -6.16 14.08 -13.16
C PRO A 46 -5.77 15.27 -14.03
N ALA A 47 -5.52 15.07 -15.32
CA ALA A 47 -5.24 16.17 -16.24
C ALA A 47 -6.45 16.58 -17.06
N THR A 48 -7.21 15.61 -17.58
CA THR A 48 -8.39 15.90 -18.38
C THR A 48 -9.69 15.89 -17.56
N LEU A 49 -9.65 15.36 -16.33
CA LEU A 49 -10.82 15.21 -15.48
C LEU A 49 -11.90 14.36 -16.13
N GLU A 50 -11.53 13.54 -17.12
CA GLU A 50 -12.43 12.65 -17.83
C GLU A 50 -12.26 11.22 -17.34
N ILE A 51 -13.33 10.44 -17.43
CA ILE A 51 -13.27 9.03 -17.05
C ILE A 51 -12.47 8.26 -18.09
N VAL A 52 -11.46 7.52 -17.63
CA VAL A 52 -10.59 6.75 -18.52
C VAL A 52 -10.80 5.25 -18.41
N GLY A 53 -11.54 4.78 -17.41
CA GLY A 53 -11.77 3.36 -17.26
C GLY A 53 -12.44 3.08 -15.93
N GLU A 54 -12.68 1.79 -15.70
CA GLU A 54 -13.33 1.36 -14.47
C GLU A 54 -12.82 -0.02 -14.08
N ILE A 55 -12.90 -0.31 -12.78
CA ILE A 55 -12.54 -1.61 -12.23
C ILE A 55 -13.70 -2.13 -11.41
N SER A 56 -13.76 -3.45 -11.29
CA SER A 56 -14.64 -4.10 -10.33
C SER A 56 -14.08 -3.82 -8.94
N ALA A 57 -14.81 -3.06 -8.12
CA ALA A 57 -14.34 -2.74 -6.79
C ALA A 57 -14.55 -3.92 -5.85
N ALA A 58 -13.55 -4.18 -5.00
CA ALA A 58 -13.64 -5.27 -4.05
C ALA A 58 -14.35 -4.82 -2.77
N GLY A 59 -15.17 -5.70 -2.23
CA GLY A 59 -15.71 -5.54 -0.89
C GLY A 59 -14.98 -6.42 0.11
N ILE A 60 -15.54 -6.47 1.32
CA ILE A 60 -14.95 -7.29 2.37
C ILE A 60 -14.96 -8.76 1.98
N ASN A 61 -16.06 -9.21 1.35
CA ASN A 61 -16.15 -10.60 0.94
C ASN A 61 -15.07 -10.96 -0.09
N GLU A 62 -14.78 -10.03 -1.02
CA GLU A 62 -13.73 -10.28 -1.99
C GLU A 62 -12.36 -10.28 -1.33
N ALA A 63 -12.17 -9.46 -0.29
CA ALA A 63 -10.90 -9.47 0.42
C ALA A 63 -10.71 -10.78 1.17
N ASN A 64 -11.76 -11.29 1.80
CA ASN A 64 -11.68 -12.60 2.43
C ASN A 64 -11.41 -13.69 1.41
N MET A 65 -12.00 -13.57 0.21
CA MET A 65 -11.76 -14.56 -0.84
C MET A 65 -10.29 -14.58 -1.24
N ALA A 66 -9.67 -13.42 -1.41
CA ALA A 66 -8.26 -13.37 -1.78
C ALA A 66 -7.38 -13.91 -0.67
N LEU A 67 -7.68 -13.56 0.57
CA LEU A 67 -6.89 -14.02 1.70
C LEU A 67 -6.98 -15.53 1.87
N GLU A 68 -8.20 -16.09 1.76
CA GLU A 68 -8.37 -17.53 1.92
C GLU A 68 -7.75 -18.29 0.75
N SER A 69 -7.82 -17.74 -0.46
CA SER A 69 -7.21 -18.41 -1.61
C SER A 69 -5.68 -18.37 -1.52
N ALA A 70 -5.12 -17.27 -1.02
CA ALA A 70 -3.67 -17.21 -0.82
C ALA A 70 -3.24 -18.21 0.24
N GLN A 71 -3.99 -18.31 1.35
CA GLN A 71 -3.68 -19.29 2.38
C GLN A 71 -3.76 -20.71 1.83
N GLU A 72 -4.78 -21.00 1.02
CA GLU A 72 -4.94 -22.33 0.44
C GLU A 72 -3.77 -22.71 -0.44
N ALA A 73 -3.20 -21.74 -1.16
CA ALA A 73 -2.10 -22.03 -2.07
C ALA A 73 -0.76 -22.15 -1.37
N PHE A 74 -0.68 -21.80 -0.08
CA PHE A 74 0.64 -21.68 0.56
C PHE A 74 1.38 -23.01 0.57
N SER A 75 0.70 -24.12 0.88
CA SER A 75 1.40 -25.38 1.06
C SER A 75 1.99 -25.90 -0.25
N SER A 76 1.30 -25.66 -1.38
CA SER A 76 1.82 -26.13 -2.65
C SER A 76 2.81 -25.12 -3.25
N TRP A 77 2.52 -23.82 -3.12
CA TRP A 77 3.40 -22.82 -3.71
C TRP A 77 4.72 -22.70 -2.93
N SER A 78 4.68 -22.79 -1.61
CA SER A 78 5.91 -22.70 -0.83
C SER A 78 6.75 -23.97 -0.94
N THR A 79 6.15 -25.09 -1.31
CA THR A 79 6.91 -26.31 -1.56
C THR A 79 7.27 -26.49 -3.03
N THR A 80 6.79 -25.62 -3.90
CA THR A 80 7.24 -25.62 -5.28
C THR A 80 8.71 -25.24 -5.33
N PRO A 81 9.55 -26.01 -6.04
CA PRO A 81 10.98 -25.70 -6.08
C PRO A 81 11.26 -24.27 -6.53
N ALA A 82 12.31 -23.68 -5.95
CA ALA A 82 12.66 -22.31 -6.28
C ALA A 82 13.02 -22.16 -7.76
N ILE A 83 13.55 -23.22 -8.37
CA ILE A 83 13.80 -23.20 -9.81
C ILE A 83 12.47 -23.09 -10.56
N GLU A 84 11.45 -23.81 -10.10
CA GLU A 84 10.15 -23.78 -10.74
C GLU A 84 9.40 -22.48 -10.46
N ARG A 85 9.54 -21.92 -9.27
CA ARG A 85 8.95 -20.61 -9.00
C ARG A 85 9.56 -19.54 -9.89
N ALA A 86 10.88 -19.59 -10.08
CA ALA A 86 11.55 -18.63 -10.97
C ALA A 86 11.05 -18.76 -12.41
N GLN A 87 10.70 -19.98 -12.84
CA GLN A 87 10.16 -20.16 -14.18
C GLN A 87 8.82 -19.44 -14.34
N TRP A 88 7.98 -19.47 -13.29
CA TRP A 88 6.72 -18.73 -13.34
C TRP A 88 6.96 -17.23 -13.37
N MET A 89 8.00 -16.74 -12.67
CA MET A 89 8.31 -15.32 -12.70
C MET A 89 8.76 -14.87 -14.08
N LEU A 90 9.55 -15.71 -14.78
CA LEU A 90 10.01 -15.32 -16.10
C LEU A 90 8.88 -15.39 -17.12
N LYS A 91 7.97 -16.36 -16.97
CA LYS A 91 6.81 -16.41 -17.83
C LYS A 91 5.94 -15.16 -17.67
N LEU A 92 5.73 -14.73 -16.42
CA LEU A 92 5.05 -13.46 -16.21
C LEU A 92 5.86 -12.30 -16.79
N ARG A 93 7.18 -12.36 -16.65
CA ARG A 93 8.05 -11.33 -17.24
C ARG A 93 7.87 -11.26 -18.75
N ASP A 94 7.78 -12.42 -19.42
CA ASP A 94 7.63 -12.41 -20.86
C ASP A 94 6.32 -11.75 -21.29
N ALA A 95 5.22 -12.07 -20.61
CA ALA A 95 3.94 -11.44 -20.90
C ALA A 95 3.97 -9.95 -20.58
N VAL A 96 4.72 -9.54 -19.55
CA VAL A 96 4.83 -8.12 -19.22
C VAL A 96 5.56 -7.39 -20.33
N ILE A 97 6.65 -7.97 -20.85
CA ILE A 97 7.38 -7.36 -21.95
C ILE A 97 6.49 -7.26 -23.18
N ALA A 98 5.72 -8.29 -23.47
CA ALA A 98 4.84 -8.27 -24.64
C ALA A 98 3.73 -7.24 -24.52
N ASN A 99 3.36 -6.85 -23.30
CA ASN A 99 2.26 -5.92 -23.09
C ASN A 99 2.73 -4.57 -22.54
N GLU A 100 3.96 -4.18 -22.90
CA GLU A 100 4.53 -2.94 -22.39
C GLU A 100 3.68 -1.74 -22.74
N GLN A 101 3.21 -1.65 -24.00
CA GLN A 101 2.41 -0.51 -24.41
C GLN A 101 1.15 -0.37 -23.56
N HIS A 102 0.42 -1.47 -23.35
CA HIS A 102 -0.83 -1.40 -22.60
C HIS A 102 -0.56 -1.10 -21.13
N LEU A 103 0.48 -1.71 -20.55
CA LEU A 103 0.81 -1.45 -19.15
C LEU A 103 1.13 0.01 -18.91
N ARG A 104 2.03 0.58 -19.73
CA ARG A 104 2.36 1.99 -19.60
C ARG A 104 1.19 2.89 -19.94
N GLU A 105 0.26 2.43 -20.79
CA GLU A 105 -0.91 3.24 -21.12
C GLU A 105 -1.84 3.37 -19.91
N CYS A 106 -2.02 2.28 -19.15
CA CYS A 106 -2.81 2.34 -17.93
C CYS A 106 -2.26 3.37 -16.97
N VAL A 107 -0.95 3.31 -16.71
CA VAL A 107 -0.30 4.30 -15.84
C VAL A 107 -0.52 5.70 -16.39
N HIS A 108 -0.25 5.90 -17.68
CA HIS A 108 -0.45 7.19 -18.32
C HIS A 108 -1.88 7.68 -18.16
N LEU A 109 -2.86 6.77 -18.20
CA LEU A 109 -4.25 7.16 -18.13
C LEU A 109 -4.76 7.33 -16.70
N GLU A 110 -4.33 6.48 -15.76
CA GLU A 110 -4.90 6.53 -14.42
C GLU A 110 -4.39 7.72 -13.62
N MET A 111 -3.17 8.20 -13.90
CA MET A 111 -2.62 9.32 -13.14
C MET A 111 -1.98 10.38 -14.02
N ALA A 112 -2.19 10.35 -15.34
CA ALA A 112 -1.64 11.34 -16.27
C ALA A 112 -0.12 11.45 -16.15
N LYS A 113 0.56 10.34 -15.85
CA LYS A 113 2.01 10.34 -15.81
C LYS A 113 2.55 10.44 -17.23
N PRO A 114 3.54 11.31 -17.48
CA PRO A 114 4.11 11.43 -18.83
C PRO A 114 4.62 10.10 -19.35
N TRP A 115 4.57 9.94 -20.67
CA TRP A 115 4.91 8.64 -21.26
C TRP A 115 6.35 8.25 -20.93
N GLN A 116 7.29 9.19 -21.04
CA GLN A 116 8.69 8.92 -20.71
C GLN A 116 8.83 8.46 -19.26
N SER A 117 8.07 9.08 -18.35
CA SER A 117 8.18 8.73 -16.94
C SER A 117 7.58 7.36 -16.63
N THR A 118 6.61 6.91 -17.44
CA THR A 118 6.02 5.59 -17.20
C THR A 118 7.02 4.46 -17.43
N ALA A 119 8.14 4.73 -18.10
CA ALA A 119 9.13 3.69 -18.34
C ALA A 119 9.74 3.19 -17.03
N ASP A 120 9.83 4.07 -16.02
CA ASP A 120 10.38 3.64 -14.74
C ASP A 120 9.46 2.63 -14.06
N ASP A 121 8.15 2.78 -14.23
CA ASP A 121 7.19 1.83 -13.67
C ASP A 121 7.31 0.48 -14.35
N PHE A 122 7.28 0.48 -15.69
CA PHE A 122 7.35 -0.78 -16.43
C PHE A 122 8.71 -1.46 -16.27
N GLN A 123 9.79 -0.68 -16.36
CA GLN A 123 11.13 -1.28 -16.32
C GLN A 123 11.43 -1.88 -14.94
N MET A 124 10.97 -1.23 -13.87
CA MET A 124 11.22 -1.81 -12.56
C MET A 124 10.47 -3.12 -12.39
N LEU A 125 9.31 -3.26 -13.04
CA LEU A 125 8.60 -4.53 -12.99
C LEU A 125 9.40 -5.64 -13.66
N VAL A 126 10.03 -5.37 -14.81
CA VAL A 126 10.80 -6.44 -15.44
C VAL A 126 12.10 -6.66 -14.67
N ASP A 127 12.68 -5.61 -14.09
CA ASP A 127 13.92 -5.76 -13.35
C ASP A 127 13.72 -6.57 -12.07
N SER A 128 12.61 -6.33 -11.37
CA SER A 128 12.37 -7.05 -10.12
C SER A 128 12.10 -8.52 -10.39
N LEU A 129 11.34 -8.84 -11.43
CA LEU A 129 11.11 -10.24 -11.77
C LEU A 129 12.42 -10.94 -12.11
N ASN A 130 13.32 -10.26 -12.84
CA ASN A 130 14.60 -10.86 -13.19
C ASN A 130 15.53 -10.96 -11.98
N PHE A 131 15.64 -9.89 -11.18
CA PHE A 131 16.60 -9.87 -10.07
C PHE A 131 16.28 -10.93 -9.02
N TYR A 132 15.00 -11.17 -8.75
CA TYR A 132 14.63 -12.08 -7.67
C TYR A 132 14.39 -13.51 -8.14
N ALA A 133 14.13 -13.72 -9.43
CA ALA A 133 14.10 -15.09 -9.94
C ALA A 133 15.50 -15.69 -9.99
N ASP A 134 16.52 -14.86 -10.22
CA ASP A 134 17.89 -15.34 -10.19
C ASP A 134 18.43 -15.44 -8.77
N ALA A 135 18.03 -14.53 -7.88
CA ALA A 135 18.57 -14.53 -6.52
C ALA A 135 18.06 -15.73 -5.73
N ILE A 136 16.83 -16.17 -5.97
CA ILE A 136 16.25 -17.23 -5.17
C ILE A 136 16.89 -18.59 -5.47
N VAL A 137 17.35 -18.82 -6.71
CA VAL A 137 17.97 -20.08 -7.05
C VAL A 137 19.41 -20.18 -6.59
N ASN A 138 19.96 -19.09 -6.03
CA ASN A 138 21.32 -19.08 -5.50
C ASN A 138 21.36 -18.99 -3.99
N ILE A 139 20.22 -19.12 -3.33
CA ILE A 139 20.18 -19.14 -1.87
C ILE A 139 20.74 -20.47 -1.38
N ALA A 140 21.72 -20.40 -0.47
CA ALA A 140 22.39 -21.58 0.04
C ALA A 140 22.31 -21.64 1.56
N ASP A 141 22.17 -22.86 2.08
CA ASP A 141 22.22 -23.08 3.51
C ASP A 141 23.57 -22.65 4.07
N GLU A 142 23.58 -22.29 5.35
CA GLU A 142 24.78 -21.86 6.05
C GLU A 142 25.02 -22.78 7.23
N GLU A 143 26.26 -23.21 7.42
CA GLU A 143 26.62 -24.03 8.57
C GLU A 143 27.10 -23.12 9.69
N ILE A 144 26.64 -23.39 10.91
CA ILE A 144 27.02 -22.63 12.10
C ILE A 144 27.93 -23.50 12.94
N LYS A 145 29.05 -22.92 13.38
CA LYS A 145 30.04 -23.68 14.15
C LYS A 145 29.56 -23.90 15.57
N ASP A 146 29.75 -25.12 16.06
CA ASP A 146 29.50 -25.45 17.45
C ASP A 146 30.81 -25.35 18.22
N ASN A 147 30.85 -24.45 19.22
CA ASN A 147 32.09 -24.23 19.95
C ASN A 147 32.53 -25.46 20.72
N GLU A 148 31.58 -26.29 21.14
CA GLU A 148 31.90 -27.46 21.95
C GLU A 148 32.11 -28.72 21.12
N GLY A 149 31.79 -28.69 19.83
CA GLY A 149 31.99 -29.85 18.97
C GLY A 149 31.06 -31.00 19.24
N THR A 150 29.98 -30.77 20.00
CA THR A 150 29.02 -31.81 20.34
C THR A 150 27.84 -31.88 19.40
N HIS A 151 27.62 -30.84 18.59
CA HIS A 151 26.46 -30.77 17.72
C HIS A 151 26.85 -30.17 16.37
N SER A 152 26.07 -30.48 15.36
CA SER A 152 26.13 -29.81 14.06
C SER A 152 24.93 -28.91 13.91
N HIS A 153 25.09 -27.81 13.15
CA HIS A 153 24.04 -26.81 13.01
C HIS A 153 23.96 -26.33 11.57
N VAL A 154 22.76 -26.39 11.00
CA VAL A 154 22.49 -25.91 9.63
C VAL A 154 21.41 -24.84 9.70
N LEU A 155 21.70 -23.68 9.12
CA LEU A 155 20.78 -22.55 9.09
C LEU A 155 20.23 -22.42 7.67
N SER A 156 18.92 -22.56 7.52
CA SER A 156 18.25 -22.49 6.23
C SER A 156 17.15 -21.44 6.26
N ARG A 157 16.61 -21.14 5.08
CA ARG A 157 15.55 -20.16 4.94
C ARG A 157 14.36 -20.77 4.20
N GLU A 158 13.17 -20.51 4.69
CA GLU A 158 11.92 -21.07 4.17
C GLU A 158 10.89 -19.96 4.01
N PRO A 159 9.86 -20.20 3.18
CA PRO A 159 8.79 -19.22 3.03
C PRO A 159 8.05 -18.97 4.34
N VAL A 160 7.66 -17.71 4.57
CA VAL A 160 7.04 -17.33 5.83
C VAL A 160 5.54 -17.62 5.85
N GLY A 161 4.84 -17.33 4.77
CA GLY A 161 3.39 -17.43 4.77
C GLY A 161 2.78 -16.47 3.76
N VAL A 162 1.54 -16.07 4.02
CA VAL A 162 0.82 -15.18 3.11
C VAL A 162 1.27 -13.74 3.36
N ALA A 163 1.51 -13.01 2.27
CA ALA A 163 1.91 -11.62 2.31
C ALA A 163 0.80 -10.74 1.75
N ALA A 164 0.63 -9.55 2.34
CA ALA A 164 -0.32 -8.56 1.86
C ALA A 164 0.40 -7.24 1.66
N ALA A 165 0.12 -6.57 0.55
CA ALA A 165 0.82 -5.36 0.15
C ALA A 165 -0.17 -4.23 -0.14
N PHE A 166 0.04 -3.08 0.49
CA PHE A 166 -0.73 -1.86 0.24
C PHE A 166 0.14 -0.88 -0.52
N LEU A 167 -0.26 -0.57 -1.75
CA LEU A 167 0.59 0.22 -2.66
C LEU A 167 0.10 1.66 -2.77
N ALA A 168 1.06 2.59 -2.81
CA ALA A 168 0.79 3.99 -3.06
C ALA A 168 0.57 4.24 -4.55
N TRP A 169 0.09 5.43 -4.87
CA TRP A 169 -0.28 5.79 -6.24
C TRP A 169 0.83 6.48 -7.03
N ASN A 170 1.92 6.88 -6.38
CA ASN A 170 2.93 7.66 -7.09
C ASN A 170 3.67 6.84 -8.15
N PHE A 171 3.87 5.54 -7.89
CA PHE A 171 4.49 4.63 -8.85
C PHE A 171 3.71 3.34 -8.85
N PRO A 172 2.62 3.27 -9.61
CA PRO A 172 1.72 2.11 -9.48
C PRO A 172 2.40 0.78 -9.76
N LEU A 173 3.19 0.68 -10.83
CA LEU A 173 3.85 -0.57 -11.18
C LEU A 173 5.20 -0.75 -10.47
N LEU A 174 5.94 0.32 -10.25
CA LEU A 174 7.19 0.21 -9.50
C LEU A 174 6.92 -0.22 -8.06
N ASN A 175 5.88 0.34 -7.43
CA ASN A 175 5.55 -0.08 -6.07
C ASN A 175 5.12 -1.54 -6.04
N LEU A 176 4.35 -1.98 -7.04
CA LEU A 176 4.00 -3.39 -7.15
C LEU A 176 5.24 -4.25 -7.36
N ALA A 177 6.17 -3.80 -8.20
CA ALA A 177 7.39 -4.56 -8.49
C ALA A 177 8.18 -4.86 -7.21
N TYR A 178 8.26 -3.88 -6.31
CA TYR A 178 9.05 -4.05 -5.09
C TYR A 178 8.52 -5.18 -4.23
N LYS A 179 7.23 -5.48 -4.32
CA LYS A 179 6.63 -6.53 -3.49
C LYS A 179 6.40 -7.83 -4.24
N LEU A 180 6.03 -7.74 -5.52
CA LEU A 180 5.65 -8.93 -6.29
C LEU A 180 6.86 -9.84 -6.53
N GLY A 181 8.02 -9.27 -6.84
CA GLY A 181 9.20 -10.04 -7.10
C GLY A 181 9.65 -10.87 -5.91
N PRO A 182 9.96 -10.22 -4.79
CA PRO A 182 10.38 -10.99 -3.60
C PRO A 182 9.33 -11.99 -3.13
N ALA A 183 8.05 -11.61 -3.15
CA ALA A 183 7.01 -12.52 -2.65
C ALA A 183 6.91 -13.77 -3.52
N MET A 184 6.91 -13.61 -4.85
CA MET A 184 6.85 -14.77 -5.73
C MET A 184 8.08 -15.65 -5.56
N ALA A 185 9.26 -15.05 -5.52
CA ALA A 185 10.50 -15.81 -5.38
C ALA A 185 10.53 -16.60 -4.08
N ALA A 186 10.16 -15.96 -2.97
CA ALA A 186 10.18 -16.60 -1.67
C ALA A 186 9.01 -17.54 -1.44
N GLY A 187 8.17 -17.78 -2.44
CA GLY A 187 7.07 -18.70 -2.28
C GLY A 187 6.00 -18.26 -1.31
N CYS A 188 5.76 -16.95 -1.19
CA CYS A 188 4.67 -16.41 -0.38
C CYS A 188 3.51 -16.00 -1.28
N PRO A 189 2.34 -16.64 -1.20
CA PRO A 189 1.16 -16.11 -1.89
C PRO A 189 0.89 -14.68 -1.46
N LEU A 190 0.51 -13.84 -2.42
CA LEU A 190 0.47 -12.41 -2.23
C LEU A 190 -0.92 -11.85 -2.49
N VAL A 191 -1.35 -10.95 -1.61
CA VAL A 191 -2.60 -10.20 -1.76
C VAL A 191 -2.23 -8.73 -1.92
N VAL A 192 -2.54 -8.17 -3.09
CA VAL A 192 -2.13 -6.81 -3.46
C VAL A 192 -3.34 -5.88 -3.45
N LYS A 193 -3.24 -4.78 -2.70
CA LYS A 193 -4.25 -3.73 -2.72
C LYS A 193 -3.64 -2.50 -3.35
N PRO A 194 -3.74 -2.33 -4.68
CA PRO A 194 -3.33 -1.08 -5.30
C PRO A 194 -4.18 0.07 -4.80
N SER A 195 -3.62 1.28 -4.90
CA SER A 195 -4.38 2.47 -4.57
C SER A 195 -5.58 2.58 -5.49
N SER A 196 -6.74 2.93 -4.91
CA SER A 196 -7.95 3.12 -5.72
C SER A 196 -7.79 4.27 -6.70
N LYS A 197 -6.80 5.15 -6.47
CA LYS A 197 -6.55 6.24 -7.41
C LYS A 197 -5.80 5.77 -8.65
N THR A 198 -5.06 4.67 -8.56
CA THR A 198 -4.26 4.16 -9.68
C THR A 198 -4.33 2.64 -9.72
N PRO A 199 -5.51 2.06 -9.98
CA PRO A 199 -5.64 0.60 -9.91
C PRO A 199 -5.58 -0.10 -11.25
N LEU A 200 -5.56 0.67 -12.35
CA LEU A 200 -5.73 0.06 -13.66
C LEU A 200 -4.51 -0.75 -14.07
N SER A 201 -3.31 -0.21 -13.86
CA SER A 201 -2.10 -0.89 -14.29
C SER A 201 -1.91 -2.22 -13.55
N ALA A 202 -2.23 -2.24 -12.26
CA ALA A 202 -2.05 -3.48 -11.49
C ALA A 202 -3.11 -4.51 -11.85
N TYR A 203 -4.36 -4.07 -12.08
CA TYR A 203 -5.36 -4.99 -12.60
C TYR A 203 -4.92 -5.60 -13.93
N ALA A 204 -4.22 -4.82 -14.75
CA ALA A 204 -3.69 -5.35 -16.01
C ALA A 204 -2.66 -6.44 -15.77
N VAL A 205 -1.82 -6.29 -14.74
CA VAL A 205 -0.88 -7.36 -14.40
C VAL A 205 -1.65 -8.62 -14.01
N GLY A 206 -2.76 -8.46 -13.29
CA GLY A 206 -3.57 -9.61 -12.92
C GLY A 206 -4.12 -10.36 -14.12
N GLU A 207 -4.53 -9.62 -15.15
CA GLU A 207 -4.97 -10.26 -16.39
C GLU A 207 -3.86 -11.08 -17.00
N LEU A 208 -2.62 -10.58 -16.97
CA LEU A 208 -1.49 -11.35 -17.48
C LEU A 208 -1.23 -12.58 -16.64
N CYS A 209 -1.44 -12.47 -15.33
CA CYS A 209 -1.27 -13.62 -14.44
C CYS A 209 -2.27 -14.71 -14.77
N GLU A 210 -3.52 -14.31 -15.07
CA GLU A 210 -4.53 -15.27 -15.50
C GLU A 210 -4.22 -15.83 -16.88
N GLN A 211 -3.66 -15.00 -17.77
CA GLN A 211 -3.37 -15.47 -19.13
C GLN A 211 -2.30 -16.55 -19.14
N ILE A 212 -1.25 -16.39 -18.34
CA ILE A 212 -0.17 -17.38 -18.32
C ILE A 212 -0.52 -18.62 -17.50
N GLY A 213 -1.66 -18.62 -16.83
CA GLY A 213 -2.05 -19.78 -16.03
C GLY A 213 -1.31 -19.91 -14.72
N LEU A 214 -1.05 -18.80 -14.03
CA LEU A 214 -0.38 -18.85 -12.74
C LEU A 214 -1.28 -19.59 -11.74
N PRO A 215 -0.72 -20.49 -10.92
CA PRO A 215 -1.57 -21.25 -9.99
C PRO A 215 -2.39 -20.34 -9.09
N ALA A 216 -3.61 -20.79 -8.80
CA ALA A 216 -4.56 -19.96 -8.06
C ALA A 216 -4.02 -19.60 -6.69
N GLY A 217 -4.29 -18.36 -6.26
CA GLY A 217 -3.90 -17.89 -4.95
C GLY A 217 -2.49 -17.34 -4.84
N VAL A 218 -1.62 -17.63 -5.81
CA VAL A 218 -0.23 -17.17 -5.75
C VAL A 218 -0.16 -15.65 -5.80
N VAL A 219 -0.96 -15.03 -6.67
CA VAL A 219 -1.03 -13.57 -6.77
C VAL A 219 -2.50 -13.18 -6.82
N ASN A 220 -2.88 -12.21 -6.00
CA ASN A 220 -4.25 -11.70 -5.96
C ASN A 220 -4.21 -10.17 -6.00
N ILE A 221 -5.05 -9.59 -6.83
CA ILE A 221 -5.07 -8.14 -7.03
C ILE A 221 -6.49 -7.63 -6.88
N LEU A 222 -6.68 -6.66 -5.99
CA LEU A 222 -7.99 -6.11 -5.68
C LEU A 222 -7.85 -4.71 -5.09
N SER A 223 -8.76 -3.82 -5.47
CA SER A 223 -8.83 -2.49 -4.88
C SER A 223 -10.19 -2.27 -4.25
N GLY A 224 -10.22 -1.46 -3.18
CA GLY A 224 -11.47 -1.18 -2.51
C GLY A 224 -11.29 -0.09 -1.48
N MET A 225 -12.34 0.09 -0.67
CA MET A 225 -12.33 1.14 0.36
C MET A 225 -11.26 0.86 1.40
N ASP A 226 -10.51 1.91 1.77
CA ASP A 226 -9.42 1.76 2.72
C ASP A 226 -9.94 1.30 4.08
N SER A 227 -11.02 1.92 4.56
CA SER A 227 -11.50 1.61 5.90
C SER A 227 -12.09 0.21 6.00
N THR A 228 -12.70 -0.28 4.92
CA THR A 228 -13.33 -1.60 4.94
C THR A 228 -12.41 -2.69 4.38
N VAL A 229 -11.95 -2.54 3.14
CA VAL A 229 -11.11 -3.56 2.53
C VAL A 229 -9.72 -3.56 3.15
N GLY A 230 -9.15 -2.37 3.37
CA GLY A 230 -7.81 -2.31 3.93
C GLY A 230 -7.75 -2.84 5.35
N ASP A 231 -8.73 -2.48 6.18
CA ASP A 231 -8.74 -2.99 7.55
C ASP A 231 -9.03 -4.48 7.60
N ALA A 232 -9.83 -4.98 6.66
CA ALA A 232 -10.14 -6.41 6.64
C ALA A 232 -8.92 -7.24 6.27
N ILE A 233 -8.00 -6.68 5.49
CA ILE A 233 -6.76 -7.39 5.19
C ILE A 233 -5.82 -7.34 6.39
N SER A 234 -5.66 -6.17 7.03
CA SER A 234 -4.75 -6.07 8.17
C SER A 234 -5.25 -6.87 9.36
N ALA A 235 -6.56 -6.81 9.65
CA ALA A 235 -7.10 -7.45 10.84
C ALA A 235 -7.27 -8.96 10.68
N SER A 236 -7.17 -9.48 9.46
CA SER A 236 -7.24 -10.92 9.25
C SER A 236 -6.02 -11.60 9.88
N THR A 237 -6.22 -12.81 10.39
CA THR A 237 -5.12 -13.54 11.01
C THR A 237 -4.32 -14.36 10.00
N ILE A 238 -4.72 -14.37 8.73
CA ILE A 238 -4.05 -15.14 7.69
C ILE A 238 -2.69 -14.53 7.31
N PRO A 239 -2.58 -13.22 7.06
CA PRO A 239 -1.29 -12.69 6.60
C PRO A 239 -0.19 -12.81 7.65
N SER A 240 0.96 -13.33 7.22
CA SER A 240 2.16 -13.34 8.04
C SER A 240 2.99 -12.08 7.86
N VAL A 241 2.82 -11.39 6.74
CA VAL A 241 3.59 -10.20 6.39
C VAL A 241 2.61 -9.12 5.94
N LEU A 242 2.71 -7.94 6.54
CA LEU A 242 1.97 -6.76 6.09
C LEU A 242 2.99 -5.74 5.62
N THR A 243 2.93 -5.36 4.34
CA THR A 243 3.86 -4.38 3.81
C THR A 243 3.08 -3.22 3.19
N LEU A 244 3.67 -2.04 3.27
CA LEU A 244 2.95 -0.83 2.92
C LEU A 244 3.93 0.22 2.39
N ILE A 245 3.50 0.91 1.34
CA ILE A 245 4.16 2.12 0.87
C ILE A 245 3.11 3.22 0.93
N GLY A 246 3.32 4.20 1.81
CA GLY A 246 2.31 5.21 2.02
C GLY A 246 2.65 6.26 3.06
N SER A 247 1.64 6.82 3.72
CA SER A 247 1.90 7.88 4.68
C SER A 247 2.26 7.28 6.04
N THR A 248 2.92 8.12 6.86
CA THR A 248 3.27 7.69 8.21
C THR A 248 2.03 7.40 9.04
N ASN A 249 0.97 8.20 8.89
CA ASN A 249 -0.25 7.96 9.66
C ASN A 249 -0.90 6.65 9.26
N VAL A 250 -0.87 6.30 7.97
CA VAL A 250 -1.44 5.03 7.55
C VAL A 250 -0.60 3.87 8.09
N GLY A 251 0.71 4.05 8.15
CA GLY A 251 1.58 3.04 8.73
C GLY A 251 1.25 2.74 10.18
N LYS A 252 1.04 3.80 10.97
CA LYS A 252 0.65 3.59 12.36
C LYS A 252 -0.73 2.94 12.45
N HIS A 253 -1.62 3.25 11.51
CA HIS A 253 -2.94 2.62 11.51
C HIS A 253 -2.85 1.14 11.18
N VAL A 254 -1.97 0.76 10.25
CA VAL A 254 -1.84 -0.63 9.84
C VAL A 254 -1.22 -1.46 10.96
N ILE A 255 -0.23 -0.90 11.65
CA ILE A 255 0.41 -1.61 12.75
C ILE A 255 -0.62 -1.98 13.81
N ALA A 256 -1.41 -1.00 14.26
CA ALA A 256 -2.40 -1.24 15.32
C ALA A 256 -3.50 -2.17 14.84
N THR A 257 -3.97 -1.98 13.61
CA THR A 257 -5.08 -2.79 13.10
C THR A 257 -4.67 -4.25 12.90
N GLY A 258 -3.43 -4.48 12.48
CA GLY A 258 -2.93 -5.82 12.28
C GLY A 258 -2.56 -6.59 13.54
N ALA A 259 -2.70 -5.96 14.71
CA ALA A 259 -2.33 -6.58 15.99
C ALA A 259 -3.26 -7.71 16.40
N THR A 260 -4.27 -8.05 15.58
CA THR A 260 -5.10 -9.22 15.85
C THR A 260 -4.29 -10.51 15.82
N SER A 261 -3.11 -10.50 15.22
CA SER A 261 -2.20 -11.63 15.27
C SER A 261 -0.78 -11.08 15.20
N ILE A 262 0.19 -11.98 15.32
CA ILE A 262 1.59 -11.61 15.20
C ILE A 262 1.95 -11.60 13.72
N LYS A 263 2.37 -10.43 13.24
CA LYS A 263 2.69 -10.24 11.84
C LYS A 263 4.02 -9.51 11.70
N ARG A 264 4.70 -9.76 10.57
N ARG A 264 4.69 -9.75 10.57
CA ARG A 264 5.87 -9.00 10.19
CA ARG A 264 5.88 -9.00 10.18
C ARG A 264 5.42 -7.73 9.49
C ARG A 264 5.45 -7.73 9.45
N TYR A 265 6.04 -6.60 9.83
CA TYR A 265 5.72 -5.31 9.23
C TYR A 265 6.95 -4.77 8.49
N SER A 266 6.71 -4.26 7.28
CA SER A 266 7.75 -3.57 6.52
C SER A 266 7.10 -2.40 5.81
N MET A 267 7.64 -1.20 6.00
CA MET A 267 6.97 0.00 5.55
C MET A 267 7.98 1.01 5.03
N GLU A 268 7.56 1.72 3.98
CA GLU A 268 8.23 2.90 3.45
C GLU A 268 7.23 4.04 3.55
N LEU A 269 7.50 5.01 4.42
CA LEU A 269 6.56 6.06 4.76
C LEU A 269 7.05 7.41 4.24
N GLY A 270 6.70 8.50 4.92
CA GLY A 270 7.05 9.82 4.44
C GLY A 270 8.51 10.17 4.67
N GLY A 271 9.01 11.09 3.83
CA GLY A 271 10.37 11.57 3.96
C GLY A 271 10.39 13.09 4.07
N ASN A 272 11.58 13.62 4.40
CA ASN A 272 11.85 15.05 4.46
C ASN A 272 13.35 15.20 4.18
N ALA A 273 13.72 14.88 2.94
CA ALA A 273 15.12 14.77 2.57
C ALA A 273 15.79 16.15 2.57
N PRO A 274 16.88 16.32 3.29
CA PRO A 274 17.65 17.56 3.16
C PRO A 274 18.66 17.47 2.03
N ALA A 275 18.74 18.53 1.22
CA ALA A 275 19.72 18.64 0.15
C ALA A 275 20.62 19.81 0.49
N ILE A 276 21.89 19.52 0.74
CA ILE A 276 22.86 20.52 1.22
C ILE A 276 23.77 20.88 0.04
N VAL A 277 23.66 22.14 -0.41
CA VAL A 277 24.50 22.66 -1.48
C VAL A 277 25.53 23.57 -0.81
N CYS A 278 26.75 23.07 -0.62
CA CYS A 278 27.80 23.79 0.08
C CYS A 278 28.41 24.86 -0.83
N SER A 279 29.48 25.49 -0.35
CA SER A 279 30.13 26.58 -1.08
C SER A 279 31.05 26.07 -2.18
N ASP A 280 31.69 24.91 -1.96
CA ASP A 280 32.65 24.36 -2.92
C ASP A 280 32.00 23.31 -3.83
N ALA A 281 30.69 23.32 -3.96
CA ALA A 281 29.97 22.33 -4.74
C ALA A 281 29.95 22.67 -6.22
N ASN A 282 29.90 21.64 -7.05
CA ASN A 282 29.61 21.78 -8.48
C ASN A 282 28.16 22.20 -8.62
N LEU A 283 27.93 23.50 -8.82
CA LEU A 283 26.57 24.02 -8.81
C LEU A 283 25.78 23.59 -10.04
N ASP A 284 26.44 23.39 -11.18
CA ASP A 284 25.74 22.89 -12.36
C ASP A 284 25.19 21.50 -12.11
N ASN A 285 26.03 20.62 -11.56
CA ASN A 285 25.61 19.25 -11.27
C ASN A 285 24.55 19.20 -10.18
N ALA A 286 24.71 20.04 -9.15
CA ALA A 286 23.73 20.05 -8.06
C ALA A 286 22.36 20.53 -8.55
N ALA A 287 22.33 21.52 -9.45
CA ALA A 287 21.06 22.01 -9.96
C ALA A 287 20.41 20.99 -10.89
N ASP A 288 21.20 20.24 -11.65
CA ASP A 288 20.65 19.21 -12.53
C ASP A 288 19.99 18.09 -11.71
N VAL A 289 20.71 17.55 -10.74
CA VAL A 289 20.19 16.45 -9.94
C VAL A 289 18.94 16.88 -9.17
N ILE A 290 19.02 18.02 -8.46
CA ILE A 290 17.94 18.45 -7.59
C ILE A 290 16.68 18.74 -8.40
N CYS A 291 16.80 19.59 -9.44
CA CYS A 291 15.65 19.91 -10.26
C CYS A 291 15.11 18.69 -10.99
N GLY A 292 15.99 17.80 -11.44
CA GLY A 292 15.53 16.62 -12.16
C GLY A 292 14.58 15.76 -11.35
N VAL A 293 14.98 15.44 -10.11
CA VAL A 293 14.14 14.58 -9.28
C VAL A 293 13.00 15.36 -8.63
N LYS A 294 13.17 16.66 -8.43
CA LYS A 294 12.09 17.47 -7.86
C LYS A 294 10.97 17.74 -8.87
N PHE A 295 11.21 17.55 -10.16
CA PHE A 295 10.18 17.80 -11.15
C PHE A 295 9.70 16.54 -11.86
N ALA A 296 10.46 15.45 -11.80
CA ALA A 296 9.95 14.17 -12.27
C ALA A 296 8.80 13.71 -11.39
N ASN A 297 7.76 13.17 -12.02
CA ASN A 297 6.55 12.71 -11.32
C ASN A 297 5.90 13.83 -10.51
N ALA A 298 6.10 15.07 -10.94
CA ALA A 298 5.60 16.26 -10.25
C ALA A 298 6.08 16.32 -8.80
N GLY A 299 7.32 15.88 -8.57
CA GLY A 299 7.88 15.87 -7.23
C GLY A 299 7.27 14.88 -6.28
N GLN A 300 6.34 14.04 -6.75
CA GLN A 300 5.67 13.05 -5.91
C GLN A 300 6.55 11.81 -5.75
N ILE A 301 7.71 12.01 -5.12
CA ILE A 301 8.74 10.99 -4.98
C ILE A 301 9.22 10.97 -3.53
N CYS A 302 9.28 9.78 -2.95
CA CYS A 302 9.62 9.65 -1.54
C CYS A 302 11.04 10.14 -1.24
N VAL A 303 11.96 10.02 -2.20
CA VAL A 303 13.36 10.36 -1.99
C VAL A 303 13.71 11.73 -2.56
N THR A 304 12.73 12.51 -2.99
CA THR A 304 13.04 13.82 -3.55
C THR A 304 13.41 14.79 -2.42
N PRO A 305 14.32 15.73 -2.69
CA PRO A 305 14.66 16.74 -1.69
C PRO A 305 13.41 17.52 -1.26
N ASN A 306 13.25 17.65 0.05
CA ASN A 306 12.17 18.44 0.62
C ASN A 306 12.63 19.80 1.10
N ARG A 307 13.85 19.89 1.63
CA ARG A 307 14.46 21.15 2.06
C ARG A 307 15.80 21.27 1.36
N VAL A 308 16.00 22.37 0.63
CA VAL A 308 17.22 22.60 -0.12
C VAL A 308 18.04 23.66 0.61
N PHE A 309 19.17 23.24 1.17
CA PHE A 309 20.06 24.14 1.90
C PHE A 309 21.20 24.57 0.97
N VAL A 310 21.35 25.88 0.80
CA VAL A 310 22.37 26.46 -0.07
C VAL A 310 23.21 27.44 0.72
N HIS A 311 24.53 27.36 0.55
CA HIS A 311 25.43 28.28 1.23
C HIS A 311 25.31 29.68 0.64
N GLU A 312 25.69 30.68 1.44
CA GLU A 312 25.56 32.08 1.01
C GLU A 312 26.46 32.40 -0.16
N SER A 313 27.67 31.82 -0.19
CA SER A 313 28.64 32.13 -1.24
C SER A 313 28.16 31.70 -2.62
N VAL A 314 27.23 30.76 -2.71
CA VAL A 314 26.78 30.23 -3.99
C VAL A 314 25.27 30.32 -4.09
N ALA A 315 24.65 31.11 -3.21
CA ALA A 315 23.20 31.17 -3.13
C ALA A 315 22.58 31.70 -4.42
N ASP A 316 22.89 32.94 -4.78
CA ASP A 316 22.24 33.55 -5.94
C ASP A 316 22.68 32.95 -7.26
N GLU A 317 23.87 32.34 -7.32
CA GLU A 317 24.26 31.64 -8.54
C GLU A 317 23.50 30.33 -8.68
N PHE A 318 23.26 29.64 -7.55
CA PHE A 318 22.52 28.38 -7.60
C PHE A 318 21.04 28.64 -7.83
N ILE A 319 20.48 29.69 -7.22
CA ILE A 319 19.08 30.02 -7.45
C ILE A 319 18.83 30.35 -8.92
N GLU A 320 19.77 31.04 -9.55
CA GLU A 320 19.62 31.37 -10.97
C GLU A 320 19.65 30.12 -11.83
N LYS A 321 20.59 29.21 -11.57
CA LYS A 321 20.66 27.96 -12.33
C LYS A 321 19.42 27.11 -12.11
N VAL A 322 18.89 27.10 -10.88
CA VAL A 322 17.65 26.38 -10.62
C VAL A 322 16.49 27.01 -11.37
N LEU A 323 16.46 28.34 -11.44
CA LEU A 323 15.40 29.02 -12.18
C LEU A 323 15.43 28.67 -13.66
N THR A 324 16.62 28.47 -14.22
CA THR A 324 16.72 28.14 -15.64
C THR A 324 16.12 26.78 -15.95
N ARG A 325 16.51 25.75 -15.20
CA ARG A 325 16.01 24.41 -15.46
C ARG A 325 14.52 24.31 -15.16
N ALA A 326 14.04 25.01 -14.13
CA ALA A 326 12.63 24.96 -13.79
C ALA A 326 11.77 25.64 -14.85
N LYS A 327 12.34 26.60 -15.59
CA LYS A 327 11.61 27.22 -16.69
C LYS A 327 11.50 26.30 -17.89
N ALA A 328 12.48 25.41 -18.08
CA ALA A 328 12.50 24.51 -19.23
C ALA A 328 11.60 23.29 -19.04
N VAL A 329 10.95 23.14 -17.89
CA VAL A 329 10.09 21.99 -17.63
C VAL A 329 8.88 22.06 -18.55
N LYS A 330 8.72 21.04 -19.40
CA LYS A 330 7.56 20.94 -20.28
C LYS A 330 6.42 20.26 -19.51
N VAL A 331 5.38 21.02 -19.19
CA VAL A 331 4.25 20.54 -18.41
C VAL A 331 3.07 20.32 -19.34
N GLY A 332 2.39 19.18 -19.18
CA GLY A 332 1.23 18.89 -20.01
C GLY A 332 0.80 17.46 -19.85
N PHE A 333 -0.03 17.01 -20.80
CA PHE A 333 -0.52 15.63 -20.82
C PHE A 333 -0.76 15.25 -22.28
N ASP A 334 0.25 14.60 -22.88
CA ASP A 334 0.19 14.20 -24.28
C ASP A 334 1.14 13.04 -24.50
N LYS A 335 0.59 11.89 -24.86
CA LYS A 335 1.38 10.68 -25.07
C LYS A 335 2.43 10.87 -26.17
N ASN A 336 2.15 11.71 -27.17
CA ASN A 336 3.04 11.88 -28.31
C ASN A 336 3.97 13.09 -28.18
N GLU A 337 3.94 13.80 -27.06
CA GLU A 337 4.82 14.93 -26.84
C GLU A 337 5.82 14.58 -25.73
N ALA A 338 6.99 15.20 -25.81
CA ALA A 338 8.05 14.99 -24.82
C ALA A 338 7.72 15.78 -23.55
N ILE A 339 6.71 15.28 -22.83
CA ILE A 339 6.24 15.92 -21.61
C ILE A 339 7.17 15.54 -20.46
N ASP A 340 7.60 16.53 -19.69
CA ASP A 340 8.47 16.30 -18.54
C ASP A 340 7.68 16.05 -17.26
N MET A 341 6.54 16.72 -17.09
CA MET A 341 5.85 16.72 -15.81
C MET A 341 4.34 16.84 -16.04
N GLY A 342 3.58 15.96 -15.40
CA GLY A 342 2.14 16.03 -15.44
C GLY A 342 1.58 16.75 -14.23
N PRO A 343 0.29 16.58 -13.97
CA PRO A 343 -0.33 17.18 -12.79
C PRO A 343 0.00 16.38 -11.53
N VAL A 344 -0.55 16.83 -10.41
CA VAL A 344 -0.49 16.04 -9.17
C VAL A 344 -1.70 15.12 -9.15
N MET A 345 -1.81 14.29 -8.11
CA MET A 345 -2.71 13.14 -8.14
C MET A 345 -4.17 13.56 -8.12
N ASP A 346 -4.55 14.47 -7.22
CA ASP A 346 -5.95 14.82 -7.05
C ASP A 346 -6.07 16.22 -6.46
N ALA A 347 -7.31 16.64 -6.20
CA ALA A 347 -7.57 17.96 -5.65
C ALA A 347 -7.02 18.11 -4.24
N ASN A 348 -7.07 17.04 -3.44
CA ASN A 348 -6.53 17.09 -2.09
C ASN A 348 -5.05 17.44 -2.11
N SER A 349 -4.27 16.79 -3.00
CA SER A 349 -2.85 17.06 -3.09
C SER A 349 -2.58 18.48 -3.58
N TRP A 350 -3.34 18.92 -4.59
CA TRP A 350 -3.16 20.27 -5.11
C TRP A 350 -3.39 21.31 -4.01
N GLN A 351 -4.52 21.22 -3.31
CA GLN A 351 -4.82 22.18 -2.26
C GLN A 351 -3.80 22.09 -1.13
N ARG A 352 -3.37 20.87 -0.78
CA ARG A 352 -2.38 20.71 0.27
C ARG A 352 -1.06 21.37 -0.10
N ILE A 353 -0.61 21.21 -1.35
CA ILE A 353 0.63 21.83 -1.79
C ILE A 353 0.49 23.34 -1.86
N ASP A 354 -0.65 23.84 -2.34
CA ASP A 354 -0.84 25.27 -2.47
C ASP A 354 -0.85 25.97 -1.13
N GLU A 355 -1.49 25.36 -0.12
CA GLU A 355 -1.49 25.96 1.21
C GLU A 355 -0.12 25.95 1.87
N LEU A 356 0.77 25.04 1.46
CA LEU A 356 2.13 25.07 1.99
C LEU A 356 2.91 26.24 1.41
N VAL A 357 2.68 26.56 0.14
CA VAL A 357 3.41 27.67 -0.49
C VAL A 357 2.90 29.00 0.03
N LYS A 358 1.57 29.15 0.15
CA LYS A 358 1.01 30.42 0.59
C LYS A 358 1.22 30.64 2.09
N ASP A 359 1.34 29.57 2.87
CA ASP A 359 1.72 29.73 4.27
C ASP A 359 3.19 30.16 4.40
N ALA A 360 4.04 29.67 3.51
CA ALA A 360 5.44 30.10 3.53
C ALA A 360 5.56 31.56 3.12
N GLN A 361 4.81 31.97 2.08
CA GLN A 361 4.81 33.37 1.68
C GLN A 361 4.33 34.28 2.80
N GLN A 362 3.29 33.85 3.52
CA GLN A 362 2.74 34.66 4.61
C GLN A 362 3.70 34.81 5.78
N ASN A 363 4.77 34.01 5.84
CA ASN A 363 5.77 34.13 6.89
C ASN A 363 7.12 34.60 6.36
N GLY A 364 7.19 35.04 5.11
CA GLY A 364 8.39 35.70 4.62
C GLY A 364 9.15 35.00 3.52
N ALA A 365 8.56 33.96 2.92
CA ALA A 365 9.21 33.29 1.81
C ALA A 365 8.98 34.06 0.51
N GLN A 366 10.02 34.16 -0.30
CA GLN A 366 9.98 34.92 -1.55
C GLN A 366 9.68 33.95 -2.69
N LEU A 367 8.44 33.99 -3.17
CA LEU A 367 8.04 33.19 -4.32
C LEU A 367 8.73 33.73 -5.58
N GLN A 368 9.48 32.86 -6.26
CA GLN A 368 10.21 33.25 -7.46
C GLN A 368 9.63 32.70 -8.74
N LEU A 369 8.98 31.54 -8.69
CA LEU A 369 8.46 30.91 -9.90
C LEU A 369 7.27 30.04 -9.54
N GLY A 370 6.26 30.02 -10.42
CA GLY A 370 5.15 29.10 -10.25
C GLY A 370 4.26 29.48 -9.08
N GLY A 371 3.85 28.46 -8.31
CA GLY A 371 2.97 28.69 -7.19
C GLY A 371 1.51 28.86 -7.57
N LYS A 372 1.10 28.28 -8.69
CA LYS A 372 -0.23 28.51 -9.23
C LYS A 372 -0.50 27.44 -10.28
N LYS A 373 -1.79 27.30 -10.63
CA LYS A 373 -2.17 26.45 -11.74
C LYS A 373 -1.87 27.16 -13.06
N PRO A 374 -1.34 26.45 -14.05
CA PRO A 374 -1.05 27.09 -15.35
C PRO A 374 -2.30 27.67 -15.98
N THR A 375 -2.08 28.62 -16.89
CA THR A 375 -3.17 29.38 -17.49
C THR A 375 -4.13 28.49 -18.26
N GLY A 376 -5.42 28.63 -17.95
CA GLY A 376 -6.48 27.91 -18.63
C GLY A 376 -6.23 26.42 -18.82
N VAL A 377 -6.06 25.68 -17.73
CA VAL A 377 -5.80 24.25 -17.79
C VAL A 377 -6.90 23.44 -17.10
N ASN A 378 -7.37 23.91 -15.94
CA ASN A 378 -8.45 23.30 -15.18
C ASN A 378 -8.09 21.93 -14.58
N GLY A 379 -7.09 21.27 -15.13
CA GLY A 379 -6.60 20.04 -14.53
C GLY A 379 -5.83 20.30 -13.25
N TYR A 380 -5.45 19.22 -12.58
CA TYR A 380 -4.77 19.32 -11.29
C TYR A 380 -3.29 19.70 -11.43
N PHE A 381 -2.97 20.60 -12.36
CA PHE A 381 -1.59 20.96 -12.61
C PHE A 381 -1.11 22.01 -11.61
N TYR A 382 0.13 21.83 -11.14
CA TYR A 382 0.81 22.83 -10.33
C TYR A 382 2.12 23.17 -11.01
N GLU A 383 2.33 24.45 -11.29
CA GLU A 383 3.52 24.86 -12.03
C GLU A 383 4.79 24.54 -11.24
N PRO A 384 5.90 24.30 -11.93
CA PRO A 384 7.19 24.15 -11.24
C PRO A 384 7.46 25.38 -10.38
N THR A 385 7.58 25.16 -9.08
CA THR A 385 7.61 26.24 -8.10
C THR A 385 8.96 26.29 -7.40
N VAL A 386 9.47 27.51 -7.21
CA VAL A 386 10.75 27.74 -6.55
C VAL A 386 10.52 28.78 -5.46
N LEU A 387 10.83 28.42 -4.21
CA LEU A 387 10.69 29.30 -3.06
C LEU A 387 12.06 29.60 -2.47
N THR A 388 12.24 30.85 -2.04
CA THR A 388 13.44 31.27 -1.34
C THR A 388 13.04 31.90 -0.01
N ASN A 389 14.06 32.22 0.79
CA ASN A 389 13.86 32.80 2.12
C ASN A 389 12.96 31.92 3.00
N VAL A 390 13.10 30.61 2.85
CA VAL A 390 12.39 29.64 3.69
C VAL A 390 13.23 29.39 4.93
N ASP A 391 12.56 29.25 6.08
CA ASP A 391 13.24 28.99 7.34
C ASP A 391 12.49 27.89 8.09
N SER A 392 13.06 27.48 9.23
CA SER A 392 12.54 26.35 9.99
C SER A 392 11.16 26.60 10.59
N SER A 393 10.69 27.85 10.65
CA SER A 393 9.37 28.09 11.20
C SER A 393 8.26 27.57 10.30
N MET A 394 8.48 27.54 8.99
CA MET A 394 7.39 27.34 8.04
C MET A 394 6.94 25.89 7.98
N LYS A 395 5.63 25.69 7.73
CA LYS A 395 5.10 24.35 7.59
C LYS A 395 5.72 23.62 6.39
N ILE A 396 6.04 24.35 5.33
CA ILE A 396 6.69 23.71 4.17
C ILE A 396 8.06 23.18 4.53
N TYR A 397 8.65 23.66 5.63
CA TYR A 397 9.93 23.13 6.09
C TYR A 397 9.74 21.86 6.91
N LYS A 398 8.69 21.81 7.73
CA LYS A 398 8.48 20.67 8.63
C LYS A 398 7.80 19.51 7.91
N ASP A 399 6.85 19.79 7.03
CA ASP A 399 6.01 18.77 6.42
C ASP A 399 6.52 18.40 5.04
N GLU A 400 6.21 17.16 4.63
CA GLU A 400 6.63 16.65 3.32
C GLU A 400 5.82 17.36 2.23
N ILE A 401 6.52 18.01 1.30
CA ILE A 401 5.83 18.71 0.22
C ILE A 401 5.13 17.72 -0.70
N PHE A 402 5.89 16.75 -1.24
CA PHE A 402 5.39 15.77 -2.20
C PHE A 402 4.74 16.47 -3.39
N GLY A 403 5.46 17.44 -3.93
CA GLY A 403 5.00 18.23 -5.05
C GLY A 403 6.14 18.93 -5.76
N PRO A 404 5.83 19.64 -6.84
CA PRO A 404 6.87 20.28 -7.66
C PRO A 404 7.31 21.62 -7.10
N VAL A 405 7.75 21.63 -5.84
CA VAL A 405 8.12 22.84 -5.14
C VAL A 405 9.54 22.68 -4.61
N ILE A 406 10.41 23.64 -4.91
CA ILE A 406 11.77 23.67 -4.41
C ILE A 406 11.86 24.79 -3.37
N SER A 407 11.98 24.40 -2.09
CA SER A 407 12.09 25.33 -0.98
C SER A 407 13.56 25.46 -0.59
N ILE A 408 14.12 26.66 -0.76
CA ILE A 408 15.54 26.90 -0.56
C ILE A 408 15.76 27.62 0.76
N ILE A 409 16.72 27.13 1.54
CA ILE A 409 17.10 27.73 2.81
C ILE A 409 18.58 28.07 2.75
N ILE A 410 18.92 29.30 3.10
CA ILE A 410 20.30 29.77 3.05
C ILE A 410 20.97 29.49 4.40
N PHE A 411 22.17 28.93 4.36
CA PHE A 411 22.95 28.66 5.56
C PHE A 411 24.37 29.21 5.36
N SER A 412 25.19 29.09 6.40
CA SER A 412 26.56 29.59 6.33
C SER A 412 27.55 28.60 6.94
N ASP A 413 27.19 27.98 8.06
CA ASP A 413 28.08 27.06 8.76
C ASP A 413 27.64 25.62 8.53
N ASN A 414 28.62 24.74 8.32
CA ASN A 414 28.32 23.34 8.05
C ASN A 414 27.71 22.66 9.26
N GLU A 415 28.28 22.88 10.44
CA GLU A 415 27.77 22.22 11.64
C GLU A 415 26.35 22.65 11.97
N GLN A 416 26.00 23.91 11.69
CA GLN A 416 24.65 24.37 11.99
C GLN A 416 23.62 23.77 11.04
N VAL A 417 23.94 23.71 9.74
CA VAL A 417 22.99 23.16 8.79
C VAL A 417 22.87 21.65 8.92
N LEU A 418 23.90 20.97 9.43
CA LEU A 418 23.75 19.55 9.73
C LEU A 418 22.75 19.33 10.85
N SER A 419 22.79 20.19 11.88
CA SER A 419 21.78 20.15 12.93
C SER A 419 20.39 20.44 12.36
N ASP A 420 20.30 21.38 11.42
CA ASP A 420 19.01 21.67 10.80
C ASP A 420 18.56 20.51 9.91
N ALA A 421 19.49 19.86 9.21
CA ALA A 421 19.12 18.75 8.32
C ALA A 421 18.53 17.59 9.11
N ASN A 422 19.12 17.26 10.27
CA ASN A 422 18.62 16.17 11.10
C ASN A 422 17.44 16.58 11.97
N ASP A 423 16.99 17.83 11.89
CA ASP A 423 15.87 18.30 12.69
C ASP A 423 14.54 17.87 12.07
N THR A 424 14.37 16.55 11.99
CA THR A 424 13.15 15.95 11.46
C THR A 424 13.06 14.52 11.95
N ASP A 425 11.83 14.03 12.07
CA ASP A 425 11.61 12.63 12.39
C ASP A 425 11.67 11.72 11.17
N ALA A 426 11.81 12.30 9.97
CA ALA A 426 11.97 11.50 8.77
C ALA A 426 13.39 10.97 8.69
N GLY A 427 13.57 9.90 7.92
CA GLY A 427 14.87 9.30 7.77
C GLY A 427 15.02 8.48 6.51
N LEU A 428 14.51 9.00 5.39
CA LEU A 428 14.64 8.31 4.11
C LEU A 428 15.96 8.68 3.45
N SER A 429 15.94 9.64 2.54
CA SER A 429 17.12 10.01 1.76
C SER A 429 17.65 11.36 2.22
N SER A 430 18.88 11.66 1.78
CA SER A 430 19.53 12.93 2.05
C SER A 430 20.55 13.18 0.95
N PHE A 431 20.91 14.45 0.77
CA PHE A 431 21.76 14.87 -0.34
C PHE A 431 22.84 15.83 0.14
N ILE A 432 24.08 15.55 -0.24
CA ILE A 432 25.21 16.42 0.06
C ILE A 432 25.94 16.71 -1.24
N PHE A 433 26.13 18.00 -1.55
CA PHE A 433 26.84 18.43 -2.75
C PHE A 433 28.07 19.21 -2.31
N SER A 434 29.25 18.65 -2.59
CA SER A 434 30.50 19.24 -2.16
C SER A 434 31.65 18.59 -2.91
N SER A 435 32.75 19.33 -3.05
CA SER A 435 33.98 18.82 -3.63
C SER A 435 35.07 18.58 -2.59
N ASN A 436 34.83 18.93 -1.33
CA ASN A 436 35.79 18.70 -0.27
C ASN A 436 35.62 17.29 0.29
N GLU A 437 36.71 16.53 0.34
CA GLU A 437 36.63 15.15 0.82
C GLU A 437 36.30 15.08 2.30
N ASP A 438 36.67 16.10 3.08
CA ASP A 438 36.34 16.10 4.50
C ASP A 438 34.90 16.55 4.74
N THR A 439 34.38 17.45 3.91
CA THR A 439 32.97 17.81 3.99
C THR A 439 32.08 16.63 3.59
N ILE A 440 32.52 15.82 2.62
CA ILE A 440 31.75 14.65 2.21
C ILE A 440 31.71 13.61 3.33
N SER A 441 32.86 13.31 3.93
CA SER A 441 32.90 12.31 4.99
C SER A 441 32.20 12.80 6.26
N TYR A 442 32.25 14.11 6.53
CA TYR A 442 31.59 14.64 7.72
C TYR A 442 30.08 14.50 7.61
N PHE A 443 29.51 14.83 6.45
CA PHE A 443 28.07 14.76 6.30
C PHE A 443 27.58 13.33 6.11
N ALA A 444 28.32 12.51 5.35
CA ALA A 444 27.92 11.13 5.13
C ALA A 444 27.85 10.33 6.43
N LYS A 445 28.58 10.75 7.47
CA LYS A 445 28.59 10.02 8.73
C LYS A 445 27.49 10.50 9.68
N HIS A 446 27.29 11.82 9.77
CA HIS A 446 26.39 12.38 10.79
C HIS A 446 24.98 12.61 10.29
N LEU A 447 24.71 12.41 9.01
CA LEU A 447 23.35 12.52 8.49
C LEU A 447 22.57 11.28 8.92
N ARG A 448 21.56 11.47 9.76
CA ARG A 448 20.74 10.36 10.26
C ARG A 448 19.60 10.10 9.28
N PHE A 449 19.98 9.51 8.15
CA PHE A 449 19.04 9.11 7.11
C PHE A 449 19.47 7.77 6.54
N GLY A 450 18.51 7.03 5.98
CA GLY A 450 18.81 5.72 5.44
C GLY A 450 19.74 5.77 4.25
N GLU A 451 19.63 6.81 3.43
CA GLU A 451 20.42 6.95 2.21
C GLU A 451 21.05 8.33 2.19
N VAL A 452 22.34 8.39 1.87
CA VAL A 452 23.07 9.64 1.71
C VAL A 452 23.60 9.67 0.29
N GLN A 453 22.99 10.49 -0.56
CA GLN A 453 23.42 10.66 -1.94
C GLN A 453 24.43 11.79 -2.02
N VAL A 454 25.62 11.51 -2.54
CA VAL A 454 26.71 12.49 -2.61
C VAL A 454 26.91 12.89 -4.06
N ASN A 455 26.69 14.17 -4.35
CA ASN A 455 26.93 14.76 -5.68
C ASN A 455 26.14 14.06 -6.78
N GLY A 456 24.96 13.54 -6.45
CA GLY A 456 24.17 12.84 -7.44
C GLY A 456 23.00 12.11 -6.80
N ILE A 457 22.50 11.11 -7.53
CA ILE A 457 21.39 10.28 -7.05
C ILE A 457 21.36 9.00 -7.86
N LYS A 458 21.18 7.87 -7.16
CA LYS A 458 21.19 6.57 -7.82
C LYS A 458 20.32 5.58 -7.07
N TYR A 459 19.45 4.89 -7.81
CA TYR A 459 18.59 3.85 -7.27
C TYR A 459 18.45 2.77 -8.34
N SER A 460 18.43 1.51 -7.90
CA SER A 460 18.36 0.39 -8.83
C SER A 460 17.86 -0.84 -8.09
N ILE A 461 17.44 -1.84 -8.87
CA ILE A 461 16.86 -3.05 -8.29
C ILE A 461 17.83 -3.75 -7.36
N ASN A 462 19.14 -3.57 -7.56
CA ASN A 462 20.15 -4.23 -6.75
C ASN A 462 20.62 -3.40 -5.55
N LEU A 463 20.26 -2.11 -5.50
CA LEU A 463 20.68 -1.24 -4.40
C LEU A 463 19.59 -1.17 -3.35
N PRO A 464 19.92 -1.39 -2.08
CA PRO A 464 18.89 -1.37 -1.03
C PRO A 464 18.25 0.00 -0.89
N HIS A 465 16.92 0.00 -0.73
CA HIS A 465 16.14 1.22 -0.58
C HIS A 465 15.31 1.11 0.69
N PHE A 466 15.54 2.02 1.63
CA PHE A 466 14.96 1.86 2.96
C PHE A 466 14.96 3.20 3.69
N GLY A 467 14.18 3.25 4.77
CA GLY A 467 14.19 4.40 5.65
C GLY A 467 14.41 3.96 7.08
N ILE A 468 14.83 4.92 7.91
CA ILE A 468 14.98 4.71 9.35
C ILE A 468 14.05 5.69 10.06
N LYS A 469 14.07 5.67 11.39
CA LYS A 469 13.27 6.58 12.22
C LYS A 469 11.81 6.44 11.80
N GLN A 470 11.06 7.52 11.63
CA GLN A 470 9.63 7.44 11.37
C GLN A 470 9.29 7.23 9.89
N SER A 471 10.28 6.96 9.06
CA SER A 471 10.08 6.75 7.63
C SER A 471 9.83 5.28 7.26
N GLY A 472 10.00 4.37 8.21
CA GLY A 472 9.56 3.00 8.02
C GLY A 472 10.56 1.99 8.55
N VAL A 473 10.27 0.72 8.23
CA VAL A 473 11.12 -0.40 8.61
C VAL A 473 11.14 -1.39 7.44
N GLY A 474 12.22 -2.15 7.35
CA GLY A 474 12.41 -3.06 6.23
C GLY A 474 13.08 -2.39 5.04
N VAL A 475 13.48 -3.22 4.09
CA VAL A 475 14.27 -2.80 2.95
C VAL A 475 13.55 -3.22 1.67
N ASP A 476 13.44 -2.30 0.71
CA ASP A 476 13.01 -2.61 -0.64
C ASP A 476 14.23 -2.67 -1.55
N CYS A 477 14.14 -3.52 -2.58
CA CYS A 477 15.22 -3.77 -3.52
C CYS A 477 16.37 -4.51 -2.84
N SER A 478 17.35 -4.95 -3.63
CA SER A 478 18.53 -5.69 -3.16
C SER A 478 18.15 -7.04 -2.57
N LEU A 479 19.13 -7.80 -2.09
CA LEU A 479 18.84 -9.09 -1.50
C LEU A 479 18.14 -8.97 -0.16
N LEU A 480 18.26 -7.82 0.51
CA LEU A 480 17.64 -7.64 1.82
C LEU A 480 16.12 -7.57 1.74
N ALA A 481 15.55 -7.36 0.55
CA ALA A 481 14.09 -7.34 0.43
C ALA A 481 13.47 -8.71 0.64
N LEU A 482 14.23 -9.78 0.39
CA LEU A 482 13.76 -11.14 0.65
C LEU A 482 13.62 -11.45 2.14
N ASP A 483 14.23 -10.65 3.01
CA ASP A 483 14.24 -10.98 4.44
C ASP A 483 12.84 -11.00 5.03
N ASP A 484 11.97 -10.10 4.56
CA ASP A 484 10.62 -10.03 5.09
C ASP A 484 9.77 -11.22 4.68
N TYR A 485 10.19 -11.97 3.66
CA TYR A 485 9.41 -13.07 3.12
C TYR A 485 10.01 -14.44 3.42
N LEU A 486 11.18 -14.49 4.05
CA LEU A 486 11.85 -15.74 4.38
C LEU A 486 12.03 -15.85 5.88
N ALA A 487 11.86 -17.05 6.41
CA ALA A 487 12.04 -17.34 7.82
C ALA A 487 13.20 -18.30 8.01
N TYR A 488 14.02 -18.05 9.02
CA TYR A 488 15.15 -18.91 9.30
C TYR A 488 14.69 -20.22 9.93
N LYS A 489 15.55 -21.24 9.80
CA LYS A 489 15.35 -22.49 10.51
C LYS A 489 16.73 -23.04 10.87
N ARG A 490 16.95 -23.31 12.15
CA ARG A 490 18.16 -23.97 12.61
C ARG A 490 17.86 -25.44 12.90
N VAL A 491 18.53 -26.33 12.18
CA VAL A 491 18.51 -27.76 12.44
C VAL A 491 19.78 -28.11 13.18
N SER A 492 19.65 -28.62 14.40
CA SER A 492 20.78 -28.99 15.24
C SER A 492 20.69 -30.47 15.58
N ARG A 493 21.78 -31.20 15.35
CA ARG A 493 21.82 -32.64 15.56
C ARG A 493 22.96 -33.01 16.49
N ALA A 494 22.67 -33.92 17.43
CA ALA A 494 23.70 -34.43 18.31
C ALA A 494 24.63 -35.36 17.56
N LEU A 495 25.93 -35.08 17.62
CA LEU A 495 26.90 -35.85 16.83
C LEU A 495 27.11 -37.25 17.40
N LYS A 496 27.06 -37.39 18.73
CA LYS A 496 27.28 -38.68 19.36
C LYS A 496 26.06 -39.61 19.27
N VAL A 497 24.99 -39.16 18.62
CA VAL A 497 23.76 -39.94 18.46
C VAL A 497 23.21 -40.41 19.80
N GLY B 2 8.12 18.46 -36.83
CA GLY B 2 7.90 17.06 -37.14
C GLY B 2 7.60 16.80 -38.61
N SER B 3 7.07 15.61 -38.89
CA SER B 3 6.70 15.25 -40.26
C SER B 3 5.47 16.01 -40.76
N SER B 4 4.72 16.64 -39.84
CA SER B 4 3.49 17.38 -40.15
C SER B 4 2.40 16.49 -40.76
N HIS B 5 2.49 15.18 -40.53
CA HIS B 5 1.43 14.25 -40.88
C HIS B 5 0.48 14.19 -39.69
N HIS B 6 -0.61 14.95 -39.77
CA HIS B 6 -1.56 15.02 -38.67
C HIS B 6 -2.55 13.87 -38.73
N HIS B 7 -2.66 13.13 -37.63
CA HIS B 7 -3.53 11.98 -37.55
C HIS B 7 -4.99 12.41 -37.49
N HIS B 8 -5.89 11.46 -37.73
CA HIS B 8 -7.32 11.74 -37.72
C HIS B 8 -7.94 11.36 -36.37
N SER B 23 9.15 -12.94 -32.06
CA SER B 23 8.75 -13.48 -33.35
C SER B 23 9.32 -12.61 -34.46
N LEU B 24 10.65 -12.44 -34.41
CA LEU B 24 11.43 -11.68 -35.37
C LEU B 24 11.82 -12.50 -36.59
N SER B 25 11.21 -13.67 -36.78
CA SER B 25 11.38 -14.50 -37.96
C SER B 25 9.99 -14.61 -38.61
N LYS B 26 9.86 -14.10 -39.82
CA LYS B 26 8.56 -13.96 -40.46
C LYS B 26 8.55 -14.58 -41.84
N GLN B 27 7.41 -15.16 -42.20
CA GLN B 27 7.21 -15.86 -43.46
C GLN B 27 6.39 -15.01 -44.42
N LEU B 28 6.41 -15.42 -45.69
CA LEU B 28 5.62 -14.75 -46.71
C LEU B 28 4.13 -14.95 -46.47
N TYR B 29 3.33 -13.97 -46.87
CA TYR B 29 1.87 -14.07 -46.79
C TYR B 29 1.34 -14.09 -48.22
N ILE B 30 1.10 -15.29 -48.74
CA ILE B 30 0.67 -15.49 -50.12
C ILE B 30 -0.51 -16.45 -50.14
N GLY B 31 -1.58 -16.06 -50.83
CA GLY B 31 -2.75 -16.92 -50.94
C GLY B 31 -3.42 -17.22 -49.62
N GLY B 32 -3.44 -16.25 -48.69
CA GLY B 32 -4.07 -16.46 -47.41
C GLY B 32 -3.34 -17.38 -46.48
N LYS B 33 -2.07 -17.71 -46.76
CA LYS B 33 -1.28 -18.60 -45.93
C LYS B 33 0.09 -18.00 -45.69
N LEU B 34 0.68 -18.36 -44.56
CA LEU B 34 2.06 -18.01 -44.23
C LEU B 34 2.94 -19.17 -44.65
N ILE B 35 3.83 -18.93 -45.61
CA ILE B 35 4.66 -19.98 -46.21
C ILE B 35 6.11 -19.57 -46.16
N THR B 36 7.00 -20.58 -46.26
CA THR B 36 8.43 -20.36 -46.36
C THR B 36 8.85 -20.45 -47.82
N SER B 37 10.16 -20.32 -48.06
CA SER B 37 10.69 -20.35 -49.41
C SER B 37 12.05 -21.03 -49.38
N ASP B 38 12.78 -20.94 -50.50
CA ASP B 38 14.11 -21.53 -50.60
C ASP B 38 15.21 -20.63 -50.07
N ALA B 39 14.91 -19.37 -49.77
CA ALA B 39 15.94 -18.42 -49.34
C ALA B 39 15.41 -17.59 -48.18
N THR B 40 16.35 -17.04 -47.42
CA THR B 40 16.04 -16.11 -46.34
C THR B 40 16.80 -14.82 -46.55
N THR B 41 16.37 -13.76 -45.85
CA THR B 41 17.02 -12.47 -45.90
C THR B 41 17.22 -11.97 -44.48
N GLU B 42 18.48 -11.76 -44.09
CA GLU B 42 18.79 -11.19 -42.78
C GLU B 42 18.66 -9.67 -42.84
N ILE B 43 18.01 -9.09 -41.84
CA ILE B 43 17.75 -7.66 -41.77
C ILE B 43 18.66 -7.05 -40.72
N ILE B 44 19.48 -6.10 -41.14
CA ILE B 44 20.50 -5.48 -40.29
C ILE B 44 20.04 -4.10 -39.89
N ASN B 45 20.10 -3.81 -38.59
CA ASN B 45 19.74 -2.49 -38.10
C ASN B 45 20.81 -1.47 -38.49
N PRO B 46 20.43 -0.35 -39.13
CA PRO B 46 21.44 0.60 -39.60
C PRO B 46 22.15 1.38 -38.49
N ALA B 47 21.68 1.31 -37.25
CA ALA B 47 22.35 2.01 -36.17
C ALA B 47 23.36 1.11 -35.45
N THR B 48 22.95 -0.09 -35.08
CA THR B 48 23.80 -1.02 -34.34
C THR B 48 24.54 -2.00 -35.24
N LEU B 49 24.19 -2.07 -36.53
CA LEU B 49 24.81 -2.99 -37.48
C LEU B 49 24.69 -4.45 -37.04
N GLU B 50 23.69 -4.75 -36.20
CA GLU B 50 23.42 -6.09 -35.74
C GLU B 50 22.18 -6.64 -36.45
N ILE B 51 22.12 -7.96 -36.56
CA ILE B 51 20.96 -8.63 -37.15
C ILE B 51 19.79 -8.51 -36.20
N VAL B 52 18.67 -7.98 -36.69
CA VAL B 52 17.46 -7.82 -35.88
C VAL B 52 16.35 -8.77 -36.27
N GLY B 53 16.52 -9.55 -37.33
CA GLY B 53 15.48 -10.48 -37.74
C GLY B 53 15.77 -11.03 -39.12
N GLU B 54 14.86 -11.89 -39.57
CA GLU B 54 14.99 -12.49 -40.89
C GLU B 54 13.60 -12.77 -41.44
N ILE B 55 13.49 -12.75 -42.76
CA ILE B 55 12.24 -13.01 -43.47
C ILE B 55 12.49 -14.13 -44.47
N SER B 56 11.41 -14.86 -44.77
CA SER B 56 11.41 -15.74 -45.93
C SER B 56 11.44 -14.91 -47.19
N ALA B 57 12.49 -15.08 -48.00
CA ALA B 57 12.66 -14.26 -49.19
C ALA B 57 11.93 -14.88 -50.38
N ALA B 58 11.23 -14.04 -51.13
CA ALA B 58 10.49 -14.51 -52.30
C ALA B 58 11.39 -14.61 -53.51
N GLY B 59 11.17 -15.66 -54.31
CA GLY B 59 11.75 -15.78 -55.62
C GLY B 59 10.72 -15.51 -56.71
N ILE B 60 11.13 -15.80 -57.94
CA ILE B 60 10.23 -15.62 -59.08
C ILE B 60 9.03 -16.54 -58.94
N ASN B 61 9.25 -17.77 -58.46
CA ASN B 61 8.14 -18.70 -58.26
C ASN B 61 7.15 -18.17 -57.23
N GLU B 62 7.64 -17.53 -56.17
CA GLU B 62 6.74 -16.95 -55.18
C GLU B 62 6.01 -15.72 -55.71
N ALA B 63 6.70 -14.92 -56.54
CA ALA B 63 6.02 -13.80 -57.17
C ALA B 63 4.88 -14.27 -58.06
N ASN B 64 5.11 -15.31 -58.86
CA ASN B 64 4.04 -15.84 -59.71
C ASN B 64 2.91 -16.42 -58.87
N MET B 65 3.22 -17.05 -57.73
CA MET B 65 2.17 -17.57 -56.86
C MET B 65 1.28 -16.44 -56.35
N ALA B 66 1.89 -15.35 -55.89
CA ALA B 66 1.12 -14.21 -55.38
C ALA B 66 0.27 -13.59 -56.48
N LEU B 67 0.82 -13.46 -57.69
CA LEU B 67 0.06 -12.88 -58.79
C LEU B 67 -1.12 -13.75 -59.18
N GLU B 68 -0.90 -15.06 -59.30
CA GLU B 68 -2.00 -15.96 -59.68
C GLU B 68 -3.04 -16.06 -58.57
N SER B 69 -2.62 -15.97 -57.31
CA SER B 69 -3.59 -15.98 -56.21
C SER B 69 -4.41 -14.72 -56.19
N ALA B 70 -3.78 -13.56 -56.43
CA ALA B 70 -4.55 -12.32 -56.54
C ALA B 70 -5.54 -12.38 -57.70
N GLN B 71 -5.10 -12.88 -58.85
CA GLN B 71 -6.00 -12.97 -60.01
C GLN B 71 -7.18 -13.87 -59.72
N GLU B 72 -6.95 -15.01 -59.05
CA GLU B 72 -8.03 -15.93 -58.72
C GLU B 72 -9.03 -15.31 -57.75
N ALA B 73 -8.60 -14.36 -56.93
CA ALA B 73 -9.48 -13.73 -55.95
C ALA B 73 -10.32 -12.61 -56.53
N PHE B 74 -9.96 -12.09 -57.71
CA PHE B 74 -10.59 -10.87 -58.20
C PHE B 74 -12.09 -11.02 -58.37
N SER B 75 -12.54 -12.13 -58.97
CA SER B 75 -13.96 -12.25 -59.29
C SER B 75 -14.83 -12.19 -58.04
N SER B 76 -14.45 -12.89 -56.98
CA SER B 76 -15.29 -12.89 -55.78
C SER B 76 -15.05 -11.66 -54.91
N TRP B 77 -13.81 -11.19 -54.82
CA TRP B 77 -13.51 -10.02 -53.99
C TRP B 77 -14.11 -8.75 -54.59
N SER B 78 -14.03 -8.60 -55.91
CA SER B 78 -14.57 -7.40 -56.55
C SER B 78 -16.09 -7.38 -56.55
N THR B 79 -16.73 -8.54 -56.41
CA THR B 79 -18.19 -8.60 -56.32
C THR B 79 -18.68 -8.66 -54.88
N THR B 80 -17.77 -8.69 -53.92
CA THR B 80 -18.15 -8.54 -52.53
C THR B 80 -18.70 -7.15 -52.30
N PRO B 81 -19.89 -7.01 -51.70
CA PRO B 81 -20.46 -5.67 -51.51
C PRO B 81 -19.52 -4.76 -50.72
N ALA B 82 -19.58 -3.47 -51.05
CA ALA B 82 -18.66 -2.50 -50.44
C ALA B 82 -18.78 -2.48 -48.94
N ILE B 83 -19.99 -2.66 -48.40
CA ILE B 83 -20.15 -2.66 -46.95
C ILE B 83 -19.45 -3.87 -46.33
N GLU B 84 -19.40 -4.99 -47.06
CA GLU B 84 -18.72 -6.17 -46.54
C GLU B 84 -17.20 -6.04 -46.66
N ARG B 85 -16.71 -5.44 -47.75
CA ARG B 85 -15.28 -5.19 -47.87
C ARG B 85 -14.82 -4.22 -46.78
N ALA B 86 -15.63 -3.20 -46.48
CA ALA B 86 -15.31 -2.31 -45.38
C ALA B 86 -15.24 -3.05 -44.05
N GLN B 87 -16.15 -4.01 -43.83
CA GLN B 87 -16.11 -4.79 -42.61
C GLN B 87 -14.78 -5.52 -42.46
N TRP B 88 -14.26 -6.06 -43.56
CA TRP B 88 -12.93 -6.68 -43.52
C TRP B 88 -11.85 -5.66 -43.17
N MET B 89 -11.98 -4.44 -43.70
CA MET B 89 -10.97 -3.42 -43.44
C MET B 89 -10.97 -3.00 -41.97
N LEU B 90 -12.15 -2.94 -41.34
CA LEU B 90 -12.22 -2.56 -39.94
C LEU B 90 -11.82 -3.71 -39.01
N LYS B 91 -12.03 -4.96 -39.45
CA LYS B 91 -11.52 -6.08 -38.68
C LYS B 91 -9.99 -6.11 -38.70
N LEU B 92 -9.40 -5.82 -39.87
CA LEU B 92 -7.94 -5.68 -39.91
C LEU B 92 -7.49 -4.46 -39.11
N ARG B 93 -8.24 -3.36 -39.15
CA ARG B 93 -7.90 -2.20 -38.33
C ARG B 93 -7.87 -2.56 -36.85
N ASP B 94 -8.85 -3.34 -36.38
CA ASP B 94 -8.88 -3.70 -34.97
C ASP B 94 -7.69 -4.56 -34.57
N ALA B 95 -7.20 -5.39 -35.50
CA ALA B 95 -6.00 -6.18 -35.21
C ALA B 95 -4.75 -5.32 -35.26
N VAL B 96 -4.71 -4.31 -36.13
CA VAL B 96 -3.58 -3.40 -36.16
C VAL B 96 -3.51 -2.63 -34.84
N ILE B 97 -4.66 -2.17 -34.35
N ILE B 97 -4.66 -2.17 -34.35
CA ILE B 97 -4.69 -1.44 -33.09
CA ILE B 97 -4.69 -1.44 -33.08
C ILE B 97 -4.27 -2.34 -31.93
C ILE B 97 -4.26 -2.34 -31.94
N ALA B 98 -4.78 -3.58 -31.91
CA ALA B 98 -4.41 -4.53 -30.86
C ALA B 98 -2.93 -4.90 -30.87
N ASN B 99 -2.24 -4.74 -32.00
CA ASN B 99 -0.85 -5.14 -32.12
C ASN B 99 0.04 -3.93 -32.40
N GLU B 100 -0.33 -2.77 -31.84
CA GLU B 100 0.41 -1.53 -32.11
C GLU B 100 1.87 -1.66 -31.70
N GLN B 101 2.14 -2.19 -30.51
CA GLN B 101 3.50 -2.24 -29.99
C GLN B 101 4.43 -3.01 -30.92
N HIS B 102 3.99 -4.19 -31.38
CA HIS B 102 4.85 -5.01 -32.23
C HIS B 102 5.05 -4.37 -33.61
N LEU B 103 4.00 -3.76 -34.16
CA LEU B 103 4.15 -3.12 -35.47
C LEU B 103 5.17 -1.99 -35.42
N ARG B 104 5.07 -1.13 -34.40
CA ARG B 104 6.03 -0.03 -34.27
C ARG B 104 7.42 -0.55 -33.90
N GLU B 105 7.49 -1.66 -33.16
N GLU B 105 7.50 -1.66 -33.16
CA GLU B 105 8.77 -2.29 -32.87
CA GLU B 105 8.80 -2.26 -32.88
C GLU B 105 9.44 -2.79 -34.14
C GLU B 105 9.45 -2.83 -34.13
N CYS B 106 8.65 -3.33 -35.07
CA CYS B 106 9.20 -3.81 -36.34
C CYS B 106 9.87 -2.68 -37.12
N VAL B 107 9.20 -1.52 -37.23
CA VAL B 107 9.80 -0.38 -37.93
C VAL B 107 11.01 0.15 -37.17
N HIS B 108 10.92 0.17 -35.84
CA HIS B 108 12.05 0.62 -35.02
C HIS B 108 13.27 -0.24 -35.29
N LEU B 109 13.10 -1.56 -35.37
CA LEU B 109 14.24 -2.44 -35.52
C LEU B 109 14.80 -2.46 -36.94
N GLU B 110 13.93 -2.47 -37.96
CA GLU B 110 14.41 -2.67 -39.33
C GLU B 110 15.19 -1.45 -39.85
N MET B 111 14.85 -0.24 -39.40
CA MET B 111 15.46 0.96 -39.95
C MET B 111 15.91 1.95 -38.87
N ALA B 112 15.90 1.56 -37.60
CA ALA B 112 16.35 2.42 -36.51
C ALA B 112 15.57 3.75 -36.48
N LYS B 113 14.28 3.67 -36.80
CA LYS B 113 13.43 4.84 -36.71
C LYS B 113 13.10 5.13 -35.24
N PRO B 114 13.23 6.37 -34.78
CA PRO B 114 12.92 6.67 -33.38
C PRO B 114 11.51 6.24 -32.99
N TRP B 115 11.33 5.88 -31.72
CA TRP B 115 10.07 5.29 -31.29
C TRP B 115 8.90 6.24 -31.52
N GLN B 116 9.09 7.53 -31.26
CA GLN B 116 8.00 8.48 -31.49
C GLN B 116 7.72 8.63 -32.98
N SER B 117 8.76 8.59 -33.81
CA SER B 117 8.58 8.70 -35.25
C SER B 117 7.82 7.52 -35.83
N THR B 118 7.89 6.35 -35.18
CA THR B 118 7.14 5.19 -35.65
C THR B 118 5.63 5.37 -35.52
N ALA B 119 5.19 6.33 -34.71
CA ALA B 119 3.75 6.57 -34.59
C ALA B 119 3.15 7.00 -35.91
N ASP B 120 3.93 7.72 -36.74
CA ASP B 120 3.42 8.14 -38.05
C ASP B 120 3.08 6.94 -38.92
N ASP B 121 3.97 5.95 -38.98
CA ASP B 121 3.72 4.76 -39.77
C ASP B 121 2.51 4.01 -39.27
N PHE B 122 2.43 3.76 -37.97
CA PHE B 122 1.33 2.98 -37.41
C PHE B 122 0.00 3.71 -37.57
N GLN B 123 -0.04 4.99 -37.24
CA GLN B 123 -1.31 5.70 -37.19
C GLN B 123 -1.87 5.93 -38.59
N MET B 124 -1.01 6.16 -39.58
CA MET B 124 -1.51 6.30 -40.95
C MET B 124 -2.16 5.01 -41.44
N LEU B 125 -1.65 3.86 -41.00
CA LEU B 125 -2.29 2.60 -41.35
C LEU B 125 -3.71 2.54 -40.80
N VAL B 126 -3.89 2.94 -39.53
CA VAL B 126 -5.23 2.99 -38.95
C VAL B 126 -6.09 4.00 -39.69
N ASP B 127 -5.52 5.18 -40.00
CA ASP B 127 -6.31 6.25 -40.60
C ASP B 127 -6.80 5.87 -41.99
N SER B 128 -5.93 5.25 -42.79
CA SER B 128 -6.31 4.87 -44.15
C SER B 128 -7.41 3.81 -44.14
N LEU B 129 -7.25 2.78 -43.31
CA LEU B 129 -8.30 1.76 -43.19
C LEU B 129 -9.64 2.40 -42.85
N ASN B 130 -9.64 3.34 -41.89
CA ASN B 130 -10.88 4.04 -41.55
C ASN B 130 -11.39 4.88 -42.71
N PHE B 131 -10.50 5.65 -43.34
CA PHE B 131 -10.94 6.59 -44.37
C PHE B 131 -11.56 5.88 -45.56
N TYR B 132 -10.88 4.85 -46.08
CA TYR B 132 -11.35 4.26 -47.32
C TYR B 132 -12.48 3.26 -47.11
N ALA B 133 -12.59 2.66 -45.92
CA ALA B 133 -13.80 1.91 -45.60
C ALA B 133 -15.03 2.82 -45.55
N ASP B 134 -14.86 4.04 -45.03
CA ASP B 134 -15.96 4.99 -44.98
C ASP B 134 -16.25 5.61 -46.35
N ALA B 135 -15.22 5.87 -47.14
CA ALA B 135 -15.43 6.48 -48.44
C ALA B 135 -16.10 5.52 -49.42
N ILE B 136 -15.77 4.23 -49.36
CA ILE B 136 -16.23 3.32 -50.40
C ILE B 136 -17.74 3.08 -50.29
N VAL B 137 -18.29 3.10 -49.08
CA VAL B 137 -19.73 2.92 -48.93
C VAL B 137 -20.52 4.16 -49.30
N ASN B 138 -19.84 5.28 -49.58
CA ASN B 138 -20.49 6.52 -49.99
C ASN B 138 -20.39 6.78 -51.48
N ILE B 139 -19.81 5.86 -52.25
CA ILE B 139 -19.73 6.04 -53.71
C ILE B 139 -21.11 5.91 -54.30
N ALA B 140 -21.51 6.90 -55.09
CA ALA B 140 -22.83 6.92 -55.72
C ALA B 140 -22.67 7.06 -57.23
N ASP B 141 -23.62 6.46 -57.97
CA ASP B 141 -23.66 6.62 -59.41
C ASP B 141 -23.99 8.05 -59.79
N GLU B 142 -23.61 8.42 -61.02
CA GLU B 142 -23.82 9.75 -61.53
C GLU B 142 -24.62 9.66 -62.82
N GLU B 143 -25.66 10.50 -62.93
CA GLU B 143 -26.42 10.61 -64.17
C GLU B 143 -25.82 11.72 -65.04
N ILE B 144 -25.76 11.46 -66.34
CA ILE B 144 -25.24 12.43 -67.31
C ILE B 144 -26.36 12.81 -68.26
N LYS B 145 -26.50 14.12 -68.49
CA LYS B 145 -27.59 14.62 -69.31
C LYS B 145 -27.38 14.27 -70.78
N ASP B 146 -28.45 13.81 -71.41
CA ASP B 146 -28.46 13.61 -72.86
C ASP B 146 -29.04 14.86 -73.50
N ASN B 147 -28.24 15.52 -74.33
CA ASN B 147 -28.65 16.79 -74.91
C ASN B 147 -29.80 16.64 -75.90
N GLU B 148 -30.01 15.45 -76.45
CA GLU B 148 -31.05 15.22 -77.43
C GLU B 148 -32.30 14.58 -76.85
N GLY B 149 -32.28 14.17 -75.59
CA GLY B 149 -33.42 13.56 -74.96
C GLY B 149 -33.76 12.16 -75.44
N THR B 150 -32.87 11.55 -76.23
CA THR B 150 -33.16 10.23 -76.80
C THR B 150 -32.71 9.08 -75.93
N HIS B 151 -31.73 9.30 -75.04
CA HIS B 151 -31.15 8.23 -74.23
C HIS B 151 -31.04 8.69 -72.78
N SER B 152 -30.89 7.71 -71.90
CA SER B 152 -30.48 7.94 -70.53
C SER B 152 -29.05 7.43 -70.35
N HIS B 153 -28.33 8.02 -69.39
CA HIS B 153 -26.93 7.68 -69.16
C HIS B 153 -26.64 7.62 -67.67
N VAL B 154 -26.06 6.51 -67.22
CA VAL B 154 -25.65 6.31 -65.83
C VAL B 154 -24.16 6.03 -65.82
N LEU B 155 -23.41 6.82 -65.05
CA LEU B 155 -21.98 6.64 -64.89
C LEU B 155 -21.70 5.98 -63.55
N SER B 156 -21.01 4.84 -63.56
CA SER B 156 -20.69 4.11 -62.36
C SER B 156 -19.20 3.76 -62.33
N ARG B 157 -18.75 3.22 -61.21
CA ARG B 157 -17.34 2.88 -61.02
C ARG B 157 -17.25 1.46 -60.45
N GLU B 158 -16.34 0.66 -61.00
CA GLU B 158 -16.17 -0.74 -60.64
C GLU B 158 -14.70 -1.05 -60.39
N PRO B 159 -14.41 -2.09 -59.60
CA PRO B 159 -13.01 -2.48 -59.37
C PRO B 159 -12.27 -2.77 -60.67
N VAL B 160 -11.00 -2.37 -60.73
CA VAL B 160 -10.26 -2.39 -62.00
C VAL B 160 -9.56 -3.73 -62.24
N GLY B 161 -9.03 -4.37 -61.21
CA GLY B 161 -8.30 -5.60 -61.40
C GLY B 161 -7.30 -5.80 -60.28
N VAL B 162 -6.29 -6.63 -60.55
CA VAL B 162 -5.22 -6.87 -59.59
C VAL B 162 -4.29 -5.66 -59.59
N ALA B 163 -3.89 -5.23 -58.39
CA ALA B 163 -2.95 -4.14 -58.22
C ALA B 163 -1.68 -4.65 -57.57
N ALA B 164 -0.54 -4.10 -57.98
CA ALA B 164 0.74 -4.41 -57.37
C ALA B 164 1.41 -3.11 -56.92
N ALA B 165 2.02 -3.15 -55.74
CA ALA B 165 2.58 -1.97 -55.09
C ALA B 165 4.03 -2.24 -54.72
N PHE B 166 4.93 -1.35 -55.15
CA PHE B 166 6.32 -1.36 -54.73
C PHE B 166 6.54 -0.24 -53.74
N LEU B 167 6.95 -0.59 -52.51
CA LEU B 167 7.03 0.36 -51.41
C LEU B 167 8.48 0.76 -51.13
N ALA B 168 8.68 2.04 -50.83
CA ALA B 168 9.98 2.52 -50.41
C ALA B 168 10.16 2.26 -48.91
N TRP B 169 11.41 2.38 -48.47
CA TRP B 169 11.77 2.04 -47.10
C TRP B 169 11.59 3.18 -46.12
N ASN B 170 11.39 4.42 -46.58
CA ASN B 170 11.45 5.55 -45.66
C ASN B 170 10.27 5.55 -44.69
N PHE B 171 9.10 5.08 -45.13
CA PHE B 171 7.92 4.96 -44.26
C PHE B 171 7.26 3.63 -44.56
N PRO B 172 7.76 2.55 -43.96
CA PRO B 172 7.30 1.21 -44.38
C PRO B 172 5.80 0.99 -44.21
N LEU B 173 5.22 1.42 -43.09
CA LEU B 173 3.79 1.19 -42.86
C LEU B 173 2.92 2.30 -43.43
N LEU B 174 3.42 3.54 -43.44
CA LEU B 174 2.67 4.62 -44.09
C LEU B 174 2.57 4.39 -45.59
N ASN B 175 3.68 4.00 -46.24
CA ASN B 175 3.62 3.70 -47.66
C ASN B 175 2.68 2.55 -47.94
N LEU B 176 2.72 1.50 -47.11
CA LEU B 176 1.77 0.41 -47.23
C LEU B 176 0.34 0.91 -47.06
N ALA B 177 0.11 1.81 -46.10
CA ALA B 177 -1.23 2.32 -45.84
C ALA B 177 -1.77 3.08 -47.05
N TYR B 178 -0.91 3.81 -47.76
CA TYR B 178 -1.35 4.57 -48.92
C TYR B 178 -1.91 3.68 -50.02
N LYS B 179 -1.45 2.43 -50.12
CA LYS B 179 -1.92 1.50 -51.15
C LYS B 179 -2.92 0.48 -50.64
N LEU B 180 -2.74 -0.02 -49.41
CA LEU B 180 -3.61 -1.07 -48.89
C LEU B 180 -5.03 -0.58 -48.71
N GLY B 181 -5.20 0.65 -48.22
CA GLY B 181 -6.50 1.21 -47.97
C GLY B 181 -7.37 1.28 -49.22
N PRO B 182 -6.89 1.99 -50.25
CA PRO B 182 -7.70 2.11 -51.48
C PRO B 182 -7.91 0.78 -52.20
N ALA B 183 -6.94 -0.12 -52.19
CA ALA B 183 -7.08 -1.38 -52.90
C ALA B 183 -8.15 -2.27 -52.25
N MET B 184 -8.09 -2.45 -50.92
CA MET B 184 -9.11 -3.24 -50.25
C MET B 184 -10.49 -2.63 -50.45
N ALA B 185 -10.62 -1.32 -50.24
CA ALA B 185 -11.90 -0.64 -50.40
C ALA B 185 -12.46 -0.84 -51.80
N ALA B 186 -11.62 -0.68 -52.82
CA ALA B 186 -12.06 -0.76 -54.21
C ALA B 186 -12.04 -2.19 -54.76
N GLY B 187 -11.92 -3.19 -53.89
CA GLY B 187 -12.01 -4.58 -54.33
C GLY B 187 -10.97 -5.01 -55.34
N CYS B 188 -9.75 -4.52 -55.18
CA CYS B 188 -8.64 -4.90 -56.05
C CYS B 188 -7.67 -5.78 -55.26
N PRO B 189 -7.58 -7.08 -55.55
CA PRO B 189 -6.56 -7.91 -54.90
C PRO B 189 -5.18 -7.30 -55.08
N LEU B 190 -4.43 -7.23 -53.98
CA LEU B 190 -3.20 -6.45 -53.93
C LEU B 190 -2.00 -7.36 -53.72
N VAL B 191 -0.94 -7.11 -54.49
CA VAL B 191 0.35 -7.76 -54.31
C VAL B 191 1.34 -6.70 -53.86
N VAL B 192 1.85 -6.83 -52.64
CA VAL B 192 2.69 -5.82 -52.00
C VAL B 192 4.12 -6.32 -51.95
N LYS B 193 5.04 -5.53 -52.48
CA LYS B 193 6.47 -5.80 -52.33
C LYS B 193 7.10 -4.72 -51.48
N PRO B 194 7.25 -4.94 -50.17
CA PRO B 194 8.00 -3.97 -49.35
C PRO B 194 9.45 -3.96 -49.77
N SER B 195 10.12 -2.85 -49.45
CA SER B 195 11.55 -2.78 -49.71
C SER B 195 12.26 -3.88 -48.94
N SER B 196 13.32 -4.45 -49.54
CA SER B 196 14.06 -5.51 -48.87
C SER B 196 14.77 -4.99 -47.62
N LYS B 197 14.98 -3.68 -47.52
CA LYS B 197 15.64 -3.13 -46.34
C LYS B 197 14.70 -3.01 -45.16
N THR B 198 13.38 -2.91 -45.40
CA THR B 198 12.39 -2.73 -44.34
C THR B 198 11.19 -3.62 -44.59
N PRO B 199 11.35 -4.96 -44.47
CA PRO B 199 10.22 -5.86 -44.77
C PRO B 199 9.47 -6.33 -43.54
N LEU B 200 10.08 -6.23 -42.36
CA LEU B 200 9.52 -6.83 -41.15
C LEU B 200 8.13 -6.31 -40.85
N SER B 201 7.95 -4.98 -40.90
CA SER B 201 6.67 -4.40 -40.53
C SER B 201 5.57 -4.81 -41.49
N ALA B 202 5.88 -4.91 -42.78
CA ALA B 202 4.86 -5.33 -43.75
C ALA B 202 4.53 -6.80 -43.58
N TYR B 203 5.54 -7.65 -43.37
CA TYR B 203 5.28 -9.06 -43.08
C TYR B 203 4.41 -9.21 -41.83
N ALA B 204 4.61 -8.34 -40.84
CA ALA B 204 3.77 -8.38 -39.64
C ALA B 204 2.31 -8.09 -39.98
N VAL B 205 2.06 -7.14 -40.89
CA VAL B 205 0.70 -6.91 -41.33
C VAL B 205 0.14 -8.17 -42.01
N GLY B 206 0.96 -8.84 -42.80
CA GLY B 206 0.55 -10.09 -43.41
C GLY B 206 0.17 -11.14 -42.38
N GLU B 207 0.91 -11.21 -41.27
CA GLU B 207 0.54 -12.10 -40.19
C GLU B 207 -0.82 -11.72 -39.59
N LEU B 208 -1.13 -10.42 -39.53
CA LEU B 208 -2.42 -9.99 -39.00
C LEU B 208 -3.56 -10.33 -39.97
N CYS B 209 -3.30 -10.22 -41.28
CA CYS B 209 -4.30 -10.65 -42.26
C CYS B 209 -4.60 -12.13 -42.13
N GLU B 210 -3.55 -12.94 -41.97
CA GLU B 210 -3.77 -14.37 -41.75
C GLU B 210 -4.52 -14.61 -40.45
N GLN B 211 -4.21 -13.85 -39.40
CA GLN B 211 -4.86 -14.05 -38.11
C GLN B 211 -6.36 -13.80 -38.19
N ILE B 212 -6.78 -12.75 -38.89
CA ILE B 212 -8.21 -12.45 -39.00
C ILE B 212 -8.92 -13.26 -40.07
N GLY B 213 -8.19 -14.05 -40.85
CA GLY B 213 -8.81 -14.88 -41.86
C GLY B 213 -9.26 -14.13 -43.10
N LEU B 214 -8.50 -13.14 -43.53
CA LEU B 214 -8.81 -12.42 -44.76
C LEU B 214 -8.89 -13.40 -45.93
N PRO B 215 -9.83 -13.23 -46.85
CA PRO B 215 -9.95 -14.18 -47.97
C PRO B 215 -8.65 -14.30 -48.74
N ALA B 216 -8.37 -15.53 -49.17
CA ALA B 216 -7.09 -15.83 -49.82
C ALA B 216 -6.93 -15.02 -51.10
N GLY B 217 -5.75 -14.44 -51.28
CA GLY B 217 -5.44 -13.67 -52.46
C GLY B 217 -5.76 -12.19 -52.37
N VAL B 218 -6.57 -11.78 -51.40
CA VAL B 218 -6.99 -10.37 -51.32
C VAL B 218 -5.79 -9.47 -51.04
N VAL B 219 -4.90 -9.89 -50.15
CA VAL B 219 -3.66 -9.18 -49.89
C VAL B 219 -2.52 -10.18 -49.87
N ASN B 220 -1.43 -9.85 -50.56
CA ASN B 220 -0.24 -10.69 -50.61
C ASN B 220 0.98 -9.82 -50.34
N ILE B 221 1.88 -10.30 -49.48
CA ILE B 221 3.05 -9.54 -49.06
C ILE B 221 4.29 -10.41 -49.24
N LEU B 222 5.25 -9.93 -50.02
CA LEU B 222 6.46 -10.69 -50.32
C LEU B 222 7.59 -9.71 -50.64
N SER B 223 8.78 -10.05 -50.17
CA SER B 223 9.98 -9.27 -50.45
C SER B 223 11.01 -10.14 -51.15
N GLY B 224 11.78 -9.51 -52.05
CA GLY B 224 12.82 -10.22 -52.78
C GLY B 224 13.67 -9.25 -53.56
N MET B 225 14.52 -9.81 -54.42
CA MET B 225 15.43 -8.99 -55.19
C MET B 225 14.70 -8.26 -56.32
N ASP B 226 15.14 -7.02 -56.59
CA ASP B 226 14.42 -6.14 -57.51
C ASP B 226 14.50 -6.65 -58.94
N SER B 227 15.70 -7.01 -59.40
CA SER B 227 15.88 -7.39 -60.80
C SER B 227 15.24 -8.72 -61.14
N THR B 228 14.79 -9.50 -60.15
CA THR B 228 14.12 -10.77 -60.41
C THR B 228 12.67 -10.73 -59.96
N VAL B 229 12.40 -10.47 -58.69
CA VAL B 229 11.02 -10.47 -58.20
C VAL B 229 10.29 -9.21 -58.66
N GLY B 230 10.94 -8.05 -58.58
CA GLY B 230 10.30 -6.82 -59.02
C GLY B 230 9.97 -6.84 -60.50
N ASP B 231 10.93 -7.24 -61.33
CA ASP B 231 10.68 -7.31 -62.77
C ASP B 231 9.59 -8.33 -63.09
N ALA B 232 9.58 -9.47 -62.39
CA ALA B 232 8.56 -10.48 -62.64
C ALA B 232 7.16 -9.96 -62.33
N ILE B 233 7.03 -9.06 -61.36
CA ILE B 233 5.73 -8.48 -61.07
C ILE B 233 5.35 -7.47 -62.15
N SER B 234 6.31 -6.65 -62.57
CA SER B 234 6.04 -5.63 -63.59
C SER B 234 5.76 -6.26 -64.94
N ALA B 235 6.57 -7.25 -65.33
CA ALA B 235 6.43 -7.89 -66.63
C ALA B 235 5.22 -8.82 -66.72
N SER B 236 4.66 -9.21 -65.58
CA SER B 236 3.43 -10.00 -65.58
C SER B 236 2.30 -9.29 -66.31
N THR B 237 1.47 -10.06 -67.01
CA THR B 237 0.29 -9.51 -67.67
C THR B 237 -0.93 -9.49 -66.76
N ILE B 238 -0.80 -10.00 -65.54
CA ILE B 238 -1.90 -10.06 -64.58
C ILE B 238 -2.25 -8.69 -64.00
N PRO B 239 -1.29 -7.89 -63.49
CA PRO B 239 -1.67 -6.63 -62.82
C PRO B 239 -2.29 -5.63 -63.78
N SER B 240 -3.41 -5.06 -63.36
CA SER B 240 -4.04 -3.96 -64.08
C SER B 240 -3.51 -2.60 -63.65
N VAL B 241 -2.89 -2.52 -62.47
CA VAL B 241 -2.35 -1.28 -61.95
C VAL B 241 -0.99 -1.58 -61.32
N LEU B 242 0.01 -0.76 -61.63
CA LEU B 242 1.33 -0.83 -61.00
C LEU B 242 1.57 0.49 -60.29
N THR B 243 1.73 0.45 -58.97
CA THR B 243 1.97 1.67 -58.22
C THR B 243 3.30 1.56 -57.49
N LEU B 244 4.01 2.69 -57.44
CA LEU B 244 5.38 2.69 -56.94
C LEU B 244 5.62 3.95 -56.11
N ILE B 245 6.39 3.79 -55.04
CA ILE B 245 6.97 4.89 -54.31
C ILE B 245 8.46 4.62 -54.28
N GLY B 246 9.25 5.48 -54.91
CA GLY B 246 10.67 5.25 -55.04
C GLY B 246 11.39 6.30 -55.87
N SER B 247 12.50 5.92 -56.48
CA SER B 247 13.32 6.86 -57.24
C SER B 247 12.77 7.03 -58.65
N THR B 248 13.13 8.17 -59.27
CA THR B 248 12.68 8.45 -60.63
C THR B 248 13.22 7.42 -61.62
N ASN B 249 14.44 6.95 -61.41
CA ASN B 249 15.00 5.95 -62.31
C ASN B 249 14.28 4.61 -62.17
N VAL B 250 13.86 4.26 -60.96
CA VAL B 250 13.09 3.02 -60.83
C VAL B 250 11.71 3.19 -61.45
N GLY B 251 11.14 4.39 -61.38
CA GLY B 251 9.86 4.63 -62.03
C GLY B 251 9.93 4.42 -63.54
N LYS B 252 10.99 4.90 -64.17
CA LYS B 252 11.15 4.67 -65.61
C LYS B 252 11.35 3.18 -65.91
N HIS B 253 12.07 2.46 -65.04
CA HIS B 253 12.27 1.03 -65.23
C HIS B 253 10.96 0.27 -65.13
N VAL B 254 10.09 0.65 -64.20
CA VAL B 254 8.83 -0.05 -64.04
C VAL B 254 7.91 0.20 -65.23
N ILE B 255 7.88 1.45 -65.73
CA ILE B 255 7.05 1.77 -66.88
C ILE B 255 7.43 0.92 -68.08
N ALA B 256 8.73 0.87 -68.40
CA ALA B 256 9.17 0.11 -69.57
C ALA B 256 8.97 -1.39 -69.38
N THR B 257 9.25 -1.89 -68.16
CA THR B 257 9.14 -3.32 -67.91
C THR B 257 7.69 -3.77 -67.88
N GLY B 258 6.78 -2.92 -67.39
CA GLY B 258 5.38 -3.26 -67.37
C GLY B 258 4.68 -3.22 -68.71
N ALA B 259 5.40 -2.86 -69.77
CA ALA B 259 4.80 -2.69 -71.10
C ALA B 259 4.47 -4.01 -71.79
N THR B 260 4.54 -5.13 -71.09
CA THR B 260 4.08 -6.39 -71.64
C THR B 260 2.56 -6.44 -71.77
N SER B 261 1.86 -5.55 -71.08
CA SER B 261 0.42 -5.41 -71.19
C SER B 261 0.10 -3.94 -70.96
N ILE B 262 -1.18 -3.60 -71.10
CA ILE B 262 -1.63 -2.24 -70.83
C ILE B 262 -1.91 -2.13 -69.34
N LYS B 263 -1.18 -1.26 -68.66
CA LYS B 263 -1.31 -1.08 -67.22
C LYS B 263 -1.48 0.39 -66.89
N ARG B 264 -2.23 0.67 -65.83
CA ARG B 264 -2.27 1.99 -65.23
C ARG B 264 -1.08 2.15 -64.30
N TYR B 265 -0.34 3.23 -64.46
CA TYR B 265 0.79 3.53 -63.61
C TYR B 265 0.45 4.70 -62.69
N SER B 266 0.93 4.62 -61.46
CA SER B 266 0.84 5.76 -60.54
C SER B 266 2.04 5.69 -59.61
N MET B 267 2.77 6.79 -59.50
CA MET B 267 3.99 6.76 -58.71
C MET B 267 4.25 8.13 -58.09
N GLU B 268 4.97 8.10 -56.97
CA GLU B 268 5.55 9.27 -56.32
C GLU B 268 7.05 9.05 -56.30
N LEU B 269 7.79 9.91 -56.99
CA LEU B 269 9.20 9.69 -57.26
C LEU B 269 10.03 10.72 -56.49
N GLY B 270 11.15 11.14 -57.07
CA GLY B 270 12.01 12.08 -56.40
C GLY B 270 11.45 13.49 -56.35
N GLY B 271 11.88 14.24 -55.34
CA GLY B 271 11.51 15.62 -55.22
C GLY B 271 12.74 16.52 -55.14
N ASN B 272 12.47 17.83 -55.18
CA ASN B 272 13.49 18.85 -54.96
C ASN B 272 12.79 20.12 -54.49
N ALA B 273 12.31 20.11 -53.26
CA ALA B 273 11.37 21.12 -52.80
C ALA B 273 12.09 22.42 -52.50
N PRO B 274 11.68 23.53 -53.11
CA PRO B 274 12.18 24.84 -52.70
C PRO B 274 11.37 25.41 -51.54
N ALA B 275 12.07 26.01 -50.59
CA ALA B 275 11.44 26.69 -49.46
C ALA B 275 11.89 28.14 -49.46
N ILE B 276 10.94 29.06 -49.58
CA ILE B 276 11.22 30.48 -49.72
C ILE B 276 10.83 31.19 -48.43
N VAL B 277 11.82 31.76 -47.76
CA VAL B 277 11.61 32.54 -46.55
C VAL B 277 11.85 34.00 -46.90
N CYS B 278 10.77 34.80 -46.88
CA CYS B 278 10.84 36.20 -47.22
C CYS B 278 11.22 37.05 -45.99
N SER B 279 11.26 38.37 -46.20
CA SER B 279 11.70 39.27 -45.13
C SER B 279 10.60 39.52 -44.11
N ASP B 280 9.33 39.41 -44.50
CA ASP B 280 8.22 39.59 -43.58
C ASP B 280 7.75 38.29 -42.96
N ALA B 281 8.49 37.20 -43.16
CA ALA B 281 8.07 35.90 -42.64
C ALA B 281 8.28 35.82 -41.13
N ASN B 282 7.35 35.13 -40.48
CA ASN B 282 7.53 34.70 -39.10
C ASN B 282 8.73 33.77 -39.01
N LEU B 283 9.89 34.31 -38.64
CA LEU B 283 11.13 33.55 -38.74
C LEU B 283 11.14 32.36 -37.78
N ASP B 284 10.65 32.54 -36.55
CA ASP B 284 10.58 31.42 -35.61
C ASP B 284 9.70 30.30 -36.15
N ASN B 285 8.57 30.65 -36.76
CA ASN B 285 7.69 29.63 -37.34
C ASN B 285 8.33 28.97 -38.55
N ALA B 286 8.92 29.77 -39.45
CA ALA B 286 9.61 29.20 -40.60
C ALA B 286 10.76 28.30 -40.19
N ALA B 287 11.46 28.64 -39.10
CA ALA B 287 12.56 27.80 -38.64
C ALA B 287 12.05 26.50 -38.02
N ASP B 288 11.00 26.59 -37.19
CA ASP B 288 10.43 25.38 -36.60
C ASP B 288 9.91 24.43 -37.66
N VAL B 289 9.26 24.97 -38.69
CA VAL B 289 8.68 24.11 -39.73
C VAL B 289 9.76 23.45 -40.55
N ILE B 290 10.74 24.24 -41.02
CA ILE B 290 11.77 23.71 -41.90
C ILE B 290 12.65 22.72 -41.16
N CYS B 291 13.19 23.10 -40.00
CA CYS B 291 14.03 22.17 -39.25
C CYS B 291 13.27 20.94 -38.83
N GLY B 292 12.00 21.10 -38.43
CA GLY B 292 11.22 19.95 -38.01
C GLY B 292 11.14 18.87 -39.07
N VAL B 293 10.80 19.24 -40.30
CA VAL B 293 10.67 18.26 -41.36
C VAL B 293 12.01 17.92 -42.01
N LYS B 294 13.03 18.76 -41.87
CA LYS B 294 14.34 18.42 -42.41
C LYS B 294 15.09 17.40 -41.56
N PHE B 295 14.74 17.26 -40.27
CA PHE B 295 15.43 16.31 -39.42
C PHE B 295 14.55 15.14 -38.99
N ALA B 296 13.24 15.21 -39.20
CA ALA B 296 12.38 14.05 -39.01
C ALA B 296 12.74 12.98 -40.04
N ASN B 297 12.82 11.73 -39.58
CA ASN B 297 13.24 10.61 -40.43
C ASN B 297 14.60 10.89 -41.09
N ALA B 298 15.42 11.73 -40.45
CA ALA B 298 16.74 12.10 -40.96
C ALA B 298 16.66 12.72 -42.35
N GLY B 299 15.60 13.50 -42.60
CA GLY B 299 15.43 14.16 -43.89
C GLY B 299 15.05 13.25 -45.03
N GLN B 300 14.85 11.95 -44.77
CA GLN B 300 14.46 11.00 -45.81
C GLN B 300 12.95 11.08 -46.04
N ILE B 301 12.52 12.24 -46.55
CA ILE B 301 11.12 12.59 -46.70
C ILE B 301 10.92 13.21 -48.08
N CYS B 302 9.92 12.71 -48.82
CA CYS B 302 9.72 13.16 -50.20
C CYS B 302 9.35 14.64 -50.27
N VAL B 303 8.65 15.17 -49.26
CA VAL B 303 8.15 16.54 -49.31
C VAL B 303 9.02 17.52 -48.54
N THR B 304 10.09 17.05 -47.89
CA THR B 304 10.93 17.95 -47.12
C THR B 304 11.61 18.95 -48.04
N PRO B 305 11.95 20.14 -47.54
CA PRO B 305 12.69 21.11 -48.37
C PRO B 305 14.07 20.57 -48.75
N ASN B 306 14.41 20.76 -50.02
CA ASN B 306 15.74 20.43 -50.53
C ASN B 306 16.62 21.66 -50.73
N ARG B 307 16.02 22.79 -51.10
CA ARG B 307 16.73 24.05 -51.24
C ARG B 307 15.98 25.10 -50.43
N VAL B 308 16.64 25.69 -49.44
CA VAL B 308 16.02 26.69 -48.57
C VAL B 308 16.51 28.06 -49.01
N PHE B 309 15.63 28.84 -49.63
CA PHE B 309 15.94 30.20 -50.07
C PHE B 309 15.52 31.21 -49.00
N VAL B 310 16.46 32.06 -48.59
CA VAL B 310 16.22 33.04 -47.55
C VAL B 310 16.59 34.42 -48.07
N HIS B 311 15.79 35.42 -47.73
CA HIS B 311 16.07 36.78 -48.16
C HIS B 311 17.32 37.32 -47.46
N GLU B 312 18.04 38.20 -48.16
CA GLU B 312 19.30 38.71 -47.65
C GLU B 312 19.11 39.53 -46.37
N SER B 313 17.97 40.22 -46.23
CA SER B 313 17.77 41.08 -45.07
C SER B 313 17.55 40.29 -43.78
N VAL B 314 17.10 39.03 -43.88
CA VAL B 314 16.86 38.22 -42.71
C VAL B 314 17.75 36.97 -42.71
N ALA B 315 18.80 36.96 -43.53
CA ALA B 315 19.64 35.78 -43.67
C ALA B 315 20.34 35.43 -42.37
N ASP B 316 21.08 36.37 -41.78
CA ASP B 316 21.86 36.07 -40.59
C ASP B 316 20.98 35.63 -39.43
N GLU B 317 19.87 36.34 -39.22
CA GLU B 317 18.98 36.00 -38.11
C GLU B 317 18.32 34.64 -38.32
N PHE B 318 18.00 34.30 -39.57
CA PHE B 318 17.36 33.01 -39.84
C PHE B 318 18.35 31.86 -39.70
N ILE B 319 19.57 32.04 -40.18
CA ILE B 319 20.59 31.01 -40.03
C ILE B 319 20.86 30.73 -38.56
N GLU B 320 20.92 31.79 -37.75
CA GLU B 320 21.10 31.62 -36.31
C GLU B 320 19.97 30.81 -35.70
N LYS B 321 18.73 31.10 -36.10
CA LYS B 321 17.59 30.34 -35.58
C LYS B 321 17.62 28.89 -36.04
N VAL B 322 18.14 28.64 -37.24
CA VAL B 322 18.23 27.28 -37.74
C VAL B 322 19.29 26.49 -36.98
N LEU B 323 20.45 27.11 -36.76
CA LEU B 323 21.52 26.43 -36.02
C LEU B 323 21.07 26.05 -34.61
N THR B 324 20.32 26.94 -33.95
CA THR B 324 19.84 26.64 -32.60
C THR B 324 18.98 25.38 -32.60
N ARG B 325 18.04 25.27 -33.54
CA ARG B 325 17.19 24.09 -33.61
C ARG B 325 17.97 22.86 -34.03
N ALA B 326 18.94 23.01 -34.95
CA ALA B 326 19.71 21.86 -35.41
C ALA B 326 20.59 21.29 -34.30
N LYS B 327 21.16 22.15 -33.47
CA LYS B 327 22.00 21.67 -32.38
C LYS B 327 21.19 20.94 -31.30
N ALA B 328 19.90 21.24 -31.18
CA ALA B 328 19.07 20.63 -30.16
C ALA B 328 18.49 19.28 -30.58
N VAL B 329 18.71 18.87 -31.83
CA VAL B 329 18.18 17.59 -32.31
C VAL B 329 18.85 16.45 -31.57
N LYS B 330 18.05 15.60 -30.94
CA LYS B 330 18.57 14.42 -30.25
C LYS B 330 18.76 13.29 -31.26
N VAL B 331 20.00 12.87 -31.46
CA VAL B 331 20.36 11.85 -32.43
C VAL B 331 20.78 10.58 -31.69
N GLY B 332 20.30 9.43 -32.16
CA GLY B 332 20.69 8.16 -31.58
C GLY B 332 19.70 7.07 -31.93
N PHE B 333 19.75 5.99 -31.14
CA PHE B 333 18.87 4.84 -31.34
C PHE B 333 18.57 4.26 -29.96
N ASP B 334 17.41 4.63 -29.41
CA ASP B 334 17.03 4.19 -28.07
C ASP B 334 15.54 4.46 -27.90
N LYS B 335 14.75 3.39 -27.83
CA LYS B 335 13.30 3.53 -27.76
C LYS B 335 12.85 4.18 -26.46
N ASN B 336 13.67 4.15 -25.41
CA ASN B 336 13.31 4.69 -24.11
C ASN B 336 13.88 6.08 -23.88
N GLU B 337 14.28 6.78 -24.93
CA GLU B 337 14.77 8.14 -24.85
C GLU B 337 14.08 8.99 -25.90
N ALA B 338 14.13 10.31 -25.70
CA ALA B 338 13.43 11.26 -26.56
C ALA B 338 14.23 11.55 -27.84
N ILE B 339 14.53 10.49 -28.58
CA ILE B 339 15.33 10.62 -29.79
C ILE B 339 14.51 11.29 -30.88
N ASP B 340 15.07 12.36 -31.47
CA ASP B 340 14.42 13.09 -32.55
C ASP B 340 14.78 12.56 -33.93
N MET B 341 15.99 12.02 -34.10
CA MET B 341 16.49 11.62 -35.40
C MET B 341 17.39 10.41 -35.26
N GLY B 342 17.24 9.45 -36.19
CA GLY B 342 18.08 8.28 -36.23
C GLY B 342 19.11 8.35 -37.36
N PRO B 343 19.63 7.21 -37.76
CA PRO B 343 20.62 7.17 -38.84
C PRO B 343 19.93 7.14 -40.20
N VAL B 344 20.74 7.20 -41.26
CA VAL B 344 20.23 6.99 -42.62
C VAL B 344 20.14 5.49 -42.88
N MET B 345 19.55 5.13 -44.03
CA MET B 345 19.10 3.76 -44.24
C MET B 345 20.26 2.78 -44.36
N ASP B 346 21.27 3.11 -45.15
CA ASP B 346 22.35 2.16 -45.43
C ASP B 346 23.62 2.93 -45.78
N ALA B 347 24.67 2.19 -46.14
CA ALA B 347 25.96 2.80 -46.40
C ALA B 347 25.95 3.60 -47.70
N ASN B 348 25.24 3.12 -48.71
CA ASN B 348 25.14 3.87 -49.96
C ASN B 348 24.49 5.24 -49.75
N SER B 349 23.47 5.30 -48.91
CA SER B 349 22.82 6.58 -48.62
C SER B 349 23.77 7.52 -47.90
N TRP B 350 24.53 6.99 -46.93
CA TRP B 350 25.50 7.81 -46.21
C TRP B 350 26.53 8.44 -47.16
N GLN B 351 27.19 7.61 -47.97
CA GLN B 351 28.22 8.15 -48.85
C GLN B 351 27.65 9.09 -49.91
N ARG B 352 26.43 8.81 -50.41
CA ARG B 352 25.82 9.72 -51.37
C ARG B 352 25.54 11.08 -50.75
N ILE B 353 24.99 11.11 -49.53
CA ILE B 353 24.80 12.36 -48.82
C ILE B 353 26.13 13.06 -48.60
N ASP B 354 27.13 12.31 -48.13
CA ASP B 354 28.43 12.92 -47.82
C ASP B 354 29.10 13.47 -49.07
N GLU B 355 28.86 12.85 -50.23
CA GLU B 355 29.43 13.36 -51.47
C GLU B 355 28.81 14.69 -51.86
N LEU B 356 27.50 14.85 -51.64
CA LEU B 356 26.85 16.12 -51.92
C LEU B 356 27.36 17.22 -51.00
N VAL B 357 27.58 16.88 -49.72
CA VAL B 357 28.04 17.88 -48.75
C VAL B 357 29.47 18.29 -49.04
N LYS B 358 30.34 17.32 -49.33
CA LYS B 358 31.75 17.64 -49.58
C LYS B 358 31.92 18.38 -50.91
N ASP B 359 31.15 17.99 -51.93
CA ASP B 359 31.22 18.70 -53.21
C ASP B 359 30.79 20.15 -53.06
N ALA B 360 29.79 20.41 -52.21
CA ALA B 360 29.34 21.78 -51.97
C ALA B 360 30.46 22.62 -51.34
N GLN B 361 31.13 22.08 -50.32
CA GLN B 361 32.23 22.80 -49.68
C GLN B 361 33.34 23.08 -50.67
N GLN B 362 33.68 22.10 -51.51
CA GLN B 362 34.75 22.30 -52.49
C GLN B 362 34.40 23.35 -53.54
N ASN B 363 33.13 23.71 -53.67
CA ASN B 363 32.70 24.71 -54.64
C ASN B 363 32.30 26.03 -54.00
N GLY B 364 32.57 26.21 -52.71
CA GLY B 364 32.37 27.49 -52.06
C GLY B 364 31.35 27.51 -50.93
N ALA B 365 30.57 26.46 -50.74
CA ALA B 365 29.60 26.45 -49.66
C ALA B 365 30.31 26.43 -48.30
N GLN B 366 29.67 27.02 -47.30
CA GLN B 366 30.25 27.14 -45.96
C GLN B 366 29.52 26.19 -45.03
N LEU B 367 30.27 25.25 -44.45
CA LEU B 367 29.70 24.30 -43.49
C LEU B 367 29.56 24.97 -42.13
N GLN B 368 28.33 25.05 -41.63
CA GLN B 368 28.08 25.67 -40.33
C GLN B 368 27.84 24.66 -39.21
N LEU B 369 27.53 23.42 -39.54
CA LEU B 369 27.25 22.39 -38.55
C LEU B 369 27.23 21.04 -39.24
N GLY B 370 27.63 20.00 -38.49
CA GLY B 370 27.54 18.65 -39.01
C GLY B 370 28.54 18.40 -40.13
N GLY B 371 28.04 17.74 -41.19
CA GLY B 371 28.90 17.38 -42.30
C GLY B 371 29.76 16.16 -42.07
N LYS B 372 29.40 15.31 -41.11
CA LYS B 372 30.18 14.12 -40.81
C LYS B 372 29.35 13.20 -39.92
N LYS B 373 29.90 12.03 -39.65
CA LYS B 373 29.30 11.08 -38.72
C LYS B 373 29.68 11.43 -37.29
N PRO B 374 28.77 11.28 -36.33
CA PRO B 374 29.14 11.51 -34.93
C PRO B 374 30.29 10.62 -34.51
N THR B 375 31.29 11.21 -33.86
CA THR B 375 32.45 10.44 -33.43
C THR B 375 32.06 9.42 -32.38
N GLY B 376 32.75 8.28 -32.39
CA GLY B 376 32.48 7.23 -31.44
C GLY B 376 31.28 6.38 -31.74
N VAL B 377 30.85 6.31 -33.01
CA VAL B 377 29.74 5.46 -33.40
C VAL B 377 30.07 4.86 -34.77
N ASN B 378 29.49 3.69 -35.04
CA ASN B 378 29.76 2.99 -36.29
C ASN B 378 28.56 2.89 -37.22
N GLY B 379 27.35 3.08 -36.72
CA GLY B 379 26.17 3.03 -37.58
C GLY B 379 26.14 4.16 -38.58
N TYR B 380 25.19 4.06 -39.51
CA TYR B 380 25.12 5.02 -40.62
C TYR B 380 24.47 6.34 -40.16
N PHE B 381 25.04 6.90 -39.10
CA PHE B 381 24.59 8.19 -38.58
C PHE B 381 25.26 9.33 -39.34
N TYR B 382 24.45 10.35 -39.66
CA TYR B 382 24.94 11.59 -40.24
C TYR B 382 24.41 12.74 -39.42
N GLU B 383 25.31 13.63 -38.98
CA GLU B 383 24.92 14.69 -38.06
C GLU B 383 24.01 15.70 -38.76
N PRO B 384 23.09 16.33 -38.02
CA PRO B 384 22.34 17.46 -38.57
C PRO B 384 23.30 18.47 -39.19
N THR B 385 23.10 18.76 -40.47
CA THR B 385 24.05 19.55 -41.23
C THR B 385 23.37 20.83 -41.73
N VAL B 386 24.13 21.92 -41.68
CA VAL B 386 23.68 23.22 -42.17
C VAL B 386 24.76 23.74 -43.12
N LEU B 387 24.37 24.05 -44.35
CA LEU B 387 25.26 24.57 -45.38
C LEU B 387 24.73 25.91 -45.86
N THR B 388 25.60 26.91 -45.91
CA THR B 388 25.25 28.21 -46.46
C THR B 388 26.13 28.49 -47.68
N ASN B 389 25.84 29.60 -48.35
CA ASN B 389 26.55 30.01 -49.55
C ASN B 389 26.43 28.96 -50.66
N VAL B 390 25.27 28.33 -50.74
CA VAL B 390 24.97 27.36 -51.78
C VAL B 390 24.39 28.10 -52.98
N ASP B 391 24.80 27.70 -54.19
CA ASP B 391 24.31 28.30 -55.42
C ASP B 391 23.77 27.21 -56.34
N SER B 392 23.19 27.62 -57.46
CA SER B 392 22.47 26.73 -58.36
C SER B 392 23.40 25.83 -59.18
N SER B 393 24.71 26.05 -59.16
CA SER B 393 25.63 25.22 -59.91
C SER B 393 26.10 24.00 -59.13
N MET B 394 25.73 23.90 -57.86
CA MET B 394 26.21 22.80 -57.02
C MET B 394 25.32 21.56 -57.19
N LYS B 395 25.91 20.40 -56.91
CA LYS B 395 25.18 19.15 -57.07
C LYS B 395 24.14 18.96 -55.98
N ILE B 396 24.40 19.46 -54.76
CA ILE B 396 23.42 19.41 -53.68
C ILE B 396 22.21 20.27 -54.00
N TYR B 397 22.34 21.22 -54.93
CA TYR B 397 21.22 22.00 -55.42
C TYR B 397 20.43 21.22 -56.46
N LYS B 398 21.12 20.62 -57.43
CA LYS B 398 20.47 19.92 -58.53
C LYS B 398 19.80 18.63 -58.08
N ASP B 399 20.39 17.91 -57.14
CA ASP B 399 19.95 16.57 -56.79
C ASP B 399 19.19 16.56 -55.47
N GLU B 400 18.40 15.50 -55.27
CA GLU B 400 17.65 15.30 -54.03
C GLU B 400 18.61 14.86 -52.93
N ILE B 401 18.67 15.61 -51.84
CA ILE B 401 19.54 15.25 -50.73
C ILE B 401 19.02 13.98 -50.07
N PHE B 402 17.75 13.97 -49.68
CA PHE B 402 17.14 12.86 -48.96
C PHE B 402 17.94 12.52 -47.70
N GLY B 403 18.26 13.56 -46.94
CA GLY B 403 19.10 13.42 -45.77
C GLY B 403 19.02 14.63 -44.87
N PRO B 404 19.68 14.56 -43.71
CA PRO B 404 19.52 15.62 -42.68
C PRO B 404 20.40 16.84 -42.95
N VAL B 405 20.23 17.43 -44.13
CA VAL B 405 21.07 18.53 -44.60
C VAL B 405 20.19 19.72 -44.96
N ILE B 406 20.43 20.84 -44.29
CA ILE B 406 19.77 22.10 -44.60
C ILE B 406 20.74 22.92 -45.45
N SER B 407 20.38 23.16 -46.71
CA SER B 407 21.22 23.91 -47.64
C SER B 407 20.53 25.25 -47.93
N ILE B 408 21.22 26.35 -47.61
CA ILE B 408 20.63 27.68 -47.63
C ILE B 408 21.20 28.48 -48.79
N ILE B 409 20.31 29.07 -49.58
CA ILE B 409 20.65 29.94 -50.70
C ILE B 409 20.07 31.32 -50.41
N ILE B 410 20.88 32.36 -50.62
CA ILE B 410 20.45 33.73 -50.36
C ILE B 410 19.84 34.31 -51.63
N PHE B 411 18.68 34.95 -51.49
CA PHE B 411 18.04 35.63 -52.61
C PHE B 411 17.70 37.05 -52.20
N SER B 412 17.31 37.85 -53.21
CA SER B 412 16.92 39.23 -52.99
C SER B 412 15.71 39.67 -53.80
N ASP B 413 15.46 39.08 -54.98
CA ASP B 413 14.37 39.48 -55.85
C ASP B 413 13.33 38.38 -55.94
N ASN B 414 12.07 38.70 -55.60
CA ASN B 414 11.03 37.69 -55.58
C ASN B 414 10.84 37.05 -56.94
N GLU B 415 10.91 37.85 -58.01
CA GLU B 415 10.73 37.30 -59.35
C GLU B 415 11.86 36.35 -59.73
N GLN B 416 13.09 36.65 -59.30
CA GLN B 416 14.23 35.81 -59.63
C GLN B 416 14.23 34.52 -58.81
N VAL B 417 13.86 34.60 -57.53
CA VAL B 417 13.85 33.39 -56.71
C VAL B 417 12.72 32.45 -57.15
N LEU B 418 11.63 33.00 -57.69
CA LEU B 418 10.59 32.14 -58.25
C LEU B 418 11.12 31.32 -59.41
N SER B 419 11.91 31.95 -60.29
CA SER B 419 12.49 31.20 -61.42
C SER B 419 13.48 30.17 -60.92
N ASP B 420 14.28 30.52 -59.91
CA ASP B 420 15.21 29.56 -59.32
C ASP B 420 14.47 28.41 -58.67
N ALA B 421 13.37 28.68 -57.98
CA ALA B 421 12.61 27.62 -57.33
C ALA B 421 12.05 26.64 -58.37
N ASN B 422 11.63 27.16 -59.53
CA ASN B 422 11.08 26.34 -60.61
C ASN B 422 12.14 25.69 -61.48
N ASP B 423 13.43 25.99 -61.27
CA ASP B 423 14.50 25.47 -62.11
C ASP B 423 14.84 24.03 -61.73
N THR B 424 13.84 23.16 -61.86
CA THR B 424 14.03 21.75 -61.54
C THR B 424 12.99 20.93 -62.29
N ASP B 425 13.31 19.66 -62.52
CA ASP B 425 12.35 18.74 -63.10
C ASP B 425 11.43 18.14 -62.04
N ALA B 426 11.74 18.32 -60.75
CA ALA B 426 10.88 17.81 -59.70
C ALA B 426 9.58 18.63 -59.64
N GLY B 427 8.58 18.05 -59.01
CA GLY B 427 7.30 18.71 -58.88
C GLY B 427 6.45 18.20 -57.72
N LEU B 428 7.09 17.89 -56.60
CA LEU B 428 6.35 17.45 -55.43
C LEU B 428 5.88 18.64 -54.61
N SER B 429 6.53 18.90 -53.49
CA SER B 429 6.15 19.96 -52.57
C SER B 429 7.00 21.21 -52.78
N SER B 430 6.53 22.30 -52.16
CA SER B 430 7.18 23.60 -52.17
C SER B 430 6.64 24.40 -50.99
N PHE B 431 7.43 25.36 -50.53
CA PHE B 431 7.11 26.12 -49.33
C PHE B 431 7.30 27.62 -49.56
N ILE B 432 6.40 28.42 -49.01
CA ILE B 432 6.51 29.87 -49.01
C ILE B 432 6.19 30.39 -47.62
N PHE B 433 7.12 31.14 -47.03
CA PHE B 433 6.94 31.75 -45.72
C PHE B 433 6.94 33.26 -45.90
N SER B 434 5.79 33.89 -45.69
CA SER B 434 5.65 35.33 -45.88
C SER B 434 4.40 35.80 -45.15
N SER B 435 4.37 37.11 -44.88
CA SER B 435 3.23 37.77 -44.27
C SER B 435 2.42 38.61 -45.26
N ASN B 436 2.93 38.82 -46.46
CA ASN B 436 2.27 39.64 -47.47
C ASN B 436 1.29 38.77 -48.27
N GLU B 437 0.09 39.30 -48.50
CA GLU B 437 -0.92 38.52 -49.21
C GLU B 437 -0.62 38.48 -50.71
N ASP B 438 -0.11 39.57 -51.27
CA ASP B 438 0.26 39.57 -52.68
C ASP B 438 1.47 38.65 -52.94
N THR B 439 2.40 38.59 -51.99
CA THR B 439 3.55 37.69 -52.15
C THR B 439 3.12 36.24 -52.06
N ILE B 440 2.30 35.90 -51.07
CA ILE B 440 1.78 34.53 -50.95
C ILE B 440 1.02 34.15 -52.21
N SER B 441 0.12 35.03 -52.67
CA SER B 441 -0.64 34.76 -53.89
C SER B 441 0.26 34.63 -55.10
N TYR B 442 1.32 35.43 -55.18
CA TYR B 442 2.23 35.38 -56.32
C TYR B 442 2.93 34.02 -56.41
N PHE B 443 3.49 33.54 -55.30
CA PHE B 443 4.21 32.28 -55.34
C PHE B 443 3.27 31.08 -55.43
N ALA B 444 2.10 31.16 -54.81
CA ALA B 444 1.16 30.05 -54.85
C ALA B 444 0.72 29.73 -56.28
N LYS B 445 0.56 30.75 -57.11
CA LYS B 445 0.09 30.55 -58.47
C LYS B 445 1.20 30.13 -59.43
N HIS B 446 2.42 30.62 -59.24
CA HIS B 446 3.48 30.44 -60.23
C HIS B 446 4.44 29.32 -59.89
N LEU B 447 4.38 28.77 -58.67
CA LEU B 447 5.24 27.64 -58.34
C LEU B 447 4.74 26.40 -59.06
N ARG B 448 5.60 25.80 -59.89
CA ARG B 448 5.23 24.62 -60.66
C ARG B 448 5.49 23.36 -59.83
N PHE B 449 4.64 23.18 -58.82
CA PHE B 449 4.76 22.05 -57.91
C PHE B 449 3.37 21.56 -57.54
N GLY B 450 3.28 20.29 -57.17
CA GLY B 450 2.00 19.71 -56.82
C GLY B 450 1.41 20.28 -55.54
N GLU B 451 2.26 20.61 -54.58
CA GLU B 451 1.84 21.13 -53.30
C GLU B 451 2.59 22.44 -53.02
N VAL B 452 1.86 23.44 -52.56
CA VAL B 452 2.44 24.69 -52.09
C VAL B 452 2.00 24.86 -50.63
N GLN B 453 2.94 24.74 -49.71
CA GLN B 453 2.68 24.90 -48.29
C GLN B 453 2.99 26.33 -47.89
N VAL B 454 1.99 27.05 -47.38
CA VAL B 454 2.12 28.45 -46.99
C VAL B 454 2.24 28.54 -45.48
N ASN B 455 3.36 29.08 -45.00
CA ASN B 455 3.59 29.36 -43.58
C ASN B 455 3.45 28.12 -42.70
N GLY B 456 3.64 26.94 -43.27
CA GLY B 456 3.56 25.72 -42.48
C GLY B 456 3.70 24.50 -43.37
N ILE B 457 3.19 23.38 -42.87
CA ILE B 457 3.16 22.13 -43.62
C ILE B 457 2.07 21.23 -43.05
N LYS B 458 1.29 20.61 -43.93
CA LYS B 458 0.16 19.81 -43.46
C LYS B 458 -0.13 18.68 -44.44
N TYR B 459 -0.13 17.45 -43.93
CA TYR B 459 -0.51 16.26 -44.68
C TYR B 459 -1.45 15.42 -43.81
N SER B 460 -2.42 14.77 -44.44
CA SER B 460 -3.37 13.92 -43.72
C SER B 460 -4.07 13.01 -44.73
N ILE B 461 -4.71 11.96 -44.20
CA ILE B 461 -5.32 10.93 -45.03
C ILE B 461 -6.40 11.50 -45.94
N ASN B 462 -7.01 12.63 -45.55
CA ASN B 462 -8.07 13.22 -46.35
C ASN B 462 -7.56 14.27 -47.33
N LEU B 463 -6.28 14.67 -47.23
CA LEU B 463 -5.71 15.69 -48.12
C LEU B 463 -4.91 15.03 -49.23
N PRO B 464 -5.13 15.41 -50.49
CA PRO B 464 -4.42 14.76 -51.60
C PRO B 464 -2.93 15.06 -51.56
N HIS B 465 -2.14 14.02 -51.83
CA HIS B 465 -0.68 14.11 -51.88
C HIS B 465 -0.22 13.58 -53.23
N PHE B 466 0.51 14.41 -53.97
CA PHE B 466 0.82 14.08 -55.35
C PHE B 466 1.94 14.98 -55.85
N GLY B 467 2.63 14.50 -56.89
CA GLY B 467 3.61 15.31 -57.57
C GLY B 467 3.25 15.44 -59.05
N ILE B 468 3.78 16.48 -59.66
CA ILE B 468 3.66 16.69 -61.10
C ILE B 468 5.05 16.57 -61.72
N LYS B 469 5.15 16.85 -63.02
CA LYS B 469 6.43 16.86 -63.76
C LYS B 469 7.08 15.49 -63.59
N GLN B 470 8.36 15.41 -63.23
CA GLN B 470 9.05 14.13 -63.12
C GLN B 470 8.94 13.51 -61.73
N SER B 471 8.10 14.05 -60.85
CA SER B 471 7.89 13.47 -59.53
C SER B 471 6.80 12.42 -59.47
N GLY B 472 6.04 12.21 -60.54
CA GLY B 472 5.23 11.01 -60.61
C GLY B 472 3.87 11.24 -61.21
N VAL B 473 3.03 10.21 -61.10
CA VAL B 473 1.67 10.19 -61.62
C VAL B 473 0.73 9.70 -60.52
N GLY B 474 -0.47 10.27 -60.47
CA GLY B 474 -1.48 9.81 -59.53
C GLY B 474 -1.46 10.58 -58.22
N VAL B 475 -2.36 10.18 -57.33
CA VAL B 475 -2.58 10.87 -56.06
C VAL B 475 -2.65 9.84 -54.93
N ASP B 476 -1.99 10.15 -53.82
CA ASP B 476 -2.10 9.41 -52.58
C ASP B 476 -2.90 10.21 -51.56
N CYS B 477 -3.63 9.48 -50.70
CA CYS B 477 -4.62 10.06 -49.78
C CYS B 477 -5.78 10.74 -50.51
N SER B 478 -6.79 11.16 -49.74
CA SER B 478 -8.01 11.79 -50.22
C SER B 478 -8.85 10.82 -51.05
N LEU B 479 -10.05 11.26 -51.45
CA LEU B 479 -10.90 10.42 -52.29
C LEU B 479 -10.26 10.16 -53.66
N LEU B 480 -9.34 11.01 -54.09
CA LEU B 480 -8.73 10.84 -55.41
C LEU B 480 -7.88 9.57 -55.49
N ALA B 481 -7.39 9.06 -54.36
CA ALA B 481 -6.57 7.84 -54.40
C ALA B 481 -7.33 6.63 -54.93
N LEU B 482 -8.66 6.63 -54.80
CA LEU B 482 -9.46 5.54 -55.35
C LEU B 482 -9.49 5.53 -56.88
N ASP B 483 -9.07 6.62 -57.53
CA ASP B 483 -9.16 6.70 -58.99
C ASP B 483 -8.37 5.58 -59.67
N ASP B 484 -7.21 5.24 -59.12
CA ASP B 484 -6.37 4.23 -59.76
C ASP B 484 -6.98 2.84 -59.68
N TYR B 485 -7.83 2.60 -58.69
CA TYR B 485 -8.36 1.28 -58.42
C TYR B 485 -9.82 1.11 -58.87
N LEU B 486 -10.41 2.14 -59.44
CA LEU B 486 -11.79 2.10 -59.91
C LEU B 486 -11.83 2.48 -61.39
N ALA B 487 -12.60 1.73 -62.17
CA ALA B 487 -12.79 2.01 -63.59
C ALA B 487 -14.23 2.45 -63.83
N TYR B 488 -14.41 3.36 -64.78
CA TYR B 488 -15.73 3.89 -65.09
C TYR B 488 -16.53 2.90 -65.94
N LYS B 489 -17.86 3.04 -65.88
CA LYS B 489 -18.75 2.34 -66.79
C LYS B 489 -19.91 3.26 -67.14
N ARG B 490 -20.22 3.36 -68.43
CA ARG B 490 -21.36 4.13 -68.92
C ARG B 490 -22.41 3.18 -69.48
N VAL B 491 -23.58 3.16 -68.85
CA VAL B 491 -24.74 2.44 -69.36
C VAL B 491 -25.63 3.45 -70.04
N SER B 492 -25.84 3.30 -71.35
CA SER B 492 -26.67 4.20 -72.13
C SER B 492 -27.81 3.40 -72.75
N ARG B 493 -29.04 3.82 -72.46
CA ARG B 493 -30.23 3.10 -72.89
C ARG B 493 -31.11 3.99 -73.76
N ALA B 494 -31.62 3.43 -74.84
CA ALA B 494 -32.55 4.15 -75.70
C ALA B 494 -33.91 4.27 -75.03
N LEU B 495 -34.45 5.49 -75.01
CA LEU B 495 -35.71 5.72 -74.33
C LEU B 495 -36.91 5.26 -75.15
N LYS B 496 -36.79 5.25 -76.48
CA LYS B 496 -37.87 4.77 -77.34
C LYS B 496 -37.88 3.27 -77.51
N VAL B 497 -36.99 2.55 -76.82
CA VAL B 497 -36.83 1.09 -76.85
C VAL B 497 -36.99 0.51 -78.26
N MET C 1 23.89 -30.72 31.24
CA MET C 1 23.08 -29.67 30.64
C MET C 1 21.64 -30.14 30.46
N GLY C 2 20.90 -30.19 31.58
CA GLY C 2 19.48 -30.54 31.51
C GLY C 2 18.65 -29.50 30.79
N SER C 3 19.00 -28.22 30.93
CA SER C 3 18.29 -27.14 30.26
C SER C 3 18.70 -26.96 28.81
N SER C 4 19.82 -27.57 28.40
CA SER C 4 20.43 -27.51 27.07
C SER C 4 21.14 -26.20 26.78
N HIS C 5 21.23 -25.29 27.75
CA HIS C 5 22.00 -24.06 27.59
C HIS C 5 23.45 -24.38 27.91
N HIS C 6 24.26 -24.54 26.87
CA HIS C 6 25.68 -24.83 27.04
C HIS C 6 26.45 -23.54 27.24
N HIS C 7 27.09 -23.41 28.41
CA HIS C 7 27.84 -22.21 28.73
C HIS C 7 29.08 -22.07 27.83
N HIS C 8 29.63 -20.87 27.82
CA HIS C 8 30.83 -20.58 27.03
C HIS C 8 32.10 -20.83 27.82
N SER C 23 19.00 -10.28 49.45
CA SER C 23 18.55 -9.03 48.86
C SER C 23 17.40 -8.41 49.67
N LEU C 24 17.74 -7.43 50.51
CA LEU C 24 16.77 -6.85 51.41
C LEU C 24 15.95 -5.74 50.77
N SER C 25 16.59 -4.83 50.04
CA SER C 25 15.90 -3.64 49.53
C SER C 25 16.73 -3.05 48.40
N LYS C 26 16.11 -2.91 47.22
CA LYS C 26 16.82 -2.41 46.05
C LYS C 26 16.05 -1.28 45.42
N GLN C 27 16.78 -0.26 44.97
CA GLN C 27 16.20 0.96 44.43
C GLN C 27 16.20 0.92 42.91
N LEU C 28 15.43 1.82 42.33
CA LEU C 28 15.38 1.96 40.88
C LEU C 28 16.69 2.51 40.34
N TYR C 29 17.14 1.97 39.21
CA TYR C 29 18.34 2.47 38.52
C TYR C 29 17.89 3.23 37.28
N ILE C 30 17.84 4.56 37.39
CA ILE C 30 17.32 5.43 36.35
C ILE C 30 18.25 6.63 36.23
N GLY C 31 18.69 6.93 35.01
CA GLY C 31 19.56 8.07 34.77
C GLY C 31 20.88 8.02 35.52
N GLY C 32 21.43 6.81 35.70
CA GLY C 32 22.72 6.68 36.36
C GLY C 32 22.69 6.83 37.86
N LYS C 33 21.51 6.88 38.47
CA LYS C 33 21.36 7.04 39.90
C LYS C 33 20.41 5.99 40.45
N LEU C 34 20.68 5.55 41.68
CA LEU C 34 19.77 4.67 42.42
C LEU C 34 18.81 5.55 43.21
N ILE C 35 17.52 5.46 42.89
CA ILE C 35 16.53 6.35 43.47
C ILE C 35 15.38 5.52 44.05
N THR C 36 14.65 6.14 44.97
CA THR C 36 13.45 5.55 45.53
C THR C 36 12.22 6.16 44.87
N SER C 37 11.05 5.67 45.26
CA SER C 37 9.78 6.16 44.77
C SER C 37 8.80 6.19 45.91
N ASP C 38 7.56 6.59 45.60
CA ASP C 38 6.50 6.62 46.60
C ASP C 38 5.92 5.23 46.87
N ALA C 39 6.28 4.24 46.08
CA ALA C 39 5.71 2.90 46.16
C ALA C 39 6.80 1.89 46.50
N THR C 40 6.36 0.64 46.69
CA THR C 40 7.25 -0.44 47.11
C THR C 40 6.55 -1.77 46.84
N THR C 41 7.28 -2.71 46.25
CA THR C 41 6.75 -4.02 45.89
C THR C 41 7.49 -5.10 46.67
N GLU C 42 6.72 -5.97 47.33
CA GLU C 42 7.30 -7.09 48.07
C GLU C 42 7.51 -8.28 47.15
N ILE C 43 8.54 -9.08 47.45
CA ILE C 43 8.89 -10.26 46.67
C ILE C 43 8.64 -11.50 47.53
N ILE C 44 7.78 -12.40 47.05
CA ILE C 44 7.40 -13.62 47.76
C ILE C 44 8.10 -14.81 47.10
N ASN C 45 8.75 -15.64 47.91
CA ASN C 45 9.35 -16.87 47.40
C ASN C 45 8.26 -17.90 47.14
N PRO C 46 8.20 -18.49 45.93
CA PRO C 46 7.11 -19.41 45.62
C PRO C 46 7.20 -20.77 46.30
N ALA C 47 8.29 -21.06 47.01
CA ALA C 47 8.37 -22.28 47.79
C ALA C 47 7.99 -22.08 49.25
N THR C 48 8.50 -21.02 49.89
CA THR C 48 8.24 -20.80 51.30
C THR C 48 7.07 -19.87 51.55
N LEU C 49 6.62 -19.12 50.54
CA LEU C 49 5.54 -18.15 50.65
C LEU C 49 5.88 -17.05 51.66
N GLU C 50 7.16 -16.83 51.89
CA GLU C 50 7.64 -15.76 52.77
C GLU C 50 8.23 -14.63 51.95
N ILE C 51 8.18 -13.42 52.51
CA ILE C 51 8.81 -12.27 51.89
C ILE C 51 10.32 -12.45 51.92
N VAL C 52 10.97 -12.26 50.77
CA VAL C 52 12.42 -12.39 50.68
C VAL C 52 13.09 -11.11 50.21
N GLY C 53 12.35 -10.10 49.75
CA GLY C 53 12.99 -8.92 49.21
C GLY C 53 12.00 -7.79 48.98
N GLU C 54 12.57 -6.65 48.59
CA GLU C 54 11.80 -5.43 48.45
C GLU C 54 12.43 -4.57 47.36
N ILE C 55 11.59 -4.00 46.50
CA ILE C 55 12.04 -3.09 45.46
C ILE C 55 11.20 -1.83 45.50
N SER C 56 11.82 -0.71 45.14
CA SER C 56 11.11 0.54 44.89
C SER C 56 10.35 0.38 43.58
N ALA C 57 9.01 0.46 43.64
CA ALA C 57 8.20 0.28 42.45
C ALA C 57 8.14 1.59 41.65
N ALA C 58 8.23 1.46 40.33
CA ALA C 58 8.16 2.62 39.46
C ALA C 58 6.72 2.98 39.15
N GLY C 59 6.48 4.29 39.00
CA GLY C 59 5.27 4.79 38.40
C GLY C 59 5.52 5.27 36.97
N ILE C 60 4.49 5.85 36.37
CA ILE C 60 4.64 6.37 35.03
C ILE C 60 5.62 7.54 35.01
N ASN C 61 5.75 8.25 36.14
CA ASN C 61 6.75 9.32 36.21
C ASN C 61 8.16 8.75 36.18
N GLU C 62 8.41 7.66 36.91
CA GLU C 62 9.73 7.03 36.86
C GLU C 62 9.99 6.42 35.50
N ALA C 63 8.96 5.85 34.88
CA ALA C 63 9.12 5.28 33.53
C ALA C 63 9.44 6.36 32.51
N ASN C 64 8.81 7.52 32.61
CA ASN C 64 9.13 8.61 31.71
C ASN C 64 10.48 9.23 32.02
N MET C 65 10.91 9.19 33.29
CA MET C 65 12.27 9.60 33.61
C MET C 65 13.30 8.71 32.94
N ALA C 66 13.06 7.39 32.95
CA ALA C 66 13.99 6.46 32.32
C ALA C 66 14.01 6.65 30.80
N LEU C 67 12.84 6.79 30.18
CA LEU C 67 12.79 7.02 28.74
C LEU C 67 13.50 8.31 28.35
N GLU C 68 13.31 9.38 29.13
CA GLU C 68 13.91 10.66 28.78
C GLU C 68 15.43 10.65 29.02
N SER C 69 15.89 9.99 30.09
CA SER C 69 17.32 9.90 30.31
C SER C 69 17.99 9.04 29.25
N ALA C 70 17.31 7.97 28.81
CA ALA C 70 17.84 7.15 27.72
C ALA C 70 17.87 7.93 26.41
N GLN C 71 16.83 8.72 26.14
CA GLN C 71 16.83 9.54 24.94
C GLN C 71 17.97 10.55 24.96
N GLU C 72 18.16 11.23 26.09
CA GLU C 72 19.22 12.22 26.19
C GLU C 72 20.60 11.62 26.01
N ALA C 73 20.78 10.34 26.36
CA ALA C 73 22.08 9.69 26.27
C ALA C 73 22.40 9.16 24.87
N PHE C 74 21.43 9.14 23.96
CA PHE C 74 21.63 8.43 22.69
C PHE C 74 22.73 9.07 21.87
N SER C 75 22.70 10.39 21.71
CA SER C 75 23.69 11.06 20.87
C SER C 75 25.10 10.83 21.40
N SER C 76 25.26 10.83 22.72
CA SER C 76 26.59 10.59 23.31
C SER C 76 26.97 9.13 23.27
N TRP C 77 26.02 8.23 23.58
CA TRP C 77 26.33 6.81 23.64
C TRP C 77 26.48 6.21 22.24
N SER C 78 25.61 6.58 21.30
CA SER C 78 25.69 6.04 19.95
C SER C 78 26.97 6.47 19.25
N THR C 79 27.49 7.65 19.57
CA THR C 79 28.72 8.14 18.97
C THR C 79 29.98 7.69 19.70
N THR C 80 29.82 7.02 20.84
CA THR C 80 30.97 6.42 21.52
C THR C 80 31.55 5.31 20.67
N PRO C 81 32.86 5.27 20.45
CA PRO C 81 33.45 4.21 19.61
C PRO C 81 33.08 2.82 20.10
N ALA C 82 32.97 1.88 19.14
CA ALA C 82 32.61 0.52 19.48
C ALA C 82 33.61 -0.12 20.45
N ILE C 83 34.90 0.25 20.33
CA ILE C 83 35.89 -0.26 21.26
C ILE C 83 35.58 0.19 22.69
N GLU C 84 35.24 1.47 22.85
CA GLU C 84 34.99 2.01 24.18
C GLU C 84 33.70 1.47 24.78
N ARG C 85 32.66 1.25 23.95
CA ARG C 85 31.45 0.63 24.45
C ARG C 85 31.70 -0.79 24.93
N ALA C 86 32.47 -1.57 24.16
CA ALA C 86 32.84 -2.90 24.61
C ALA C 86 33.67 -2.87 25.89
N GLN C 87 34.43 -1.79 26.10
CA GLN C 87 35.15 -1.64 27.37
C GLN C 87 34.19 -1.53 28.53
N TRP C 88 33.13 -0.72 28.38
CA TRP C 88 32.12 -0.64 29.43
C TRP C 88 31.42 -1.97 29.64
N MET C 89 31.20 -2.72 28.54
CA MET C 89 30.55 -4.03 28.67
C MET C 89 31.43 -5.00 29.46
N LEU C 90 32.75 -4.92 29.29
CA LEU C 90 33.63 -5.79 30.05
C LEU C 90 33.81 -5.30 31.49
N LYS C 91 33.73 -3.99 31.71
CA LYS C 91 33.75 -3.48 33.08
C LYS C 91 32.51 -3.91 33.85
N LEU C 92 31.35 -3.95 33.18
CA LEU C 92 30.17 -4.51 33.81
C LEU C 92 30.33 -6.02 34.01
N ARG C 93 30.90 -6.72 33.02
CA ARG C 93 31.10 -8.16 33.14
C ARG C 93 31.99 -8.50 34.33
N ASP C 94 33.04 -7.72 34.56
CA ASP C 94 33.90 -7.97 35.71
C ASP C 94 33.15 -7.77 37.01
N ALA C 95 32.24 -6.78 37.06
CA ALA C 95 31.43 -6.59 38.26
C ALA C 95 30.40 -7.69 38.43
N VAL C 96 29.91 -8.25 37.32
CA VAL C 96 28.99 -9.39 37.38
C VAL C 96 29.70 -10.58 38.01
N ILE C 97 30.89 -10.91 37.53
CA ILE C 97 31.63 -12.05 38.05
C ILE C 97 31.98 -11.84 39.52
N ALA C 98 32.37 -10.62 39.89
CA ALA C 98 32.71 -10.34 41.28
C ALA C 98 31.51 -10.41 42.21
N ASN C 99 30.29 -10.39 41.68
CA ASN C 99 29.09 -10.47 42.51
C ASN C 99 28.21 -11.65 42.13
N GLU C 100 28.83 -12.72 41.61
CA GLU C 100 28.08 -13.90 41.19
C GLU C 100 27.22 -14.46 42.32
N GLN C 101 27.77 -14.54 43.53
CA GLN C 101 27.03 -15.11 44.65
C GLN C 101 25.73 -14.36 44.88
N HIS C 102 25.78 -13.04 44.96
CA HIS C 102 24.58 -12.25 45.22
C HIS C 102 23.59 -12.35 44.06
N LEU C 103 24.08 -12.33 42.82
CA LEU C 103 23.18 -12.38 41.67
C LEU C 103 22.41 -13.69 41.63
N ARG C 104 23.08 -14.81 41.92
CA ARG C 104 22.39 -16.10 41.91
C ARG C 104 21.48 -16.25 43.12
N GLU C 105 21.87 -15.70 44.28
CA GLU C 105 20.98 -15.70 45.42
C GLU C 105 19.71 -14.90 45.14
N CYS C 106 19.83 -13.81 44.37
CA CYS C 106 18.64 -13.06 43.98
C CYS C 106 17.68 -13.92 43.16
N VAL C 107 18.21 -14.67 42.17
CA VAL C 107 17.37 -15.54 41.35
C VAL C 107 16.82 -16.69 42.19
N HIS C 108 17.65 -17.26 43.05
CA HIS C 108 17.21 -18.31 43.96
C HIS C 108 16.04 -17.84 44.81
N LEU C 109 16.14 -16.63 45.38
CA LEU C 109 15.11 -16.14 46.29
C LEU C 109 13.83 -15.78 45.56
N GLU C 110 13.92 -15.12 44.40
CA GLU C 110 12.74 -14.56 43.77
C GLU C 110 11.84 -15.61 43.12
N MET C 111 12.39 -16.79 42.76
CA MET C 111 11.54 -17.80 42.12
C MET C 111 11.87 -19.22 42.55
N ALA C 112 12.67 -19.39 43.63
CA ALA C 112 12.95 -20.70 44.23
C ALA C 112 13.62 -21.65 43.24
N LYS C 113 14.44 -21.11 42.35
CA LYS C 113 15.15 -21.95 41.39
C LYS C 113 16.28 -22.70 42.09
N PRO C 114 16.45 -24.00 41.82
CA PRO C 114 17.56 -24.74 42.43
C PRO C 114 18.89 -24.07 42.15
N TRP C 115 19.83 -24.25 43.08
CA TRP C 115 21.06 -23.45 43.03
C TRP C 115 21.82 -23.68 41.74
N GLN C 116 21.93 -24.93 41.28
CA GLN C 116 22.64 -25.19 40.04
C GLN C 116 21.91 -24.60 38.84
N SER C 117 20.58 -24.49 38.90
CA SER C 117 19.82 -23.92 37.79
C SER C 117 19.99 -22.41 37.70
N THR C 118 20.39 -21.74 38.78
CA THR C 118 20.68 -20.31 38.73
C THR C 118 21.91 -20.00 37.89
N ALA C 119 22.72 -21.01 37.56
CA ALA C 119 23.91 -20.76 36.74
C ALA C 119 23.55 -20.41 35.31
N ASP C 120 22.46 -20.96 34.78
CA ASP C 120 22.03 -20.60 33.44
C ASP C 120 21.77 -19.10 33.34
N ASP C 121 21.15 -18.53 34.37
CA ASP C 121 20.89 -17.09 34.38
C ASP C 121 22.19 -16.30 34.47
N PHE C 122 23.05 -16.64 35.43
CA PHE C 122 24.27 -15.87 35.66
C PHE C 122 25.23 -16.01 34.49
N GLN C 123 25.44 -17.24 34.01
CA GLN C 123 26.47 -17.48 33.00
C GLN C 123 26.08 -16.85 31.66
N MET C 124 24.80 -16.91 31.28
CA MET C 124 24.39 -16.27 30.04
C MET C 124 24.60 -14.77 30.09
N LEU C 125 24.48 -14.16 31.27
CA LEU C 125 24.79 -12.74 31.42
C LEU C 125 26.27 -12.48 31.13
N VAL C 126 27.14 -13.36 31.60
CA VAL C 126 28.57 -13.22 31.29
C VAL C 126 28.84 -13.52 29.82
N ASP C 127 28.24 -14.59 29.30
CA ASP C 127 28.48 -14.98 27.91
C ASP C 127 28.01 -13.91 26.93
N SER C 128 26.87 -13.28 27.22
CA SER C 128 26.34 -12.29 26.28
C SER C 128 27.18 -11.01 26.31
N LEU C 129 27.64 -10.60 27.49
CA LEU C 129 28.53 -9.45 27.57
C LEU C 129 29.82 -9.70 26.80
N ASN C 130 30.35 -10.92 26.86
CA ASN C 130 31.55 -11.26 26.10
C ASN C 130 31.27 -11.36 24.60
N PHE C 131 30.22 -12.08 24.22
CA PHE C 131 29.96 -12.35 22.81
C PHE C 131 29.73 -11.07 22.03
N TYR C 132 28.93 -10.14 22.57
CA TYR C 132 28.59 -8.94 21.81
C TYR C 132 29.63 -7.83 21.95
N ALA C 133 30.41 -7.81 23.04
CA ALA C 133 31.56 -6.93 23.08
C ALA C 133 32.57 -7.28 21.99
N ASP C 134 32.76 -8.57 21.73
CA ASP C 134 33.67 -9.02 20.68
C ASP C 134 33.07 -8.86 19.29
N ALA C 135 31.75 -9.05 19.16
CA ALA C 135 31.13 -9.02 17.83
C ALA C 135 31.07 -7.60 17.28
N ILE C 136 30.79 -6.61 18.13
CA ILE C 136 30.56 -5.26 17.65
C ILE C 136 31.85 -4.66 17.10
N VAL C 137 33.00 -5.07 17.62
CA VAL C 137 34.28 -4.51 17.18
C VAL C 137 34.77 -5.18 15.90
N ASN C 138 34.07 -6.20 15.40
CA ASN C 138 34.39 -6.83 14.13
C ASN C 138 33.38 -6.48 13.04
N ILE C 139 32.49 -5.52 13.28
CA ILE C 139 31.52 -5.10 12.27
C ILE C 139 32.24 -4.22 11.26
N ALA C 140 32.16 -4.59 9.98
CA ALA C 140 32.82 -3.87 8.91
C ALA C 140 31.82 -3.44 7.85
N ASP C 141 32.14 -2.36 7.15
CA ASP C 141 31.29 -1.89 6.06
C ASP C 141 31.29 -2.91 4.91
N GLU C 142 30.30 -2.77 4.04
CA GLU C 142 30.13 -3.65 2.89
C GLU C 142 29.94 -2.79 1.64
N GLU C 143 30.85 -2.95 0.67
CA GLU C 143 30.71 -2.25 -0.60
C GLU C 143 29.73 -3.00 -1.49
N ILE C 144 28.87 -2.24 -2.16
CA ILE C 144 27.88 -2.77 -3.07
C ILE C 144 28.25 -2.37 -4.50
N LYS C 145 28.27 -3.35 -5.40
CA LYS C 145 28.67 -3.09 -6.78
C LYS C 145 27.60 -2.31 -7.52
N ASP C 146 28.04 -1.36 -8.34
CA ASP C 146 27.16 -0.61 -9.22
C ASP C 146 27.24 -1.23 -10.61
N ASN C 147 26.11 -1.71 -11.11
CA ASN C 147 26.09 -2.42 -12.39
C ASN C 147 26.37 -1.50 -13.57
N GLU C 148 26.19 -0.19 -13.40
CA GLU C 148 26.37 0.77 -14.48
C GLU C 148 27.68 1.53 -14.36
N GLY C 149 28.46 1.27 -13.31
CA GLY C 149 29.76 1.90 -13.15
C GLY C 149 29.72 3.40 -12.96
N THR C 150 28.58 3.95 -12.52
CA THR C 150 28.44 5.40 -12.39
C THR C 150 28.55 5.88 -10.95
N HIS C 151 28.39 5.00 -9.97
CA HIS C 151 28.36 5.41 -8.57
C HIS C 151 29.14 4.41 -7.71
N SER C 152 29.59 4.88 -6.57
CA SER C 152 30.11 4.02 -5.50
C SER C 152 29.03 3.84 -4.45
N HIS C 153 29.11 2.72 -3.72
CA HIS C 153 28.09 2.36 -2.73
C HIS C 153 28.75 1.73 -1.52
N VAL C 154 28.56 2.33 -0.35
CA VAL C 154 29.06 1.81 0.91
C VAL C 154 27.86 1.59 1.83
N LEU C 155 27.70 0.35 2.31
CA LEU C 155 26.62 -0.03 3.21
C LEU C 155 27.19 -0.23 4.60
N SER C 156 26.70 0.56 5.56
CA SER C 156 27.18 0.52 6.94
C SER C 156 26.00 0.36 7.89
N ARG C 157 26.31 0.21 9.18
CA ARG C 157 25.31 0.00 10.22
C ARG C 157 25.57 0.94 11.39
N GLU C 158 24.50 1.55 11.90
CA GLU C 158 24.58 2.54 12.96
C GLU C 158 23.58 2.22 14.07
N PRO C 159 23.80 2.74 15.27
CA PRO C 159 22.80 2.58 16.34
C PRO C 159 21.44 3.11 15.92
N VAL C 160 20.39 2.36 16.29
CA VAL C 160 19.06 2.69 15.80
C VAL C 160 18.32 3.69 16.68
N GLY C 161 18.54 3.66 17.99
CA GLY C 161 17.85 4.56 18.89
C GLY C 161 17.72 3.96 20.27
N VAL C 162 16.70 4.39 21.01
CA VAL C 162 16.45 3.89 22.35
C VAL C 162 15.70 2.57 22.26
N ALA C 163 16.10 1.60 23.08
CA ALA C 163 15.45 0.31 23.13
C ALA C 163 14.78 0.09 24.48
N ALA C 164 13.63 -0.57 24.45
CA ALA C 164 12.92 -0.97 25.66
C ALA C 164 12.69 -2.47 25.63
N ALA C 165 12.91 -3.12 26.77
CA ALA C 165 12.77 -4.58 26.87
C ALA C 165 11.81 -4.94 28.00
N PHE C 166 10.86 -5.82 27.70
CA PHE C 166 9.95 -6.41 28.67
C PHE C 166 10.35 -7.86 28.90
N LEU C 167 10.77 -8.18 30.12
CA LEU C 167 11.35 -9.49 30.41
C LEU C 167 10.35 -10.40 31.14
N ALA C 168 10.37 -11.67 30.78
CA ALA C 168 9.60 -12.66 31.51
C ALA C 168 10.32 -13.13 32.76
N TRP C 169 9.59 -13.85 33.61
CA TRP C 169 10.08 -14.29 34.91
C TRP C 169 10.82 -15.62 34.87
N ASN C 170 10.70 -16.40 33.79
CA ASN C 170 11.20 -17.77 33.83
C ASN C 170 12.73 -17.83 33.88
N PHE C 171 13.41 -16.86 33.26
CA PHE C 171 14.87 -16.74 33.32
C PHE C 171 15.22 -15.28 33.53
N PRO C 172 15.18 -14.80 34.77
CA PRO C 172 15.27 -13.34 34.97
C PRO C 172 16.55 -12.71 34.45
N LEU C 173 17.71 -13.34 34.65
CA LEU C 173 18.96 -12.77 34.17
C LEU C 173 19.30 -13.20 32.75
N LEU C 174 18.97 -14.44 32.37
CA LEU C 174 19.21 -14.87 30.99
C LEU C 174 18.36 -14.06 30.01
N ASN C 175 17.09 -13.82 30.35
CA ASN C 175 16.25 -12.95 29.52
C ASN C 175 16.82 -11.53 29.46
N LEU C 176 17.36 -11.03 30.58
CA LEU C 176 18.05 -9.75 30.57
C LEU C 176 19.28 -9.81 29.66
N ALA C 177 20.05 -10.91 29.75
CA ALA C 177 21.26 -11.06 28.95
C ALA C 177 20.96 -10.93 27.46
N TYR C 178 19.85 -11.51 27.00
CA TYR C 178 19.56 -11.52 25.56
C TYR C 178 19.38 -10.12 25.01
N LYS C 179 18.95 -9.17 25.84
CA LYS C 179 18.71 -7.81 25.38
C LYS C 179 19.79 -6.84 25.80
N LEU C 180 20.42 -7.05 26.96
CA LEU C 180 21.41 -6.11 27.47
C LEU C 180 22.68 -6.13 26.62
N GLY C 181 23.16 -7.32 26.26
CA GLY C 181 24.34 -7.48 25.44
C GLY C 181 24.26 -6.72 24.12
N PRO C 182 23.32 -7.10 23.26
CA PRO C 182 23.21 -6.42 21.95
C PRO C 182 22.98 -4.93 22.04
N ALA C 183 22.11 -4.49 22.97
CA ALA C 183 21.77 -3.07 23.05
C ALA C 183 22.97 -2.23 23.47
N MET C 184 23.71 -2.69 24.50
CA MET C 184 24.92 -1.98 24.90
C MET C 184 25.92 -1.93 23.76
N ALA C 185 26.17 -3.07 23.10
CA ALA C 185 27.16 -3.12 22.04
C ALA C 185 26.77 -2.20 20.88
N ALA C 186 25.50 -2.22 20.49
CA ALA C 186 25.04 -1.41 19.38
C ALA C 186 24.76 0.04 19.76
N GLY C 187 25.12 0.47 20.96
CA GLY C 187 24.95 1.86 21.34
C GLY C 187 23.51 2.33 21.44
N CYS C 188 22.59 1.44 21.83
CA CYS C 188 21.20 1.82 22.08
C CYS C 188 20.93 1.94 23.56
N PRO C 189 20.67 3.13 24.10
CA PRO C 189 20.28 3.23 25.51
C PRO C 189 19.08 2.36 25.80
N LEU C 190 19.17 1.58 26.87
CA LEU C 190 18.22 0.51 27.14
C LEU C 190 17.36 0.84 28.35
N VAL C 191 16.05 0.65 28.20
CA VAL C 191 15.10 0.69 29.31
C VAL C 191 14.57 -0.72 29.50
N VAL C 192 14.85 -1.33 30.64
CA VAL C 192 14.49 -2.71 30.93
C VAL C 192 13.38 -2.72 31.98
N LYS C 193 12.33 -3.50 31.70
CA LYS C 193 11.24 -3.70 32.66
C LYS C 193 11.24 -5.18 33.04
N PRO C 194 11.87 -5.56 34.14
CA PRO C 194 11.78 -6.95 34.61
C PRO C 194 10.36 -7.27 35.05
N SER C 195 10.05 -8.56 35.06
CA SER C 195 8.76 -8.99 35.60
C SER C 195 8.69 -8.62 37.08
N SER C 196 7.55 -8.08 37.50
CA SER C 196 7.38 -7.74 38.91
C SER C 196 7.42 -8.98 39.81
N LYS C 197 7.29 -10.18 39.24
CA LYS C 197 7.43 -11.39 40.04
C LYS C 197 8.89 -11.66 40.38
N THR C 198 9.82 -11.27 39.50
CA THR C 198 11.24 -11.58 39.67
C THR C 198 12.08 -10.36 39.29
N PRO C 199 12.00 -9.28 40.09
CA PRO C 199 12.76 -8.07 39.74
C PRO C 199 14.08 -7.95 40.49
N LEU C 200 14.27 -8.80 41.50
CA LEU C 200 15.41 -8.66 42.40
C LEU C 200 16.73 -8.77 41.65
N SER C 201 16.88 -9.81 40.82
CA SER C 201 18.15 -10.04 40.12
C SER C 201 18.51 -8.88 39.20
N ALA C 202 17.54 -8.34 38.46
CA ALA C 202 17.85 -7.27 37.53
C ALA C 202 18.12 -5.96 38.26
N TYR C 203 17.40 -5.70 39.35
CA TYR C 203 17.72 -4.52 40.16
C TYR C 203 19.15 -4.58 40.67
N ALA C 204 19.67 -5.78 40.92
CA ALA C 204 21.04 -5.95 41.37
C ALA C 204 22.03 -5.61 40.26
N VAL C 205 21.69 -5.91 39.00
CA VAL C 205 22.55 -5.50 37.90
C VAL C 205 22.57 -3.98 37.79
N GLY C 206 21.42 -3.34 38.00
CA GLY C 206 21.39 -1.88 38.03
C GLY C 206 22.30 -1.30 39.10
N GLU C 207 22.35 -1.94 40.28
CA GLU C 207 23.30 -1.54 41.30
C GLU C 207 24.74 -1.65 40.78
N LEU C 208 25.04 -2.72 40.04
CA LEU C 208 26.38 -2.89 39.49
C LEU C 208 26.71 -1.81 38.47
N CYS C 209 25.74 -1.45 37.63
CA CYS C 209 25.95 -0.37 36.67
C CYS C 209 26.31 0.93 37.39
N GLU C 210 25.54 1.28 38.42
CA GLU C 210 25.84 2.47 39.20
C GLU C 210 27.21 2.40 39.84
N GLN C 211 27.60 1.20 40.30
CA GLN C 211 28.89 1.04 40.96
C GLN C 211 30.06 1.33 40.03
N ILE C 212 30.00 0.81 38.80
CA ILE C 212 31.08 1.04 37.84
C ILE C 212 30.98 2.39 37.16
N GLY C 213 29.99 3.20 37.50
CA GLY C 213 29.83 4.51 36.88
C GLY C 213 29.47 4.47 35.42
N LEU C 214 28.54 3.60 35.03
CA LEU C 214 28.09 3.56 33.66
C LEU C 214 27.44 4.90 33.29
N PRO C 215 27.69 5.42 32.08
CA PRO C 215 27.13 6.71 31.70
C PRO C 215 25.61 6.74 31.88
N ALA C 216 25.10 7.89 32.33
CA ALA C 216 23.70 8.00 32.70
C ALA C 216 22.80 7.79 31.50
N GLY C 217 21.71 7.06 31.70
CA GLY C 217 20.73 6.79 30.67
C GLY C 217 21.04 5.61 29.76
N VAL C 218 22.26 5.08 29.81
CA VAL C 218 22.63 3.97 28.93
C VAL C 218 21.88 2.70 29.30
N VAL C 219 21.70 2.46 30.60
CA VAL C 219 20.95 1.31 31.08
C VAL C 219 20.00 1.81 32.18
N ASN C 220 18.74 1.42 32.10
CA ASN C 220 17.75 1.80 33.10
C ASN C 220 16.91 0.58 33.44
N ILE C 221 16.70 0.36 34.73
CA ILE C 221 15.99 -0.82 35.22
C ILE C 221 14.90 -0.37 36.18
N LEU C 222 13.66 -0.76 35.90
CA LEU C 222 12.52 -0.36 36.71
C LEU C 222 11.42 -1.40 36.58
N SER C 223 10.67 -1.59 37.67
CA SER C 223 9.57 -2.54 37.74
C SER C 223 8.32 -1.81 38.20
N GLY C 224 7.17 -2.20 37.64
CA GLY C 224 5.89 -1.61 38.01
C GLY C 224 4.75 -2.32 37.31
N MET C 225 3.54 -1.79 37.53
CA MET C 225 2.34 -2.40 36.98
C MET C 225 2.35 -2.37 35.45
N ASP C 226 1.75 -3.40 34.85
CA ASP C 226 1.73 -3.52 33.40
C ASP C 226 0.76 -2.52 32.75
N SER C 227 -0.45 -2.39 33.29
CA SER C 227 -1.43 -1.52 32.65
C SER C 227 -1.04 -0.05 32.75
N THR C 228 -0.15 0.31 33.67
CA THR C 228 0.31 1.69 33.80
C THR C 228 1.75 1.85 33.33
N VAL C 229 2.71 1.24 34.02
CA VAL C 229 4.12 1.43 33.67
C VAL C 229 4.44 0.78 32.33
N GLY C 230 3.96 -0.44 32.10
CA GLY C 230 4.28 -1.14 30.87
C GLY C 230 3.68 -0.46 29.65
N ASP C 231 2.40 -0.04 29.76
CA ASP C 231 1.76 0.67 28.66
C ASP C 231 2.41 2.03 28.41
N ALA C 232 2.89 2.70 29.46
CA ALA C 232 3.56 3.97 29.29
C ALA C 232 4.86 3.83 28.50
N ILE C 233 5.54 2.69 28.65
CA ILE C 233 6.77 2.49 27.88
C ILE C 233 6.45 2.22 26.42
N SER C 234 5.49 1.34 26.15
CA SER C 234 5.13 1.02 24.76
C SER C 234 4.51 2.22 24.05
N ALA C 235 3.63 2.96 24.73
CA ALA C 235 2.97 4.09 24.09
C ALA C 235 3.89 5.28 23.91
N SER C 236 5.02 5.34 24.63
CA SER C 236 6.00 6.40 24.44
C SER C 236 6.45 6.45 22.99
N THR C 237 6.70 7.66 22.49
CA THR C 237 7.24 7.82 21.14
C THR C 237 8.76 7.80 21.11
N ILE C 238 9.40 7.68 22.27
CA ILE C 238 10.86 7.69 22.37
C ILE C 238 11.46 6.37 21.87
N PRO C 239 10.98 5.20 22.30
CA PRO C 239 11.64 3.95 21.87
C PRO C 239 11.57 3.73 20.36
N SER C 240 12.70 3.31 19.80
CA SER C 240 12.71 2.86 18.40
C SER C 240 12.50 1.37 18.28
N VAL C 241 12.88 0.59 19.30
CA VAL C 241 12.73 -0.85 19.30
C VAL C 241 12.03 -1.27 20.58
N LEU C 242 10.98 -2.07 20.45
CA LEU C 242 10.31 -2.69 21.58
C LEU C 242 10.54 -4.19 21.47
N THR C 243 11.09 -4.79 22.52
CA THR C 243 11.34 -6.22 22.52
C THR C 243 10.74 -6.86 23.75
N LEU C 244 10.22 -8.07 23.57
CA LEU C 244 9.39 -8.70 24.59
C LEU C 244 9.64 -10.20 24.63
N ILE C 245 9.72 -10.74 25.83
CA ILE C 245 9.66 -12.18 26.07
C ILE C 245 8.46 -12.40 26.97
N GLY C 246 7.41 -13.01 26.43
CA GLY C 246 6.18 -13.15 27.18
C GLY C 246 5.12 -13.96 26.46
N SER C 247 3.86 -13.70 26.76
CA SER C 247 2.76 -14.46 26.18
C SER C 247 2.33 -13.85 24.85
N THR C 248 1.56 -14.64 24.09
CA THR C 248 1.05 -14.16 22.81
C THR C 248 0.06 -13.02 22.99
N ASN C 249 -0.73 -13.04 24.07
CA ASN C 249 -1.72 -12.00 24.28
C ASN C 249 -1.07 -10.66 24.60
N VAL C 250 -0.04 -10.65 25.45
CA VAL C 250 0.63 -9.39 25.72
C VAL C 250 1.45 -8.96 24.52
N GLY C 251 1.89 -9.90 23.68
CA GLY C 251 2.58 -9.53 22.45
C GLY C 251 1.71 -8.69 21.53
N LYS C 252 0.46 -9.11 21.32
CA LYS C 252 -0.47 -8.31 20.53
C LYS C 252 -0.78 -6.98 21.19
N HIS C 253 -0.85 -6.98 22.53
CA HIS C 253 -1.13 -5.74 23.26
C HIS C 253 -0.01 -4.72 23.06
N VAL C 254 1.24 -5.18 23.10
CA VAL C 254 2.37 -4.26 22.96
C VAL C 254 2.41 -3.66 21.55
N ILE C 255 2.11 -4.48 20.52
CA ILE C 255 2.15 -3.99 19.15
C ILE C 255 1.11 -2.88 18.94
N ALA C 256 -0.11 -3.10 19.41
CA ALA C 256 -1.16 -2.10 19.26
C ALA C 256 -0.85 -0.84 20.08
N THR C 257 -0.39 -1.02 21.32
CA THR C 257 -0.10 0.11 22.20
C THR C 257 1.09 0.92 21.70
N GLY C 258 2.05 0.28 21.03
CA GLY C 258 3.21 0.98 20.51
C GLY C 258 2.97 1.75 19.22
N ALA C 259 1.80 1.60 18.61
CA ALA C 259 1.45 2.27 17.36
C ALA C 259 1.37 3.81 17.48
N THR C 260 1.75 4.42 18.61
CA THR C 260 1.85 5.87 18.68
C THR C 260 3.00 6.42 17.85
N SER C 261 3.90 5.55 17.40
CA SER C 261 4.98 5.92 16.49
C SER C 261 5.44 4.65 15.80
N ILE C 262 6.33 4.82 14.82
CA ILE C 262 6.87 3.68 14.08
C ILE C 262 7.99 3.05 14.90
N LYS C 263 7.79 1.78 15.26
CA LYS C 263 8.73 1.05 16.10
C LYS C 263 9.04 -0.31 15.50
N ARG C 264 10.27 -0.78 15.73
CA ARG C 264 10.61 -2.16 15.43
C ARG C 264 10.15 -3.05 16.57
N TYR C 265 9.55 -4.19 16.24
CA TYR C 265 9.09 -5.14 17.23
C TYR C 265 9.88 -6.43 17.10
N SER C 266 10.25 -7.01 18.23
CA SER C 266 10.85 -8.34 18.23
C SER C 266 10.40 -9.04 19.51
N MET C 267 9.98 -10.29 19.39
CA MET C 267 9.44 -10.97 20.55
C MET C 267 9.57 -12.47 20.39
N GLU C 268 9.64 -13.16 21.54
CA GLU C 268 9.52 -14.60 21.63
C GLU C 268 8.30 -14.87 22.50
N LEU C 269 7.33 -15.60 21.95
CA LEU C 269 6.06 -15.75 22.65
C LEU C 269 5.83 -17.19 23.07
N GLY C 270 4.59 -17.66 23.00
CA GLY C 270 4.31 -19.02 23.43
C GLY C 270 4.88 -20.06 22.48
N GLY C 271 5.15 -21.23 23.02
CA GLY C 271 5.59 -22.36 22.21
C GLY C 271 4.67 -23.55 22.40
N ASN C 272 4.78 -24.50 21.47
CA ASN C 272 4.06 -25.79 21.56
C ASN C 272 4.90 -26.83 20.82
N ALA C 273 6.07 -27.13 21.40
CA ALA C 273 7.05 -27.98 20.73
C ALA C 273 6.55 -29.42 20.64
N PRO C 274 6.57 -30.01 19.44
CA PRO C 274 6.40 -31.46 19.32
C PRO C 274 7.73 -32.19 19.44
N ALA C 275 7.71 -33.31 20.14
CA ALA C 275 8.88 -34.18 20.29
C ALA C 275 8.50 -35.57 19.82
N ILE C 276 9.05 -35.99 18.67
CA ILE C 276 8.65 -37.22 18.00
C ILE C 276 9.71 -38.29 18.27
N VAL C 277 9.29 -39.37 18.92
CA VAL C 277 10.17 -40.50 19.22
C VAL C 277 9.74 -41.65 18.31
N CYS C 278 10.54 -41.93 17.29
CA CYS C 278 10.18 -42.90 16.27
C CYS C 278 10.56 -44.33 16.71
N SER C 279 10.20 -45.30 15.87
CA SER C 279 10.41 -46.70 16.20
C SER C 279 11.88 -47.08 16.29
N ASP C 280 12.78 -46.31 15.68
CA ASP C 280 14.20 -46.66 15.64
C ASP C 280 15.06 -45.72 16.47
N ALA C 281 14.46 -45.02 17.43
CA ALA C 281 15.21 -44.04 18.21
C ALA C 281 15.97 -44.71 19.36
N ASN C 282 17.06 -44.06 19.76
CA ASN C 282 17.75 -44.41 20.99
C ASN C 282 16.86 -44.01 22.15
N LEU C 283 16.16 -45.00 22.73
CA LEU C 283 15.15 -44.68 23.74
C LEU C 283 15.77 -44.11 25.01
N ASP C 284 16.97 -44.56 25.38
CA ASP C 284 17.63 -44.00 26.54
C ASP C 284 18.02 -42.54 26.30
N ASN C 285 18.56 -42.25 25.11
CA ASN C 285 18.93 -40.87 24.79
C ASN C 285 17.70 -39.98 24.70
N ALA C 286 16.62 -40.49 24.11
CA ALA C 286 15.40 -39.69 23.96
C ALA C 286 14.76 -39.40 25.31
N ALA C 287 14.75 -40.38 26.22
CA ALA C 287 14.19 -40.15 27.54
C ALA C 287 15.04 -39.19 28.36
N ASP C 288 16.38 -39.29 28.25
CA ASP C 288 17.26 -38.39 28.98
C ASP C 288 17.08 -36.95 28.52
N VAL C 289 16.97 -36.73 27.21
CA VAL C 289 16.85 -35.38 26.69
C VAL C 289 15.49 -34.79 27.05
N ILE C 290 14.42 -35.57 26.85
CA ILE C 290 13.07 -35.05 27.08
C ILE C 290 12.84 -34.82 28.57
N CYS C 291 13.17 -35.81 29.40
CA CYS C 291 13.00 -35.65 30.83
C CYS C 291 13.87 -34.52 31.39
N GLY C 292 15.09 -34.39 30.88
CA GLY C 292 15.98 -33.36 31.39
C GLY C 292 15.41 -31.96 31.23
N VAL C 293 14.90 -31.66 30.03
CA VAL C 293 14.42 -30.31 29.78
C VAL C 293 12.97 -30.13 30.25
N LYS C 294 12.22 -31.21 30.44
CA LYS C 294 10.85 -31.08 30.96
C LYS C 294 10.81 -30.79 32.46
N PHE C 295 11.82 -31.20 33.20
CA PHE C 295 11.85 -30.96 34.64
C PHE C 295 12.83 -29.87 35.06
N ALA C 296 13.75 -29.48 34.18
CA ALA C 296 14.60 -28.32 34.44
C ALA C 296 13.74 -27.06 34.52
N ASN C 297 13.99 -26.23 35.54
CA ASN C 297 13.21 -25.02 35.79
C ASN C 297 11.72 -25.33 35.89
N ALA C 298 11.40 -26.52 36.41
CA ALA C 298 10.02 -26.98 36.54
C ALA C 298 9.27 -26.96 35.20
N GLY C 299 10.00 -27.15 34.10
CA GLY C 299 9.38 -27.14 32.79
C GLY C 299 9.01 -25.77 32.27
N GLN C 300 9.38 -24.71 32.98
CA GLN C 300 9.05 -23.34 32.57
C GLN C 300 10.12 -22.82 31.60
N ILE C 301 10.19 -23.50 30.45
CA ILE C 301 11.20 -23.24 29.42
C ILE C 301 10.49 -23.15 28.08
N CYS C 302 10.79 -22.10 27.33
CA CYS C 302 10.07 -21.83 26.07
C CYS C 302 10.30 -22.91 25.02
N VAL C 303 11.40 -23.65 25.09
CA VAL C 303 11.76 -24.62 24.06
C VAL C 303 11.50 -26.06 24.48
N THR C 304 10.98 -26.28 25.68
CA THR C 304 10.79 -27.65 26.15
C THR C 304 9.66 -28.32 25.37
N PRO C 305 9.74 -29.65 25.20
CA PRO C 305 8.64 -30.38 24.55
C PRO C 305 7.31 -30.12 25.22
N ASN C 306 6.28 -29.94 24.41
CA ASN C 306 4.91 -29.84 24.89
C ASN C 306 4.06 -31.05 24.54
N ARG C 307 4.30 -31.65 23.37
CA ARG C 307 3.61 -32.85 22.94
C ARG C 307 4.65 -33.90 22.60
N VAL C 308 4.69 -34.98 23.36
CA VAL C 308 5.64 -36.07 23.14
C VAL C 308 4.94 -37.15 22.33
N PHE C 309 5.32 -37.28 21.05
CA PHE C 309 4.80 -38.33 20.18
C PHE C 309 5.74 -39.53 20.21
N VAL C 310 5.22 -40.71 20.56
CA VAL C 310 6.01 -41.93 20.65
C VAL C 310 5.38 -43.00 19.78
N HIS C 311 6.21 -43.70 19.00
CA HIS C 311 5.70 -44.71 18.10
C HIS C 311 5.15 -45.92 18.87
N GLU C 312 4.21 -46.61 18.22
CA GLU C 312 3.49 -47.70 18.85
C GLU C 312 4.43 -48.81 19.34
N SER C 313 5.40 -49.17 18.52
CA SER C 313 6.26 -50.32 18.82
C SER C 313 7.18 -50.07 20.00
N VAL C 314 7.48 -48.82 20.33
CA VAL C 314 8.40 -48.49 21.41
C VAL C 314 7.67 -47.76 22.54
N ALA C 315 6.33 -47.75 22.50
CA ALA C 315 5.56 -46.97 23.47
C ALA C 315 5.78 -47.45 24.89
N ASP C 316 5.58 -48.75 25.15
CA ASP C 316 5.69 -49.26 26.52
C ASP C 316 7.11 -49.12 27.05
N GLU C 317 8.11 -49.40 26.21
CA GLU C 317 9.48 -49.31 26.68
C GLU C 317 9.88 -47.86 26.98
N PHE C 318 9.47 -46.92 26.12
CA PHE C 318 9.79 -45.52 26.36
C PHE C 318 9.07 -44.97 27.58
N ILE C 319 7.80 -45.36 27.78
CA ILE C 319 7.04 -44.87 28.92
C ILE C 319 7.71 -45.30 30.22
N GLU C 320 8.15 -46.56 30.30
CA GLU C 320 8.82 -47.05 31.50
C GLU C 320 10.12 -46.28 31.76
N LYS C 321 10.87 -45.98 30.70
CA LYS C 321 12.09 -45.20 30.86
C LYS C 321 11.79 -43.79 31.35
N VAL C 322 10.68 -43.20 30.90
CA VAL C 322 10.30 -41.87 31.34
C VAL C 322 9.87 -41.90 32.81
N LEU C 323 9.08 -42.90 33.19
CA LEU C 323 8.63 -43.00 34.57
C LEU C 323 9.80 -43.20 35.53
N THR C 324 10.81 -43.98 35.11
CA THR C 324 11.97 -44.18 35.96
C THR C 324 12.71 -42.89 36.23
N ARG C 325 12.87 -42.05 35.21
CA ARG C 325 13.57 -40.78 35.41
C ARG C 325 12.72 -39.79 36.20
N ALA C 326 11.43 -39.70 35.88
CA ALA C 326 10.55 -38.76 36.57
C ALA C 326 10.46 -39.05 38.06
N LYS C 327 10.52 -40.32 38.45
CA LYS C 327 10.48 -40.67 39.87
C LYS C 327 11.75 -40.24 40.60
N ALA C 328 12.87 -40.15 39.89
CA ALA C 328 14.13 -39.82 40.53
C ALA C 328 14.33 -38.32 40.74
N VAL C 329 13.42 -37.49 40.24
CA VAL C 329 13.57 -36.05 40.36
C VAL C 329 13.40 -35.63 41.82
N LYS C 330 14.40 -34.94 42.35
CA LYS C 330 14.35 -34.44 43.72
C LYS C 330 13.76 -33.04 43.72
N VAL C 331 12.67 -32.87 44.48
CA VAL C 331 11.86 -31.66 44.46
C VAL C 331 11.98 -30.98 45.82
N GLY C 332 12.22 -29.66 45.81
CA GLY C 332 12.30 -28.93 47.06
C GLY C 332 12.86 -27.54 46.85
N PHE C 333 13.36 -26.95 47.95
CA PHE C 333 13.93 -25.61 47.90
C PHE C 333 14.94 -25.48 49.04
N ASP C 334 16.23 -25.52 48.69
CA ASP C 334 17.33 -25.35 49.62
C ASP C 334 18.64 -25.27 48.85
N LYS C 335 19.30 -24.12 48.85
CA LYS C 335 20.55 -23.99 48.11
C LYS C 335 21.66 -24.85 48.70
N ASN C 336 21.49 -25.37 49.92
CA ASN C 336 22.47 -26.24 50.55
C ASN C 336 21.98 -27.69 50.60
N GLU C 337 21.14 -28.07 49.64
CA GLU C 337 20.77 -29.46 49.42
C GLU C 337 20.83 -29.74 47.92
N ALA C 338 20.80 -31.02 47.58
CA ALA C 338 20.81 -31.43 46.17
C ALA C 338 19.37 -31.49 45.68
N ILE C 339 18.97 -30.49 44.90
CA ILE C 339 17.59 -30.34 44.44
C ILE C 339 17.58 -30.29 42.91
N ASP C 340 16.78 -31.14 42.29
CA ASP C 340 16.61 -31.12 40.84
C ASP C 340 15.61 -30.08 40.37
N MET C 341 14.48 -29.95 41.07
CA MET C 341 13.35 -29.18 40.59
C MET C 341 12.72 -28.40 41.72
N GLY C 342 12.43 -27.11 41.48
CA GLY C 342 11.71 -26.29 42.41
C GLY C 342 10.24 -26.19 42.06
N PRO C 343 9.53 -25.25 42.67
CA PRO C 343 8.10 -25.08 42.41
C PRO C 343 7.87 -24.22 41.17
N VAL C 344 6.60 -24.07 40.79
CA VAL C 344 6.26 -23.15 39.71
C VAL C 344 6.15 -21.74 40.29
N MET C 345 5.86 -20.76 39.42
CA MET C 345 6.09 -19.36 39.76
C MET C 345 5.09 -18.83 40.78
N ASP C 346 3.81 -19.19 40.63
CA ASP C 346 2.78 -18.63 41.49
C ASP C 346 1.55 -19.53 41.43
N ALA C 347 0.50 -19.12 42.16
CA ALA C 347 -0.71 -19.94 42.26
C ALA C 347 -1.47 -19.98 40.94
N ASN C 348 -1.47 -18.88 40.19
CA ASN C 348 -2.13 -18.88 38.89
C ASN C 348 -1.53 -19.93 37.96
N SER C 349 -0.20 -19.98 37.85
CA SER C 349 0.44 -21.02 37.06
C SER C 349 0.12 -22.41 37.59
N TRP C 350 0.12 -22.58 38.91
CA TRP C 350 -0.18 -23.89 39.50
C TRP C 350 -1.58 -24.35 39.10
N GLN C 351 -2.57 -23.47 39.29
CA GLN C 351 -3.94 -23.82 38.91
C GLN C 351 -4.08 -24.03 37.41
N ARG C 352 -3.40 -23.20 36.61
CA ARG C 352 -3.47 -23.36 35.16
C ARG C 352 -2.91 -24.72 34.74
N ILE C 353 -1.77 -25.11 35.31
CA ILE C 353 -1.22 -26.43 35.02
C ILE C 353 -2.16 -27.52 35.50
N ASP C 354 -2.70 -27.37 36.71
CA ASP C 354 -3.56 -28.40 37.27
C ASP C 354 -4.82 -28.59 36.44
N GLU C 355 -5.37 -27.51 35.90
CA GLU C 355 -6.55 -27.62 35.05
C GLU C 355 -6.24 -28.40 33.77
N LEU C 356 -5.04 -28.19 33.20
CA LEU C 356 -4.66 -28.95 32.01
C LEU C 356 -4.57 -30.44 32.31
N VAL C 357 -3.99 -30.80 33.46
CA VAL C 357 -3.85 -32.22 33.79
C VAL C 357 -5.22 -32.84 34.06
N LYS C 358 -6.07 -32.15 34.83
CA LYS C 358 -7.39 -32.68 35.13
C LYS C 358 -8.27 -32.73 33.89
N ASP C 359 -8.18 -31.73 33.02
CA ASP C 359 -8.95 -31.74 31.77
C ASP C 359 -8.61 -32.95 30.93
N ALA C 360 -7.31 -33.27 30.80
CA ALA C 360 -6.90 -34.45 30.05
C ALA C 360 -7.48 -35.73 30.66
N GLN C 361 -7.44 -35.83 32.00
CA GLN C 361 -8.02 -36.99 32.65
C GLN C 361 -9.51 -37.12 32.36
N GLN C 362 -10.23 -35.99 32.35
CA GLN C 362 -11.66 -36.03 32.09
C GLN C 362 -11.99 -36.44 30.67
N ASN C 363 -11.03 -36.35 29.76
CA ASN C 363 -11.26 -36.69 28.36
C ASN C 363 -10.57 -37.99 27.94
N GLY C 364 -10.11 -38.77 28.90
CA GLY C 364 -9.58 -40.10 28.60
C GLY C 364 -8.09 -40.28 28.86
N ALA C 365 -7.32 -39.26 29.24
CA ALA C 365 -5.90 -39.47 29.48
C ALA C 365 -5.68 -40.20 30.79
N GLN C 366 -4.57 -40.92 30.86
CA GLN C 366 -4.23 -41.75 32.02
C GLN C 366 -3.08 -41.10 32.79
N LEU C 367 -3.38 -40.65 33.99
CA LEU C 367 -2.34 -40.07 34.86
C LEU C 367 -1.43 -41.18 35.37
N GLN C 368 -0.20 -41.21 34.85
CA GLN C 368 0.76 -42.25 35.18
C GLN C 368 1.59 -41.92 36.42
N LEU C 369 1.80 -40.64 36.70
CA LEU C 369 2.61 -40.21 37.84
C LEU C 369 2.34 -38.74 38.10
N GLY C 370 2.34 -38.37 39.38
CA GLY C 370 2.26 -36.97 39.74
C GLY C 370 0.84 -36.42 39.62
N GLY C 371 0.74 -35.23 39.03
CA GLY C 371 -0.54 -34.57 38.87
C GLY C 371 -1.08 -33.94 40.14
N LYS C 372 -0.21 -33.56 41.07
CA LYS C 372 -0.65 -33.01 42.35
C LYS C 372 0.55 -32.36 43.03
N LYS C 373 0.25 -31.56 44.04
CA LYS C 373 1.30 -31.03 44.91
C LYS C 373 1.84 -32.15 45.79
N PRO C 374 3.15 -32.19 46.04
CA PRO C 374 3.70 -33.22 46.93
C PRO C 374 3.14 -33.08 48.34
N THR C 375 3.00 -34.22 49.01
CA THR C 375 2.31 -34.27 50.29
C THR C 375 3.08 -33.49 51.35
N GLY C 376 2.33 -32.82 52.22
CA GLY C 376 2.90 -32.09 53.35
C GLY C 376 3.91 -31.02 53.00
N VAL C 377 3.60 -30.18 52.01
CA VAL C 377 4.47 -29.07 51.63
C VAL C 377 3.61 -27.86 51.32
N ASN C 378 4.22 -26.67 51.42
CA ASN C 378 3.51 -25.40 51.47
C ASN C 378 3.41 -24.70 50.13
N GLY C 379 4.53 -24.55 49.43
CA GLY C 379 4.61 -23.68 48.28
C GLY C 379 3.95 -24.25 47.04
N TYR C 380 4.18 -23.55 45.92
CA TYR C 380 3.49 -23.87 44.68
C TYR C 380 4.18 -25.01 43.94
N PHE C 381 4.49 -26.08 44.67
CA PHE C 381 5.16 -27.23 44.07
C PHE C 381 4.16 -28.06 43.28
N TYR C 382 4.58 -28.48 42.08
CA TYR C 382 3.83 -29.42 41.26
C TYR C 382 4.73 -30.61 40.97
N GLU C 383 4.26 -31.82 41.29
CA GLU C 383 5.06 -33.01 41.13
C GLU C 383 5.38 -33.27 39.66
N PRO C 384 6.51 -33.91 39.37
CA PRO C 384 6.77 -34.39 38.00
C PRO C 384 5.65 -35.31 37.55
N THR C 385 5.06 -34.97 36.41
CA THR C 385 3.82 -35.60 35.98
C THR C 385 4.00 -36.26 34.62
N VAL C 386 3.41 -37.44 34.46
CA VAL C 386 3.43 -38.18 33.21
C VAL C 386 1.99 -38.56 32.88
N LEU C 387 1.55 -38.16 31.69
CA LEU C 387 0.21 -38.46 31.19
C LEU C 387 0.34 -39.23 29.89
N THR C 388 -0.42 -40.30 29.75
CA THR C 388 -0.49 -41.07 28.53
C THR C 388 -1.91 -41.00 27.97
N ASN C 389 -2.08 -41.55 26.77
CA ASN C 389 -3.38 -41.56 26.08
C ASN C 389 -3.91 -40.14 25.87
N VAL C 390 -3.01 -39.21 25.56
CA VAL C 390 -3.37 -37.83 25.24
C VAL C 390 -3.72 -37.76 23.76
N ASP C 391 -4.75 -36.98 23.43
CA ASP C 391 -5.16 -36.82 22.04
C ASP C 391 -5.28 -35.34 21.68
N SER C 392 -5.42 -35.08 20.37
CA SER C 392 -5.40 -33.71 19.87
C SER C 392 -6.60 -32.90 20.32
N SER C 393 -7.62 -33.50 20.93
CA SER C 393 -8.78 -32.74 21.35
C SER C 393 -8.58 -32.06 22.71
N MET C 394 -7.52 -32.39 23.44
CA MET C 394 -7.38 -31.95 24.82
C MET C 394 -6.73 -30.58 24.93
N LYS C 395 -7.10 -29.85 25.98
CA LYS C 395 -6.47 -28.56 26.27
C LYS C 395 -4.97 -28.68 26.40
N ILE C 396 -4.49 -29.75 27.05
CA ILE C 396 -3.06 -29.93 27.26
C ILE C 396 -2.32 -30.14 25.95
N TYR C 397 -3.03 -30.59 24.91
CA TYR C 397 -2.44 -30.71 23.58
C TYR C 397 -2.40 -29.35 22.88
N LYS C 398 -3.45 -28.55 23.06
CA LYS C 398 -3.62 -27.29 22.34
C LYS C 398 -2.89 -26.13 22.98
N ASP C 399 -2.74 -26.11 24.29
CA ASP C 399 -2.15 -24.98 24.99
C ASP C 399 -0.76 -25.33 25.52
N GLU C 400 0.01 -24.29 25.82
CA GLU C 400 1.36 -24.45 26.35
C GLU C 400 1.29 -24.87 27.80
N ILE C 401 1.96 -25.97 28.14
CA ILE C 401 1.96 -26.45 29.52
C ILE C 401 2.75 -25.48 30.40
N PHE C 402 4.00 -25.20 30.03
CA PHE C 402 4.90 -24.39 30.85
C PHE C 402 4.92 -24.90 32.29
N GLY C 403 5.16 -26.19 32.43
CA GLY C 403 5.17 -26.86 33.71
C GLY C 403 5.77 -28.24 33.59
N PRO C 404 5.93 -28.93 34.72
CA PRO C 404 6.66 -30.21 34.73
C PRO C 404 5.78 -31.40 34.37
N VAL C 405 5.17 -31.36 33.19
CA VAL C 405 4.23 -32.38 32.76
C VAL C 405 4.68 -32.92 31.41
N ILE C 406 4.90 -34.24 31.35
CA ILE C 406 5.23 -34.93 30.11
C ILE C 406 3.93 -35.51 29.56
N SER C 407 3.51 -35.03 28.39
CA SER C 407 2.25 -35.39 27.77
C SER C 407 2.52 -36.25 26.55
N ILE C 408 2.13 -37.52 26.60
CA ILE C 408 2.55 -38.52 25.63
C ILE C 408 1.37 -38.86 24.71
N ILE C 409 1.62 -38.83 23.41
CA ILE C 409 0.65 -39.24 22.39
C ILE C 409 1.28 -40.37 21.59
N ILE C 410 0.53 -41.44 21.36
CA ILE C 410 1.02 -42.58 20.60
C ILE C 410 0.62 -42.40 19.13
N PHE C 411 1.60 -42.60 18.24
CA PHE C 411 1.36 -42.52 16.81
C PHE C 411 1.81 -43.80 16.13
N SER C 412 1.43 -43.95 14.86
CA SER C 412 1.77 -45.16 14.11
C SER C 412 2.39 -44.84 12.76
N ASP C 413 2.01 -43.70 12.16
CA ASP C 413 2.45 -43.33 10.82
C ASP C 413 3.29 -42.06 10.89
N ASN C 414 4.47 -42.10 10.25
CA ASN C 414 5.34 -40.94 10.24
C ASN C 414 4.73 -39.76 9.50
N GLU C 415 3.98 -40.03 8.42
CA GLU C 415 3.36 -38.94 7.68
C GLU C 415 2.20 -38.31 8.44
N GLN C 416 1.50 -39.10 9.25
CA GLN C 416 0.39 -38.55 10.04
C GLN C 416 0.91 -37.77 11.23
N VAL C 417 1.93 -38.27 11.92
CA VAL C 417 2.47 -37.54 13.07
C VAL C 417 3.14 -36.25 12.63
N LEU C 418 3.61 -36.18 11.39
CA LEU C 418 4.13 -34.90 10.87
C LEU C 418 3.02 -33.86 10.79
N SER C 419 1.86 -34.25 10.28
CA SER C 419 0.71 -33.34 10.26
C SER C 419 0.27 -32.98 11.67
N ASP C 420 0.32 -33.94 12.59
CA ASP C 420 -0.07 -33.65 13.97
C ASP C 420 0.90 -32.68 14.63
N ALA C 421 2.21 -32.89 14.42
CA ALA C 421 3.20 -32.00 15.01
C ALA C 421 3.02 -30.56 14.52
N ASN C 422 2.72 -30.39 13.24
CA ASN C 422 2.54 -29.06 12.66
C ASN C 422 1.16 -28.47 12.95
N ASP C 423 0.29 -29.20 13.65
CA ASP C 423 -1.08 -28.77 13.91
C ASP C 423 -1.13 -27.79 15.08
N THR C 424 -0.44 -26.66 14.91
CA THR C 424 -0.36 -25.65 15.94
C THR C 424 0.07 -24.34 15.30
N ASP C 425 -0.33 -23.23 15.92
CA ASP C 425 0.15 -21.94 15.48
C ASP C 425 1.49 -21.56 16.10
N ALA C 426 1.98 -22.34 17.06
CA ALA C 426 3.29 -22.07 17.62
C ALA C 426 4.38 -22.46 16.62
N GLY C 427 5.58 -21.89 16.83
CA GLY C 427 6.67 -22.16 15.92
C GLY C 427 8.04 -21.94 16.55
N LEU C 428 8.21 -22.35 17.80
CA LEU C 428 9.51 -22.21 18.45
C LEU C 428 10.38 -23.41 18.12
N SER C 429 10.48 -24.35 19.06
CA SER C 429 11.36 -25.51 18.90
C SER C 429 10.54 -26.76 18.55
N SER C 430 11.26 -27.78 18.11
CA SER C 430 10.70 -29.09 17.82
C SER C 430 11.81 -30.13 17.97
N PHE C 431 11.41 -31.38 18.16
CA PHE C 431 12.36 -32.44 18.46
C PHE C 431 12.02 -33.69 17.64
N ILE C 432 13.06 -34.31 17.08
CA ILE C 432 12.93 -35.59 16.37
C ILE C 432 14.00 -36.53 16.88
N PHE C 433 13.60 -37.75 17.25
CA PHE C 433 14.52 -38.77 17.74
C PHE C 433 14.40 -39.99 16.84
N SER C 434 15.47 -40.30 16.11
CA SER C 434 15.45 -41.38 15.15
C SER C 434 16.89 -41.74 14.79
N SER C 435 17.08 -42.96 14.30
CA SER C 435 18.36 -43.40 13.77
C SER C 435 18.39 -43.42 12.25
N ASN C 436 17.24 -43.25 11.60
CA ASN C 436 17.13 -43.33 10.15
C ASN C 436 17.44 -41.97 9.53
N GLU C 437 18.40 -41.95 8.60
CA GLU C 437 18.80 -40.68 7.99
C GLU C 437 17.70 -40.11 7.12
N ASP C 438 16.93 -40.96 6.43
CA ASP C 438 15.82 -40.46 5.63
C ASP C 438 14.74 -39.86 6.52
N THR C 439 14.46 -40.50 7.66
CA THR C 439 13.45 -39.98 8.59
C THR C 439 13.89 -38.64 9.17
N ILE C 440 15.18 -38.48 9.45
CA ILE C 440 15.69 -37.21 9.98
C ILE C 440 15.53 -36.11 8.94
N SER C 441 15.91 -36.39 7.69
CA SER C 441 15.78 -35.39 6.63
C SER C 441 14.32 -35.05 6.36
N TYR C 442 13.43 -36.03 6.50
CA TYR C 442 12.01 -35.80 6.24
C TYR C 442 11.41 -34.83 7.26
N PHE C 443 11.66 -35.08 8.56
CA PHE C 443 11.07 -34.25 9.59
C PHE C 443 11.74 -32.88 9.67
N ALA C 444 13.07 -32.84 9.57
CA ALA C 444 13.77 -31.56 9.63
C ALA C 444 13.34 -30.62 8.52
N LYS C 445 13.01 -31.16 7.34
CA LYS C 445 12.58 -30.32 6.24
C LYS C 445 11.13 -29.88 6.38
N HIS C 446 10.26 -30.75 6.90
CA HIS C 446 8.83 -30.51 6.88
C HIS C 446 8.28 -29.94 8.18
N LEU C 447 9.04 -29.96 9.28
CA LEU C 447 8.55 -29.36 10.51
C LEU C 447 8.53 -27.85 10.37
N ARG C 448 7.38 -27.24 10.65
CA ARG C 448 7.23 -25.79 10.55
C ARG C 448 7.50 -25.15 11.90
N PHE C 449 8.78 -25.18 12.27
CA PHE C 449 9.25 -24.59 13.51
C PHE C 449 10.57 -23.90 13.26
N GLY C 450 10.90 -22.94 14.13
CA GLY C 450 12.15 -22.21 13.98
C GLY C 450 13.37 -23.07 14.24
N GLU C 451 13.25 -24.04 15.14
CA GLU C 451 14.36 -24.91 15.50
C GLU C 451 13.91 -26.37 15.45
N VAL C 452 14.71 -27.20 14.77
CA VAL C 452 14.52 -28.64 14.75
C VAL C 452 15.72 -29.26 15.46
N GLN C 453 15.47 -29.94 16.57
CA GLN C 453 16.52 -30.59 17.36
C GLN C 453 16.49 -32.08 17.08
N VAL C 454 17.63 -32.61 16.61
CA VAL C 454 17.71 -34.01 16.17
C VAL C 454 18.54 -34.78 17.20
N ASN C 455 17.90 -35.75 17.86
CA ASN C 455 18.55 -36.66 18.79
C ASN C 455 19.25 -35.94 19.95
N GLY C 456 18.75 -34.76 20.30
CA GLY C 456 19.35 -34.01 21.39
C GLY C 456 18.73 -32.64 21.50
N ILE C 457 19.46 -31.74 22.17
CA ILE C 457 18.98 -30.37 22.36
C ILE C 457 20.17 -29.48 22.67
N LYS C 458 20.26 -28.33 22.01
CA LYS C 458 21.46 -27.50 22.10
C LYS C 458 21.11 -26.04 21.89
N TYR C 459 21.49 -25.19 22.85
CA TYR C 459 21.35 -23.75 22.77
C TYR C 459 22.60 -23.11 23.34
N SER C 460 23.01 -21.98 22.76
CA SER C 460 24.22 -21.30 23.23
C SER C 460 24.21 -19.87 22.71
N ILE C 461 25.08 -19.06 23.31
CA ILE C 461 25.10 -17.63 23.00
C ILE C 461 25.38 -17.38 21.52
N ASN C 462 26.14 -18.26 20.87
CA ASN C 462 26.46 -18.08 19.45
C ASN C 462 25.44 -18.71 18.52
N LEU C 463 24.52 -19.53 19.04
CA LEU C 463 23.56 -20.20 18.17
C LEU C 463 22.26 -19.40 18.13
N PRO C 464 21.71 -19.11 16.95
CA PRO C 464 20.50 -18.28 16.88
C PRO C 464 19.31 -19.02 17.50
N HIS C 465 18.54 -18.28 18.30
CA HIS C 465 17.34 -18.78 18.94
C HIS C 465 16.17 -17.91 18.51
N PHE C 466 15.15 -18.53 17.91
CA PHE C 466 14.07 -17.75 17.32
C PHE C 466 12.86 -18.66 17.12
N GLY C 467 11.71 -18.01 16.94
CA GLY C 467 10.50 -18.70 16.57
C GLY C 467 9.89 -18.11 15.32
N ILE C 468 8.95 -18.85 14.74
CA ILE C 468 8.19 -18.39 13.58
C ILE C 468 6.71 -18.46 13.92
N LYS C 469 5.87 -18.09 12.95
CA LYS C 469 4.41 -18.14 13.09
C LYS C 469 4.01 -17.29 14.29
N GLN C 470 3.11 -17.75 15.15
CA GLN C 470 2.62 -16.93 16.24
C GLN C 470 3.51 -16.97 17.47
N SER C 471 4.69 -17.59 17.37
CA SER C 471 5.65 -17.62 18.46
C SER C 471 6.53 -16.37 18.51
N GLY C 472 6.53 -15.55 17.47
CA GLY C 472 7.22 -14.27 17.55
C GLY C 472 8.06 -13.91 16.34
N VAL C 473 8.75 -12.76 16.43
CA VAL C 473 9.63 -12.28 15.38
C VAL C 473 10.95 -11.85 16.02
N GLY C 474 12.00 -11.91 15.21
CA GLY C 474 13.33 -11.56 15.68
C GLY C 474 14.08 -12.76 16.22
N VAL C 475 15.36 -12.54 16.46
CA VAL C 475 16.29 -13.59 16.86
C VAL C 475 17.03 -13.13 18.11
N ASP C 476 17.12 -14.02 19.09
CA ASP C 476 18.01 -13.83 20.24
C ASP C 476 19.23 -14.73 20.08
N CYS C 477 20.36 -14.28 20.64
CA CYS C 477 21.65 -14.95 20.52
C CYS C 477 22.17 -14.90 19.09
N SER C 478 23.45 -15.26 18.92
CA SER C 478 24.15 -15.24 17.64
C SER C 478 24.33 -13.81 17.14
N LEU C 479 25.06 -13.66 16.04
CA LEU C 479 25.24 -12.32 15.45
C LEU C 479 23.92 -11.68 15.07
N LEU C 480 22.90 -12.48 14.72
CA LEU C 480 21.66 -11.93 14.21
C LEU C 480 20.91 -11.08 15.23
N ALA C 481 21.16 -11.28 16.53
CA ALA C 481 20.48 -10.50 17.55
C ALA C 481 20.82 -9.02 17.48
N LEU C 482 21.92 -8.66 16.82
CA LEU C 482 22.26 -7.25 16.65
C LEU C 482 21.35 -6.54 15.66
N ASP C 483 20.69 -7.30 14.77
CA ASP C 483 19.94 -6.69 13.68
C ASP C 483 18.85 -5.76 14.18
N ASP C 484 18.25 -6.05 15.32
CA ASP C 484 17.17 -5.21 15.81
C ASP C 484 17.68 -3.88 16.34
N TYR C 485 18.94 -3.81 16.74
CA TYR C 485 19.52 -2.62 17.34
C TYR C 485 20.35 -1.79 16.35
N LEU C 486 20.53 -2.27 15.13
CA LEU C 486 21.33 -1.59 14.12
C LEU C 486 20.45 -1.21 12.94
N ALA C 487 20.67 0.00 12.41
CA ALA C 487 19.98 0.47 11.21
C ALA C 487 20.98 0.64 10.07
N TYR C 488 20.57 0.24 8.88
CA TYR C 488 21.47 0.33 7.74
C TYR C 488 21.62 1.77 7.26
N LYS C 489 22.68 2.00 6.50
CA LYS C 489 22.89 3.28 5.83
C LYS C 489 23.64 3.02 4.52
N ARG C 490 23.11 3.54 3.42
CA ARG C 490 23.76 3.45 2.12
C ARG C 490 24.26 4.83 1.72
N VAL C 491 25.56 4.96 1.52
CA VAL C 491 26.19 6.18 1.01
C VAL C 491 26.53 5.92 -0.45
N SER C 492 25.91 6.69 -1.34
CA SER C 492 26.14 6.56 -2.78
C SER C 492 26.67 7.88 -3.34
N ARG C 493 27.78 7.78 -4.06
CA ARG C 493 28.49 8.95 -4.57
C ARG C 493 28.68 8.82 -6.07
N ALA C 494 28.36 9.89 -6.80
CA ALA C 494 28.56 9.90 -8.24
C ALA C 494 30.05 9.92 -8.56
N LEU C 495 30.49 8.98 -9.40
CA LEU C 495 31.90 8.84 -9.73
C LEU C 495 32.41 9.92 -10.66
N LYS C 496 31.53 10.53 -11.46
CA LYS C 496 31.94 11.49 -12.48
C LYS C 496 32.18 12.88 -11.88
N VAL C 497 32.56 12.93 -10.60
CA VAL C 497 32.84 14.18 -9.90
C VAL C 497 31.69 15.16 -10.02
N MET D 1 -42.99 6.38 18.65
CA MET D 1 -42.49 6.29 20.02
C MET D 1 -42.02 4.86 20.32
N GLY D 2 -41.65 4.13 19.26
CA GLY D 2 -41.27 2.75 19.43
C GLY D 2 -40.00 2.57 20.25
N SER D 3 -39.05 3.50 20.12
CA SER D 3 -37.77 3.40 20.82
C SER D 3 -37.86 3.78 22.29
N SER D 4 -39.00 4.27 22.75
CA SER D 4 -39.36 4.59 24.14
C SER D 4 -38.81 5.92 24.63
N HIS D 5 -37.92 6.58 23.89
CA HIS D 5 -37.42 7.89 24.31
C HIS D 5 -38.52 8.93 24.14
N HIS D 6 -39.07 9.42 25.25
CA HIS D 6 -40.14 10.40 25.22
C HIS D 6 -39.55 11.80 25.30
N HIS D 7 -39.75 12.59 24.23
CA HIS D 7 -39.22 13.94 24.18
C HIS D 7 -39.89 14.83 25.22
N HIS D 8 -39.23 15.93 25.55
CA HIS D 8 -39.76 16.91 26.50
C HIS D 8 -39.98 18.27 25.82
N LEU D 24 -18.85 16.20 3.23
CA LEU D 24 -18.72 16.72 4.58
C LEU D 24 -17.32 16.52 5.12
N SER D 25 -16.55 17.61 5.21
CA SER D 25 -15.20 17.59 5.79
C SER D 25 -15.21 18.44 7.04
N LYS D 26 -15.03 17.82 8.20
CA LYS D 26 -15.11 18.51 9.47
C LYS D 26 -13.79 18.40 10.23
N GLN D 27 -13.41 19.49 10.89
CA GLN D 27 -12.13 19.58 11.57
C GLN D 27 -12.30 19.32 13.07
N LEU D 28 -11.17 19.11 13.72
CA LEU D 28 -11.15 18.89 15.17
C LEU D 28 -11.47 20.18 15.91
N TYR D 29 -12.29 20.08 16.95
CA TYR D 29 -12.61 21.21 17.82
C TYR D 29 -11.84 21.04 19.12
N ILE D 30 -10.71 21.75 19.24
CA ILE D 30 -9.82 21.62 20.37
C ILE D 30 -9.42 23.02 20.82
N GLY D 31 -9.61 23.30 22.11
CA GLY D 31 -9.22 24.59 22.65
C GLY D 31 -9.92 25.78 22.01
N GLY D 32 -11.23 25.65 21.78
CA GLY D 32 -12.01 26.74 21.21
C GLY D 32 -11.74 27.03 19.75
N LYS D 33 -10.98 26.17 19.06
CA LYS D 33 -10.63 26.41 17.67
C LYS D 33 -10.85 25.14 16.86
N LEU D 34 -11.20 25.32 15.59
CA LEU D 34 -11.31 24.23 14.63
C LEU D 34 -9.96 24.06 13.94
N ILE D 35 -9.34 22.89 14.07
CA ILE D 35 -8.00 22.66 13.55
C ILE D 35 -7.98 21.35 12.76
N THR D 36 -7.02 21.26 11.85
CA THR D 36 -6.77 20.03 11.10
C THR D 36 -5.62 19.26 11.75
N SER D 37 -5.34 18.08 11.19
CA SER D 37 -4.23 17.27 11.64
C SER D 37 -3.42 16.80 10.44
N ASP D 38 -2.71 15.68 10.58
CA ASP D 38 -1.96 15.10 9.48
C ASP D 38 -2.68 13.95 8.80
N ALA D 39 -3.88 13.60 9.27
CA ALA D 39 -4.62 12.47 8.72
C ALA D 39 -6.11 12.77 8.70
N THR D 40 -6.84 11.97 7.93
CA THR D 40 -8.29 12.05 7.86
C THR D 40 -8.88 10.65 7.95
N THR D 41 -10.16 10.60 8.31
CA THR D 41 -10.91 9.35 8.41
C THR D 41 -12.13 9.45 7.50
N GLU D 42 -12.27 8.51 6.57
CA GLU D 42 -13.44 8.44 5.73
C GLU D 42 -14.59 7.77 6.49
N ILE D 43 -15.80 8.25 6.24
CA ILE D 43 -16.99 7.71 6.90
C ILE D 43 -17.83 7.02 5.82
N ILE D 44 -18.12 5.74 6.05
CA ILE D 44 -18.83 4.91 5.08
C ILE D 44 -20.27 4.72 5.58
N ASN D 45 -21.22 4.97 4.70
CA ASN D 45 -22.62 4.71 5.03
C ASN D 45 -22.86 3.20 5.05
N PRO D 46 -23.42 2.65 6.13
CA PRO D 46 -23.60 1.19 6.21
C PRO D 46 -24.67 0.62 5.29
N ALA D 47 -25.48 1.46 4.66
CA ALA D 47 -26.48 0.96 3.72
C ALA D 47 -26.01 0.99 2.27
N THR D 48 -25.32 2.06 1.85
CA THR D 48 -24.87 2.20 0.49
C THR D 48 -23.40 1.84 0.29
N LEU D 49 -22.64 1.68 1.37
CA LEU D 49 -21.20 1.35 1.30
C LEU D 49 -20.41 2.40 0.52
N GLU D 50 -20.88 3.64 0.54
CA GLU D 50 -20.23 4.76 -0.13
C GLU D 50 -19.73 5.76 0.89
N ILE D 51 -18.68 6.49 0.52
CA ILE D 51 -18.15 7.55 1.37
C ILE D 51 -19.17 8.67 1.47
N VAL D 52 -19.50 9.07 2.69
CA VAL D 52 -20.45 10.13 2.93
C VAL D 52 -19.85 11.32 3.67
N GLY D 53 -18.58 11.25 4.05
CA GLY D 53 -17.96 12.36 4.74
C GLY D 53 -16.55 12.02 5.16
N GLU D 54 -15.88 13.01 5.74
CA GLU D 54 -14.52 12.86 6.22
C GLU D 54 -14.31 13.77 7.42
N ILE D 55 -13.49 13.30 8.35
CA ILE D 55 -13.13 14.08 9.54
C ILE D 55 -11.62 14.07 9.68
N SER D 56 -11.09 15.13 10.29
CA SER D 56 -9.68 15.16 10.63
C SER D 56 -9.44 14.23 11.81
N ALA D 57 -8.57 13.24 11.62
CA ALA D 57 -8.32 12.24 12.64
C ALA D 57 -7.30 12.74 13.65
N ALA D 58 -7.58 12.51 14.93
CA ALA D 58 -6.69 12.97 15.99
C ALA D 58 -5.61 11.93 16.27
N GLY D 59 -4.40 12.42 16.53
CA GLY D 59 -3.35 11.61 17.09
C GLY D 59 -3.22 11.84 18.59
N ILE D 60 -2.19 11.22 19.17
CA ILE D 60 -1.98 11.43 20.61
C ILE D 60 -1.61 12.88 20.89
N ASN D 61 -0.98 13.57 19.93
CA ASN D 61 -0.68 14.98 20.13
C ASN D 61 -1.96 15.80 20.24
N GLU D 62 -2.93 15.54 19.36
CA GLU D 62 -4.21 16.26 19.46
C GLU D 62 -4.96 15.86 20.72
N ALA D 63 -4.89 14.60 21.13
CA ALA D 63 -5.52 14.18 22.38
C ALA D 63 -4.92 14.94 23.56
N ASN D 64 -3.60 15.11 23.58
CA ASN D 64 -2.95 15.82 24.68
C ASN D 64 -3.29 17.30 24.66
N MET D 65 -3.48 17.89 23.47
CA MET D 65 -3.90 19.28 23.39
C MET D 65 -5.28 19.47 24.02
N ALA D 66 -6.24 18.61 23.70
CA ALA D 66 -7.57 18.71 24.28
C ALA D 66 -7.52 18.57 25.79
N LEU D 67 -6.75 17.60 26.29
CA LEU D 67 -6.63 17.40 27.73
C LEU D 67 -6.00 18.62 28.41
N GLU D 68 -4.92 19.14 27.85
CA GLU D 68 -4.28 20.32 28.45
C GLU D 68 -5.16 21.57 28.34
N SER D 69 -5.91 21.71 27.25
CA SER D 69 -6.79 22.87 27.14
C SER D 69 -7.95 22.77 28.11
N ALA D 70 -8.52 21.58 28.28
CA ALA D 70 -9.58 21.40 29.28
C ALA D 70 -9.06 21.63 30.69
N GLN D 71 -7.82 21.22 30.97
CA GLN D 71 -7.24 21.47 32.29
C GLN D 71 -7.09 22.95 32.56
N GLU D 72 -6.58 23.71 31.60
CA GLU D 72 -6.38 25.14 31.80
C GLU D 72 -7.71 25.88 31.94
N ALA D 73 -8.78 25.35 31.37
CA ALA D 73 -10.07 26.02 31.44
C ALA D 73 -10.79 25.80 32.77
N PHE D 74 -10.35 24.82 33.57
CA PHE D 74 -11.14 24.43 34.74
C PHE D 74 -11.26 25.55 35.75
N SER D 75 -10.19 26.34 35.95
CA SER D 75 -10.22 27.42 36.92
C SER D 75 -11.30 28.46 36.59
N SER D 76 -11.37 28.87 35.32
CA SER D 76 -12.33 29.89 34.93
C SER D 76 -13.74 29.32 34.76
N TRP D 77 -13.86 28.12 34.20
CA TRP D 77 -15.18 27.56 33.93
C TRP D 77 -15.87 27.12 35.22
N SER D 78 -15.13 26.49 36.13
CA SER D 78 -15.73 26.03 37.38
C SER D 78 -16.19 27.19 38.26
N THR D 79 -15.48 28.32 38.19
CA THR D 79 -15.86 29.51 38.96
C THR D 79 -16.76 30.46 38.18
N THR D 80 -17.16 30.10 36.98
CA THR D 80 -18.19 30.84 36.28
C THR D 80 -19.53 30.59 36.97
N PRO D 81 -20.29 31.64 37.28
CA PRO D 81 -21.56 31.44 37.98
C PRO D 81 -22.47 30.46 37.26
N ALA D 82 -23.16 29.62 38.04
CA ALA D 82 -24.03 28.60 37.45
C ALA D 82 -25.08 29.21 36.53
N ILE D 83 -25.61 30.39 36.89
CA ILE D 83 -26.55 31.06 36.00
C ILE D 83 -25.88 31.39 34.67
N GLU D 84 -24.60 31.76 34.71
CA GLU D 84 -23.88 32.12 33.49
C GLU D 84 -23.51 30.90 32.66
N ARG D 85 -23.12 29.80 33.31
CA ARG D 85 -22.89 28.56 32.57
C ARG D 85 -24.18 28.07 31.91
N ALA D 86 -25.31 28.20 32.61
CA ALA D 86 -26.59 27.82 32.02
C ALA D 86 -26.91 28.66 30.79
N GLN D 87 -26.52 29.94 30.79
N GLN D 87 -26.52 29.95 30.79
CA GLN D 87 -26.75 30.79 29.62
CA GLN D 87 -26.74 30.79 29.63
C GLN D 87 -25.96 30.29 28.41
C GLN D 87 -25.96 30.27 28.43
N TRP D 88 -24.75 29.76 28.64
CA TRP D 88 -23.99 29.17 27.55
C TRP D 88 -24.68 27.92 27.01
N MET D 89 -25.21 27.09 27.93
CA MET D 89 -25.92 25.88 27.50
C MET D 89 -27.15 26.23 26.66
N LEU D 90 -27.86 27.30 27.04
CA LEU D 90 -29.02 27.70 26.24
C LEU D 90 -28.61 28.33 24.93
N LYS D 91 -27.47 29.04 24.92
CA LYS D 91 -26.95 29.56 23.66
C LYS D 91 -26.57 28.43 22.72
N LEU D 92 -25.90 27.41 23.24
CA LEU D 92 -25.61 26.22 22.43
C LEU D 92 -26.91 25.56 21.98
N ARG D 93 -27.90 25.46 22.87
CA ARG D 93 -29.19 24.89 22.50
C ARG D 93 -29.84 25.66 21.36
N ASP D 94 -29.69 26.99 21.34
CA ASP D 94 -30.27 27.79 20.28
C ASP D 94 -29.62 27.49 18.94
N ALA D 95 -28.32 27.18 18.93
CA ALA D 95 -27.65 26.83 17.68
C ALA D 95 -28.01 25.42 17.24
N VAL D 96 -28.17 24.50 18.21
CA VAL D 96 -28.58 23.14 17.88
C VAL D 96 -29.95 23.15 17.21
N ILE D 97 -30.91 23.88 17.79
CA ILE D 97 -32.24 23.99 17.21
C ILE D 97 -32.18 24.58 15.81
N ALA D 98 -31.36 25.61 15.62
CA ALA D 98 -31.22 26.24 14.32
C ALA D 98 -30.45 25.39 13.31
N ASN D 99 -29.90 24.26 13.73
CA ASN D 99 -29.16 23.39 12.81
C ASN D 99 -29.71 21.97 12.81
N GLU D 100 -30.99 21.83 13.15
CA GLU D 100 -31.61 20.52 13.31
C GLU D 100 -31.44 19.66 12.07
N GLN D 101 -31.67 20.24 10.87
CA GLN D 101 -31.60 19.43 9.66
C GLN D 101 -30.19 18.88 9.44
N HIS D 102 -29.18 19.75 9.54
CA HIS D 102 -27.80 19.31 9.31
C HIS D 102 -27.36 18.29 10.35
N LEU D 103 -27.77 18.47 11.61
CA LEU D 103 -27.38 17.52 12.65
C LEU D 103 -28.04 16.16 12.40
N ARG D 104 -29.34 16.15 12.06
CA ARG D 104 -30.00 14.89 11.80
C ARG D 104 -29.51 14.27 10.50
N GLU D 105 -29.07 15.09 9.54
CA GLU D 105 -28.45 14.56 8.33
C GLU D 105 -27.15 13.84 8.65
N CYS D 106 -26.33 14.40 9.55
CA CYS D 106 -25.10 13.70 9.92
C CYS D 106 -25.38 12.33 10.53
N VAL D 107 -26.40 12.24 11.41
CA VAL D 107 -26.71 10.92 11.97
C VAL D 107 -27.26 10.00 10.88
N HIS D 108 -28.11 10.54 10.00
CA HIS D 108 -28.65 9.76 8.90
C HIS D 108 -27.53 9.20 8.02
N LEU D 109 -26.51 10.01 7.72
CA LEU D 109 -25.46 9.60 6.80
C LEU D 109 -24.49 8.61 7.44
N GLU D 110 -24.04 8.87 8.67
CA GLU D 110 -23.04 8.01 9.29
C GLU D 110 -23.59 6.67 9.74
N MET D 111 -24.89 6.60 10.07
N MET D 111 -24.89 6.61 10.08
CA MET D 111 -25.50 5.38 10.59
CA MET D 111 -25.51 5.40 10.61
C MET D 111 -26.54 4.75 9.68
C MET D 111 -26.58 4.77 9.72
N ALA D 112 -26.96 5.43 8.62
CA ALA D 112 -28.10 5.00 7.80
C ALA D 112 -29.38 4.86 8.63
N LYS D 113 -29.50 5.72 9.65
CA LYS D 113 -30.70 5.72 10.49
C LYS D 113 -31.88 6.29 9.72
N PRO D 114 -33.07 5.70 9.83
CA PRO D 114 -34.26 6.31 9.24
C PRO D 114 -34.48 7.72 9.79
N TRP D 115 -35.06 8.58 8.94
CA TRP D 115 -35.10 10.00 9.27
C TRP D 115 -35.82 10.25 10.58
N GLN D 116 -36.93 9.53 10.82
CA GLN D 116 -37.66 9.73 12.07
C GLN D 116 -36.85 9.30 13.29
N SER D 117 -35.96 8.32 13.12
CA SER D 117 -35.17 7.83 14.24
C SER D 117 -34.02 8.75 14.62
N THR D 118 -33.65 9.71 13.76
CA THR D 118 -32.67 10.72 14.14
C THR D 118 -33.25 11.75 15.10
N ALA D 119 -34.56 11.73 15.35
CA ALA D 119 -35.15 12.66 16.30
C ALA D 119 -34.74 12.34 17.73
N ASP D 120 -34.49 11.06 18.03
CA ASP D 120 -34.01 10.70 19.36
C ASP D 120 -32.67 11.39 19.64
N ASP D 121 -31.73 11.25 18.71
CA ASP D 121 -30.44 11.91 18.84
C ASP D 121 -30.59 13.43 19.01
N PHE D 122 -31.33 14.06 18.09
CA PHE D 122 -31.42 15.52 18.08
C PHE D 122 -32.14 16.05 19.31
N GLN D 123 -33.31 15.49 19.61
CA GLN D 123 -34.13 16.07 20.68
C GLN D 123 -33.55 15.81 22.06
N MET D 124 -32.82 14.70 22.23
CA MET D 124 -32.20 14.48 23.54
C MET D 124 -31.12 15.51 23.81
N LEU D 125 -30.42 15.97 22.78
CA LEU D 125 -29.43 17.03 22.95
C LEU D 125 -30.08 18.33 23.40
N VAL D 126 -31.22 18.68 22.81
CA VAL D 126 -31.96 19.86 23.28
C VAL D 126 -32.50 19.62 24.69
N ASP D 127 -33.10 18.45 24.92
CA ASP D 127 -33.71 18.18 26.22
C ASP D 127 -32.68 18.18 27.33
N SER D 128 -31.47 17.70 27.06
CA SER D 128 -30.48 17.62 28.13
C SER D 128 -29.93 18.99 28.46
N LEU D 129 -29.69 19.83 27.44
CA LEU D 129 -29.24 21.19 27.70
C LEU D 129 -30.27 21.97 28.49
N ASN D 130 -31.56 21.77 28.18
CA ASN D 130 -32.60 22.45 28.95
C ASN D 130 -32.66 21.93 30.37
N PHE D 131 -32.66 20.61 30.55
CA PHE D 131 -32.86 20.03 31.88
C PHE D 131 -31.74 20.40 32.83
N TYR D 132 -30.49 20.41 32.36
CA TYR D 132 -29.38 20.64 33.27
C TYR D 132 -29.03 22.11 33.46
N ALA D 133 -29.35 22.96 32.48
CA ALA D 133 -29.28 24.40 32.73
C ALA D 133 -30.25 24.82 33.82
N ASP D 134 -31.44 24.21 33.83
CA ASP D 134 -32.42 24.50 34.87
C ASP D 134 -32.04 23.85 36.19
N ALA D 135 -31.45 22.66 36.15
CA ALA D 135 -31.15 21.92 37.39
C ALA D 135 -30.04 22.59 38.18
N ILE D 136 -29.02 23.11 37.50
CA ILE D 136 -27.83 23.59 38.21
C ILE D 136 -28.11 24.90 38.95
N VAL D 137 -29.03 25.73 38.44
CA VAL D 137 -29.32 26.99 39.14
C VAL D 137 -30.22 26.79 40.34
N ASN D 138 -30.80 25.59 40.50
CA ASN D 138 -31.63 25.28 41.65
C ASN D 138 -30.91 24.41 42.66
N ILE D 139 -29.61 24.19 42.51
CA ILE D 139 -28.84 23.44 43.49
C ILE D 139 -28.68 24.29 44.75
N ALA D 140 -29.00 23.71 45.91
CA ALA D 140 -28.98 24.42 47.17
C ALA D 140 -28.10 23.70 48.18
N ASP D 141 -27.47 24.48 49.05
CA ASP D 141 -26.67 23.91 50.12
C ASP D 141 -27.57 23.17 51.12
N GLU D 142 -26.92 22.37 51.97
CA GLU D 142 -27.61 21.46 52.88
C GLU D 142 -27.00 21.60 54.26
N GLU D 143 -27.82 21.97 55.24
CA GLU D 143 -27.37 22.06 56.62
C GLU D 143 -27.40 20.67 57.26
N ILE D 144 -26.34 20.33 57.99
CA ILE D 144 -26.25 19.05 58.69
C ILE D 144 -26.26 19.34 60.19
N LYS D 145 -27.14 18.66 60.91
CA LYS D 145 -27.30 18.91 62.34
C LYS D 145 -26.14 18.30 63.12
N ASP D 146 -25.66 19.05 64.10
CA ASP D 146 -24.64 18.57 65.03
C ASP D 146 -25.35 18.05 66.28
N ASN D 147 -25.11 16.78 66.61
CA ASN D 147 -25.82 16.17 67.73
C ASN D 147 -25.36 16.71 69.07
N GLU D 148 -24.16 17.27 69.14
CA GLU D 148 -23.61 17.81 70.37
C GLU D 148 -23.82 19.32 70.50
N GLY D 149 -24.30 19.98 69.46
CA GLY D 149 -24.55 21.40 69.50
C GLY D 149 -23.31 22.27 69.60
N THR D 150 -22.14 21.74 69.26
CA THR D 150 -20.88 22.47 69.39
C THR D 150 -20.38 23.05 68.08
N HIS D 151 -20.87 22.55 66.94
CA HIS D 151 -20.43 23.03 65.63
C HIS D 151 -21.66 23.21 64.74
N SER D 152 -21.47 23.97 63.67
CA SER D 152 -22.42 24.03 62.57
C SER D 152 -21.81 23.37 61.34
N HIS D 153 -22.66 22.84 60.46
CA HIS D 153 -22.20 22.07 59.32
C HIS D 153 -22.99 22.44 58.07
N VAL D 154 -22.28 22.78 57.00
CA VAL D 154 -22.87 23.13 55.71
C VAL D 154 -22.27 22.22 54.64
N LEU D 155 -23.13 21.47 53.96
CA LEU D 155 -22.72 20.58 52.88
C LEU D 155 -23.10 21.22 51.55
N SER D 156 -22.09 21.44 50.70
CA SER D 156 -22.24 22.06 49.38
C SER D 156 -21.67 21.15 48.31
N ARG D 157 -21.85 21.54 47.05
CA ARG D 157 -21.36 20.77 45.91
C ARG D 157 -20.59 21.68 44.94
N GLU D 158 -19.45 21.20 44.46
CA GLU D 158 -18.55 21.96 43.61
C GLU D 158 -18.16 21.15 42.39
N PRO D 159 -17.71 21.81 41.31
CA PRO D 159 -17.21 21.07 40.14
C PRO D 159 -16.04 20.16 40.51
N VAL D 160 -15.98 19.00 39.84
CA VAL D 160 -14.98 17.99 40.21
C VAL D 160 -13.65 18.22 39.50
N GLY D 161 -13.69 18.57 38.23
CA GLY D 161 -12.49 18.63 37.42
C GLY D 161 -12.81 18.29 35.98
N VAL D 162 -11.77 17.96 35.21
CA VAL D 162 -11.93 17.62 33.81
C VAL D 162 -12.64 16.29 33.67
N ALA D 163 -13.58 16.21 32.74
CA ALA D 163 -14.28 14.97 32.42
C ALA D 163 -13.94 14.55 30.99
N ALA D 164 -13.88 13.24 30.78
CA ALA D 164 -13.67 12.68 29.45
C ALA D 164 -14.75 11.65 29.18
N ALA D 165 -15.27 11.65 27.95
CA ALA D 165 -16.38 10.80 27.57
C ALA D 165 -16.05 10.01 26.31
N PHE D 166 -16.24 8.69 26.37
CA PHE D 166 -16.14 7.80 25.22
C PHE D 166 -17.54 7.36 24.83
N LEU D 167 -17.98 7.71 23.63
CA LEU D 167 -19.36 7.51 23.21
C LEU D 167 -19.48 6.31 22.26
N ALA D 168 -20.56 5.54 22.43
CA ALA D 168 -20.88 4.47 21.51
C ALA D 168 -21.54 5.03 20.25
N TRP D 169 -21.57 4.21 19.20
CA TRP D 169 -22.06 4.64 17.89
C TRP D 169 -23.56 4.49 17.72
N ASN D 170 -24.26 3.80 18.62
CA ASN D 170 -25.66 3.48 18.37
C ASN D 170 -26.56 4.72 18.46
N PHE D 171 -26.20 5.67 19.32
CA PHE D 171 -26.92 6.95 19.40
C PHE D 171 -25.90 8.08 19.49
N PRO D 172 -25.35 8.49 18.35
CA PRO D 172 -24.21 9.43 18.38
C PRO D 172 -24.48 10.74 19.10
N LEU D 173 -25.67 11.33 18.95
CA LEU D 173 -25.93 12.60 19.62
C LEU D 173 -26.65 12.43 20.96
N LEU D 174 -27.51 11.41 21.08
CA LEU D 174 -28.11 11.13 22.38
C LEU D 174 -27.05 10.73 23.40
N ASN D 175 -26.07 9.92 23.00
CA ASN D 175 -24.99 9.56 23.92
C ASN D 175 -24.18 10.78 24.30
N LEU D 176 -23.88 11.66 23.34
CA LEU D 176 -23.24 12.92 23.68
C LEU D 176 -24.10 13.74 24.64
N ALA D 177 -25.42 13.76 24.41
CA ALA D 177 -26.33 14.55 25.24
C ALA D 177 -26.25 14.14 26.70
N TYR D 178 -26.09 12.84 26.98
CA TYR D 178 -26.08 12.34 28.35
C TYR D 178 -24.89 12.88 29.14
N LYS D 179 -23.78 13.18 28.47
CA LYS D 179 -22.57 13.68 29.12
C LYS D 179 -22.41 15.19 29.00
N LEU D 180 -22.80 15.79 27.87
CA LEU D 180 -22.56 17.20 27.62
C LEU D 180 -23.38 18.08 28.56
N GLY D 181 -24.66 17.76 28.74
CA GLY D 181 -25.53 18.53 29.60
C GLY D 181 -25.04 18.63 31.03
N PRO D 182 -24.85 17.47 31.68
CA PRO D 182 -24.34 17.50 33.06
C PRO D 182 -22.96 18.13 33.20
N ALA D 183 -22.03 17.84 32.29
CA ALA D 183 -20.67 18.37 32.44
C ALA D 183 -20.63 19.88 32.28
N MET D 184 -21.33 20.42 31.27
CA MET D 184 -21.38 21.88 31.13
C MET D 184 -22.02 22.53 32.35
N ALA D 185 -23.16 22.01 32.80
CA ALA D 185 -23.86 22.61 33.92
C ALA D 185 -23.01 22.55 35.19
N ALA D 186 -22.31 21.45 35.42
CA ALA D 186 -21.51 21.30 36.63
C ALA D 186 -20.13 21.91 36.51
N GLY D 187 -19.85 22.68 35.45
CA GLY D 187 -18.57 23.36 35.34
C GLY D 187 -17.36 22.46 35.21
N CYS D 188 -17.52 21.30 34.57
CA CYS D 188 -16.39 20.44 34.22
C CYS D 188 -16.05 20.56 32.74
N PRO D 189 -14.85 21.00 32.35
CA PRO D 189 -14.48 20.96 30.92
C PRO D 189 -14.50 19.52 30.43
N LEU D 190 -15.07 19.33 29.25
CA LEU D 190 -15.37 18.02 28.71
C LEU D 190 -14.50 17.70 27.51
N VAL D 191 -13.88 16.53 27.52
CA VAL D 191 -13.17 15.98 26.36
C VAL D 191 -13.98 14.80 25.84
N VAL D 192 -14.48 14.91 24.62
CA VAL D 192 -15.39 13.91 24.03
C VAL D 192 -14.68 13.17 22.92
N LYS D 193 -14.77 11.84 22.94
CA LYS D 193 -14.27 11.00 21.85
C LYS D 193 -15.44 10.21 21.29
N PRO D 194 -16.11 10.71 20.27
CA PRO D 194 -17.13 9.90 19.59
C PRO D 194 -16.48 8.72 18.88
N SER D 195 -17.28 7.68 18.70
CA SER D 195 -16.85 6.52 17.94
C SER D 195 -16.37 6.94 16.55
N SER D 196 -15.24 6.36 16.12
CA SER D 196 -14.73 6.65 14.78
C SER D 196 -15.66 6.18 13.68
N LYS D 197 -16.65 5.34 14.00
CA LYS D 197 -17.65 4.96 13.03
C LYS D 197 -18.71 6.03 12.83
N THR D 198 -19.00 6.83 13.85
CA THR D 198 -20.04 7.86 13.79
C THR D 198 -19.56 9.17 14.39
N PRO D 199 -18.53 9.80 13.79
CA PRO D 199 -18.01 11.04 14.38
C PRO D 199 -18.60 12.32 13.79
N LEU D 200 -19.34 12.21 12.68
CA LEU D 200 -19.72 13.41 11.94
C LEU D 200 -20.68 14.27 12.76
N SER D 201 -21.69 13.66 13.38
CA SER D 201 -22.69 14.44 14.12
C SER D 201 -22.08 15.13 15.34
N ALA D 202 -21.12 14.47 16.01
CA ALA D 202 -20.46 15.09 17.14
C ALA D 202 -19.54 16.22 16.69
N TYR D 203 -18.78 15.99 15.60
CA TYR D 203 -17.95 17.05 15.03
C TYR D 203 -18.80 18.25 14.62
N ALA D 204 -20.02 18.02 14.16
CA ALA D 204 -20.92 19.11 13.84
C ALA D 204 -21.30 19.91 15.08
N VAL D 205 -21.43 19.25 16.23
CA VAL D 205 -21.69 19.96 17.48
C VAL D 205 -20.48 20.80 17.87
N GLY D 206 -19.27 20.29 17.60
CA GLY D 206 -18.07 21.09 17.84
C GLY D 206 -18.05 22.35 17.00
N GLU D 207 -18.51 22.26 15.75
CA GLU D 207 -18.63 23.47 14.92
C GLU D 207 -19.61 24.47 15.52
N LEU D 208 -20.72 23.99 16.09
CA LEU D 208 -21.68 24.89 16.71
C LEU D 208 -21.11 25.55 17.95
N CYS D 209 -20.32 24.79 18.74
CA CYS D 209 -19.63 25.35 19.88
C CYS D 209 -18.71 26.49 19.46
N GLU D 210 -17.88 26.25 18.44
CA GLU D 210 -16.99 27.30 17.94
C GLU D 210 -17.79 28.50 17.45
N GLN D 211 -18.93 28.25 16.78
CA GLN D 211 -19.72 29.33 16.20
C GLN D 211 -20.23 30.29 17.27
N ILE D 212 -20.67 29.76 18.42
CA ILE D 212 -21.22 30.62 19.48
C ILE D 212 -20.14 31.22 20.36
N GLY D 213 -18.87 30.95 20.10
CA GLY D 213 -17.80 31.53 20.89
C GLY D 213 -17.64 30.94 22.29
N LEU D 214 -17.86 29.64 22.42
CA LEU D 214 -17.71 29.00 23.72
C LEU D 214 -16.26 29.11 24.19
N PRO D 215 -16.03 29.43 25.47
CA PRO D 215 -14.65 29.59 25.95
C PRO D 215 -13.82 28.35 25.68
N ALA D 216 -12.55 28.58 25.36
CA ALA D 216 -11.68 27.49 24.93
C ALA D 216 -11.55 26.43 26.01
N GLY D 217 -11.51 25.17 25.59
CA GLY D 217 -11.33 24.05 26.49
C GLY D 217 -12.58 23.55 27.20
N VAL D 218 -13.67 24.31 27.17
CA VAL D 218 -14.88 23.90 27.89
C VAL D 218 -15.48 22.64 27.27
N VAL D 219 -15.41 22.53 25.95
CA VAL D 219 -15.84 21.35 25.20
C VAL D 219 -14.78 21.05 24.15
N ASN D 220 -14.41 19.77 24.01
CA ASN D 220 -13.43 19.34 23.02
C ASN D 220 -13.94 18.07 22.36
N ILE D 221 -13.86 18.02 21.02
CA ILE D 221 -14.35 16.90 20.23
C ILE D 221 -13.21 16.39 19.36
N LEU D 222 -12.91 15.10 19.46
CA LEU D 222 -11.84 14.51 18.67
C LEU D 222 -12.05 13.01 18.55
N SER D 223 -11.71 12.47 17.38
CA SER D 223 -11.89 11.05 17.11
C SER D 223 -10.58 10.45 16.60
N GLY D 224 -10.30 9.22 17.01
CA GLY D 224 -9.06 8.56 16.64
C GLY D 224 -9.06 7.12 17.09
N MET D 225 -7.90 6.47 16.90
CA MET D 225 -7.77 5.05 17.21
C MET D 225 -7.88 4.79 18.70
N ASP D 226 -8.54 3.69 19.04
CA ASP D 226 -8.71 3.32 20.44
C ASP D 226 -7.38 2.96 21.09
N SER D 227 -6.50 2.26 20.36
CA SER D 227 -5.24 1.80 20.95
C SER D 227 -4.32 2.95 21.31
N THR D 228 -4.46 4.11 20.65
CA THR D 228 -3.59 5.24 20.87
C THR D 228 -4.33 6.41 21.50
N VAL D 229 -5.35 6.95 20.82
CA VAL D 229 -6.04 8.14 21.30
C VAL D 229 -6.89 7.82 22.53
N GLY D 230 -7.67 6.73 22.46
CA GLY D 230 -8.48 6.35 23.61
C GLY D 230 -7.65 6.04 24.84
N ASP D 231 -6.54 5.34 24.65
CA ASP D 231 -5.67 5.00 25.77
C ASP D 231 -4.98 6.25 26.33
N ALA D 232 -4.57 7.16 25.45
CA ALA D 232 -3.94 8.40 25.92
C ALA D 232 -4.89 9.20 26.80
N ILE D 233 -6.18 9.20 26.49
CA ILE D 233 -7.14 9.91 27.31
C ILE D 233 -7.33 9.21 28.65
N SER D 234 -7.50 7.89 28.64
CA SER D 234 -7.68 7.16 29.90
C SER D 234 -6.43 7.24 30.77
N ALA D 235 -5.24 7.07 30.17
CA ALA D 235 -4.00 7.02 30.94
C ALA D 235 -3.56 8.40 31.43
N SER D 236 -4.10 9.47 30.87
CA SER D 236 -3.74 10.81 31.31
C SER D 236 -4.12 11.03 32.78
N THR D 237 -3.32 11.83 33.48
CA THR D 237 -3.63 12.15 34.86
C THR D 237 -4.55 13.36 34.99
N ILE D 238 -4.92 13.99 33.89
CA ILE D 238 -5.75 15.19 33.92
C ILE D 238 -7.21 14.86 34.24
N PRO D 239 -7.86 13.90 33.58
CA PRO D 239 -9.30 13.67 33.85
C PRO D 239 -9.58 13.26 35.29
N SER D 240 -10.59 13.89 35.86
CA SER D 240 -11.14 13.49 37.15
C SER D 240 -12.25 12.45 36.99
N VAL D 241 -12.98 12.49 35.88
CA VAL D 241 -14.07 11.56 35.62
C VAL D 241 -13.83 10.93 34.26
N LEU D 242 -13.96 9.60 34.19
CA LEU D 242 -13.97 8.86 32.93
C LEU D 242 -15.35 8.24 32.77
N THR D 243 -16.03 8.55 31.67
CA THR D 243 -17.34 7.97 31.42
C THR D 243 -17.36 7.29 30.06
N LEU D 244 -18.07 6.17 29.98
CA LEU D 244 -18.02 5.35 28.78
C LEU D 244 -19.36 4.70 28.52
N ILE D 245 -19.82 4.77 27.28
CA ILE D 245 -20.92 3.94 26.77
C ILE D 245 -20.28 2.98 25.78
N GLY D 246 -20.32 1.69 26.09
CA GLY D 246 -19.66 0.72 25.25
C GLY D 246 -19.75 -0.70 25.75
N SER D 247 -18.74 -1.51 25.41
CA SER D 247 -18.76 -2.92 25.73
C SER D 247 -18.06 -3.18 27.06
N THR D 248 -18.43 -4.31 27.68
CA THR D 248 -17.87 -4.64 28.98
C THR D 248 -16.36 -4.90 28.92
N ASN D 249 -15.83 -5.28 27.74
CA ASN D 249 -14.40 -5.48 27.60
C ASN D 249 -13.65 -4.16 27.52
N VAL D 250 -14.20 -3.20 26.78
CA VAL D 250 -13.63 -1.84 26.76
C VAL D 250 -13.77 -1.22 28.14
N GLY D 251 -14.91 -1.44 28.80
CA GLY D 251 -15.09 -0.96 30.16
C GLY D 251 -13.96 -1.38 31.08
N LYS D 252 -13.74 -2.69 31.21
CA LYS D 252 -12.65 -3.19 32.05
C LYS D 252 -11.30 -2.65 31.60
N HIS D 253 -11.10 -2.50 30.29
CA HIS D 253 -9.85 -1.94 29.78
C HIS D 253 -9.68 -0.49 30.23
N VAL D 254 -10.77 0.30 30.22
CA VAL D 254 -10.68 1.70 30.62
C VAL D 254 -10.34 1.82 32.10
N ILE D 255 -10.91 0.95 32.94
CA ILE D 255 -10.64 1.00 34.37
C ILE D 255 -9.17 0.73 34.67
N ALA D 256 -8.57 -0.23 33.96
CA ALA D 256 -7.18 -0.59 34.23
C ALA D 256 -6.23 0.47 33.70
N THR D 257 -6.47 0.98 32.50
CA THR D 257 -5.56 1.97 31.91
C THR D 257 -5.71 3.32 32.59
N GLY D 258 -6.89 3.61 33.14
CA GLY D 258 -7.09 4.84 33.90
C GLY D 258 -6.44 4.87 35.26
N ALA D 259 -5.89 3.75 35.72
CA ALA D 259 -5.34 3.62 37.07
C ALA D 259 -4.00 4.37 37.27
N THR D 260 -3.61 5.23 36.33
CA THR D 260 -2.48 6.15 36.52
C THR D 260 -2.79 7.25 37.51
N SER D 261 -4.07 7.42 37.85
CA SER D 261 -4.50 8.39 38.85
C SER D 261 -5.80 7.88 39.43
N ILE D 262 -6.25 8.54 40.50
CA ILE D 262 -7.55 8.25 41.09
C ILE D 262 -8.61 8.96 40.25
N LYS D 263 -9.50 8.19 39.63
CA LYS D 263 -10.53 8.73 38.75
C LYS D 263 -11.89 8.20 39.17
N ARG D 264 -12.92 8.98 38.88
CA ARG D 264 -14.31 8.51 38.99
C ARG D 264 -14.68 7.81 37.69
N TYR D 265 -15.33 6.65 37.80
CA TYR D 265 -15.73 5.89 36.63
C TYR D 265 -17.25 5.83 36.55
N SER D 266 -17.78 6.13 35.37
CA SER D 266 -19.20 6.00 35.06
C SER D 266 -19.33 5.23 33.76
N MET D 267 -20.15 4.18 33.74
CA MET D 267 -20.18 3.30 32.57
C MET D 267 -21.58 2.76 32.34
N GLU D 268 -21.94 2.59 31.06
CA GLU D 268 -23.09 1.82 30.63
C GLU D 268 -22.56 0.77 29.66
N LEU D 269 -22.71 -0.50 30.01
CA LEU D 269 -22.08 -1.57 29.24
C LEU D 269 -23.11 -2.50 28.62
N GLY D 270 -22.85 -3.80 28.62
CA GLY D 270 -23.74 -4.73 27.94
C GLY D 270 -25.06 -4.90 28.67
N GLY D 271 -26.10 -5.22 27.91
CA GLY D 271 -27.38 -5.55 28.47
C GLY D 271 -27.85 -6.92 28.01
N ASN D 272 -28.78 -7.49 28.77
CA ASN D 272 -29.43 -8.75 28.41
C ASN D 272 -30.83 -8.75 29.05
N ALA D 273 -31.71 -7.92 28.50
CA ALA D 273 -33.00 -7.64 29.12
C ALA D 273 -33.95 -8.81 28.93
N PRO D 274 -34.55 -9.32 30.01
CA PRO D 274 -35.66 -10.27 29.86
C PRO D 274 -37.00 -9.55 29.76
N ALA D 275 -37.82 -10.01 28.82
CA ALA D 275 -39.19 -9.52 28.65
C ALA D 275 -40.13 -10.69 28.90
N ILE D 276 -40.95 -10.58 29.94
CA ILE D 276 -41.81 -11.67 30.40
C ILE D 276 -43.25 -11.33 30.06
N VAL D 277 -43.86 -12.14 29.21
CA VAL D 277 -45.26 -11.99 28.82
C VAL D 277 -46.06 -13.11 29.47
N CYS D 278 -46.82 -12.77 30.51
CA CYS D 278 -47.53 -13.76 31.31
C CYS D 278 -48.90 -14.09 30.70
N SER D 279 -49.60 -15.01 31.38
CA SER D 279 -50.85 -15.55 30.85
C SER D 279 -51.93 -14.49 30.79
N ASP D 280 -51.97 -13.58 31.77
CA ASP D 280 -53.02 -12.57 31.86
C ASP D 280 -52.61 -11.24 31.25
N ALA D 281 -51.66 -11.26 30.31
CA ALA D 281 -51.12 -10.03 29.75
C ALA D 281 -51.97 -9.52 28.59
N ASN D 282 -51.91 -8.21 28.38
CA ASN D 282 -52.46 -7.60 27.16
C ASN D 282 -51.52 -7.92 26.02
N LEU D 283 -51.91 -8.91 25.20
CA LEU D 283 -51.02 -9.43 24.18
C LEU D 283 -50.75 -8.41 23.08
N ASP D 284 -51.77 -7.62 22.71
CA ASP D 284 -51.55 -6.56 21.71
C ASP D 284 -50.58 -5.51 22.23
N ASN D 285 -50.74 -5.08 23.48
CA ASN D 285 -49.84 -4.09 24.05
C ASN D 285 -48.43 -4.65 24.17
N ALA D 286 -48.29 -5.90 24.61
CA ALA D 286 -46.97 -6.50 24.77
C ALA D 286 -46.26 -6.63 23.42
N ALA D 287 -46.99 -7.03 22.38
CA ALA D 287 -46.37 -7.16 21.07
C ALA D 287 -45.97 -5.80 20.50
N ASP D 288 -46.79 -4.77 20.72
CA ASP D 288 -46.46 -3.44 20.22
C ASP D 288 -45.19 -2.89 20.87
N VAL D 289 -45.08 -3.04 22.18
CA VAL D 289 -43.92 -2.51 22.90
C VAL D 289 -42.66 -3.26 22.49
N ILE D 290 -42.71 -4.60 22.57
CA ILE D 290 -41.54 -5.41 22.29
C ILE D 290 -41.07 -5.23 20.85
N CYS D 291 -41.99 -5.40 19.89
CA CYS D 291 -41.63 -5.19 18.49
C CYS D 291 -41.14 -3.77 18.25
N GLY D 292 -41.75 -2.78 18.91
CA GLY D 292 -41.39 -1.40 18.63
C GLY D 292 -39.93 -1.12 18.93
N VAL D 293 -39.48 -1.49 20.12
CA VAL D 293 -38.09 -1.21 20.51
C VAL D 293 -37.13 -2.25 19.94
N LYS D 294 -37.62 -3.42 19.53
CA LYS D 294 -36.73 -4.43 18.95
C LYS D 294 -36.33 -4.09 17.53
N PHE D 295 -37.16 -3.34 16.79
CA PHE D 295 -36.84 -2.95 15.43
C PHE D 295 -36.44 -1.49 15.32
N ALA D 296 -36.69 -0.68 16.35
CA ALA D 296 -36.18 0.68 16.36
C ALA D 296 -34.65 0.65 16.38
N ASN D 297 -34.04 1.46 15.52
CA ASN D 297 -32.58 1.53 15.41
C ASN D 297 -31.99 0.16 15.11
N ALA D 298 -32.76 -0.68 14.41
CA ALA D 298 -32.35 -2.05 14.08
C ALA D 298 -31.99 -2.85 15.33
N GLY D 299 -32.66 -2.57 16.45
CA GLY D 299 -32.42 -3.29 17.69
C GLY D 299 -31.13 -2.94 18.39
N GLN D 300 -30.45 -1.88 17.97
CA GLN D 300 -29.18 -1.49 18.57
C GLN D 300 -29.41 -0.49 19.70
N ILE D 301 -30.14 -0.95 20.71
CA ILE D 301 -30.55 -0.15 21.86
C ILE D 301 -30.23 -0.91 23.14
N CYS D 302 -29.60 -0.23 24.09
CA CYS D 302 -29.11 -0.90 25.28
C CYS D 302 -30.24 -1.49 26.12
N VAL D 303 -31.43 -0.92 26.05
CA VAL D 303 -32.53 -1.32 26.92
C VAL D 303 -33.50 -2.27 26.24
N THR D 304 -33.30 -2.57 24.96
CA THR D 304 -34.27 -3.39 24.23
C THR D 304 -34.22 -4.82 24.75
N PRO D 305 -35.37 -5.50 24.81
CA PRO D 305 -35.38 -6.88 25.30
C PRO D 305 -34.44 -7.76 24.48
N ASN D 306 -33.80 -8.69 25.18
CA ASN D 306 -32.89 -9.65 24.58
C ASN D 306 -33.43 -11.07 24.62
N ARG D 307 -34.24 -11.39 25.63
CA ARG D 307 -34.86 -12.69 25.77
C ARG D 307 -36.34 -12.48 26.07
N VAL D 308 -37.20 -12.92 25.17
CA VAL D 308 -38.64 -12.74 25.30
C VAL D 308 -39.24 -14.04 25.83
N PHE D 309 -39.66 -14.03 27.09
CA PHE D 309 -40.31 -15.17 27.72
C PHE D 309 -41.83 -15.03 27.59
N VAL D 310 -42.49 -16.09 27.10
CA VAL D 310 -43.92 -16.06 26.84
C VAL D 310 -44.56 -17.29 27.48
N HIS D 311 -45.67 -17.08 28.19
CA HIS D 311 -46.36 -18.19 28.83
C HIS D 311 -47.00 -19.11 27.79
N GLU D 312 -46.96 -20.41 28.09
CA GLU D 312 -47.40 -21.40 27.11
C GLU D 312 -48.87 -21.25 26.74
N SER D 313 -49.68 -20.69 27.62
CA SER D 313 -51.12 -20.57 27.38
C SER D 313 -51.46 -19.51 26.34
N VAL D 314 -50.55 -18.56 26.08
CA VAL D 314 -50.82 -17.48 25.13
C VAL D 314 -49.69 -17.41 24.09
N ALA D 315 -48.87 -18.46 24.03
CA ALA D 315 -47.69 -18.41 23.17
C ALA D 315 -48.05 -18.38 21.69
N ASP D 316 -49.03 -19.20 21.28
CA ASP D 316 -49.40 -19.22 19.87
C ASP D 316 -49.98 -17.89 19.41
N GLU D 317 -50.84 -17.28 20.23
CA GLU D 317 -51.41 -15.99 19.87
C GLU D 317 -50.34 -14.90 19.85
N PHE D 318 -49.47 -14.86 20.86
CA PHE D 318 -48.46 -13.81 20.94
C PHE D 318 -47.45 -13.92 19.80
N ILE D 319 -47.04 -15.15 19.47
CA ILE D 319 -46.09 -15.32 18.37
C ILE D 319 -46.72 -14.86 17.06
N GLU D 320 -48.02 -15.13 16.87
CA GLU D 320 -48.70 -14.68 15.65
C GLU D 320 -48.74 -13.16 15.58
N LYS D 321 -48.98 -12.49 16.71
CA LYS D 321 -48.99 -11.02 16.71
C LYS D 321 -47.59 -10.45 16.48
N VAL D 322 -46.55 -11.15 16.95
CA VAL D 322 -45.19 -10.69 16.72
C VAL D 322 -44.83 -10.80 15.24
N LEU D 323 -45.18 -11.94 14.62
CA LEU D 323 -44.86 -12.13 13.21
C LEU D 323 -45.59 -11.13 12.33
N THR D 324 -46.83 -10.78 12.67
CA THR D 324 -47.57 -9.78 11.88
C THR D 324 -46.86 -8.44 11.91
N ARG D 325 -46.44 -7.99 13.09
CA ARG D 325 -45.73 -6.71 13.19
C ARG D 325 -44.36 -6.79 12.51
N ALA D 326 -43.64 -7.89 12.70
CA ALA D 326 -42.31 -8.02 12.12
C ALA D 326 -42.35 -8.03 10.59
N LYS D 327 -43.41 -8.57 10.00
CA LYS D 327 -43.52 -8.59 8.55
C LYS D 327 -43.89 -7.22 7.98
N ALA D 328 -44.50 -6.34 8.76
CA ALA D 328 -44.86 -5.02 8.27
C ALA D 328 -43.72 -4.00 8.37
N VAL D 329 -42.55 -4.40 8.86
CA VAL D 329 -41.45 -3.45 8.99
C VAL D 329 -40.87 -3.15 7.61
N LYS D 330 -40.76 -1.86 7.28
CA LYS D 330 -40.19 -1.44 6.00
C LYS D 330 -38.70 -1.14 6.19
N VAL D 331 -37.86 -1.89 5.50
CA VAL D 331 -36.41 -1.82 5.64
C VAL D 331 -35.83 -1.12 4.42
N GLY D 332 -34.92 -0.18 4.67
CA GLY D 332 -34.23 0.48 3.58
C GLY D 332 -33.44 1.66 4.08
N PHE D 333 -33.05 2.51 3.13
CA PHE D 333 -32.28 3.72 3.45
C PHE D 333 -32.59 4.79 2.40
N ASP D 334 -33.26 5.87 2.83
CA ASP D 334 -33.60 7.01 1.99
C ASP D 334 -34.29 8.07 2.84
N LYS D 335 -33.65 9.24 2.99
CA LYS D 335 -34.20 10.30 3.81
C LYS D 335 -35.52 10.85 3.28
N ASN D 336 -35.80 10.68 1.98
CA ASN D 336 -37.04 11.17 1.40
C ASN D 336 -38.05 10.04 1.17
N GLU D 337 -37.95 8.97 1.95
CA GLU D 337 -38.91 7.89 1.93
C GLU D 337 -39.29 7.55 3.37
N ALA D 338 -40.43 6.85 3.51
CA ALA D 338 -40.91 6.44 4.83
C ALA D 338 -40.41 5.04 5.12
N ILE D 339 -39.43 4.95 6.01
CA ILE D 339 -38.71 3.70 6.28
C ILE D 339 -38.71 3.46 7.79
N ASP D 340 -39.06 2.24 8.19
CA ASP D 340 -39.13 1.89 9.60
C ASP D 340 -37.75 1.58 10.16
N MET D 341 -36.96 0.80 9.45
CA MET D 341 -35.73 0.22 9.99
C MET D 341 -34.61 0.31 8.98
N GLY D 342 -33.42 0.65 9.47
CA GLY D 342 -32.23 0.69 8.64
C GLY D 342 -31.35 -0.54 8.84
N PRO D 343 -30.10 -0.48 8.37
CA PRO D 343 -29.18 -1.61 8.53
C PRO D 343 -28.42 -1.56 9.84
N VAL D 344 -27.64 -2.60 10.14
CA VAL D 344 -26.77 -2.55 11.32
C VAL D 344 -25.51 -1.78 10.98
N MET D 345 -24.64 -1.60 11.98
CA MET D 345 -23.57 -0.61 11.89
C MET D 345 -22.49 -1.00 10.89
N ASP D 346 -22.03 -2.24 10.92
CA ASP D 346 -20.93 -2.63 10.04
C ASP D 346 -20.97 -4.13 9.81
N ALA D 347 -19.98 -4.62 9.05
CA ALA D 347 -19.90 -6.04 8.72
C ALA D 347 -19.64 -6.88 9.96
N ASN D 348 -18.82 -6.40 10.89
CA ASN D 348 -18.57 -7.13 12.13
C ASN D 348 -19.88 -7.39 12.87
N SER D 349 -20.70 -6.35 13.05
CA SER D 349 -22.00 -6.53 13.67
C SER D 349 -22.86 -7.50 12.90
N TRP D 350 -22.91 -7.36 11.57
CA TRP D 350 -23.72 -8.26 10.75
C TRP D 350 -23.34 -9.71 10.99
N GLN D 351 -22.05 -10.03 10.91
CA GLN D 351 -21.60 -11.41 11.05
C GLN D 351 -21.84 -11.92 12.47
N ARG D 352 -21.61 -11.07 13.47
CA ARG D 352 -21.86 -11.46 14.85
C ARG D 352 -23.32 -11.82 15.08
N ILE D 353 -24.23 -10.99 14.58
CA ILE D 353 -25.66 -11.28 14.70
C ILE D 353 -26.01 -12.56 13.98
N ASP D 354 -25.48 -12.74 12.76
CA ASP D 354 -25.81 -13.90 11.94
C ASP D 354 -25.31 -15.20 12.57
N GLU D 355 -24.13 -15.15 13.21
CA GLU D 355 -23.63 -16.34 13.88
C GLU D 355 -24.50 -16.71 15.08
N LEU D 356 -25.05 -15.71 15.77
CA LEU D 356 -25.98 -16.01 16.87
C LEU D 356 -27.24 -16.69 16.38
N VAL D 357 -27.77 -16.24 15.24
CA VAL D 357 -28.98 -16.85 14.70
C VAL D 357 -28.71 -18.27 14.24
N LYS D 358 -27.63 -18.46 13.46
CA LYS D 358 -27.33 -19.79 12.94
C LYS D 358 -26.99 -20.75 14.08
N ASP D 359 -26.29 -20.28 15.11
CA ASP D 359 -25.96 -21.14 16.24
C ASP D 359 -27.22 -21.59 16.97
N ALA D 360 -28.20 -20.72 17.09
CA ALA D 360 -29.46 -21.11 17.73
C ALA D 360 -30.19 -22.16 16.89
N GLN D 361 -30.23 -21.97 15.58
CA GLN D 361 -30.86 -22.95 14.70
C GLN D 361 -30.20 -24.32 14.83
N GLN D 362 -28.86 -24.35 14.93
CA GLN D 362 -28.15 -25.61 15.06
C GLN D 362 -28.41 -26.31 16.39
N ASN D 363 -29.03 -25.64 17.35
CA ASN D 363 -29.29 -26.22 18.66
C ASN D 363 -30.77 -26.34 18.98
N GLY D 364 -31.63 -26.22 17.98
CA GLY D 364 -33.05 -26.47 18.14
C GLY D 364 -33.96 -25.27 17.93
N ALA D 365 -33.43 -24.05 17.79
CA ALA D 365 -34.31 -22.90 17.59
C ALA D 365 -34.91 -22.92 16.19
N GLN D 366 -36.16 -22.46 16.10
CA GLN D 366 -36.91 -22.45 14.85
C GLN D 366 -36.93 -21.04 14.28
N LEU D 367 -36.41 -20.90 13.06
CA LEU D 367 -36.39 -19.61 12.37
C LEU D 367 -37.77 -19.35 11.79
N GLN D 368 -38.52 -18.44 12.42
CA GLN D 368 -39.87 -18.11 11.97
C GLN D 368 -39.90 -17.04 10.89
N LEU D 369 -38.90 -16.16 10.87
CA LEU D 369 -38.85 -15.08 9.89
C LEU D 369 -37.45 -14.51 9.86
N GLY D 370 -37.02 -14.11 8.66
CA GLY D 370 -35.78 -13.35 8.55
C GLY D 370 -34.55 -14.22 8.60
N GLY D 371 -33.59 -13.84 9.44
CA GLY D 371 -32.36 -14.57 9.55
C GLY D 371 -31.44 -14.46 8.36
N LYS D 372 -31.50 -13.36 7.63
CA LYS D 372 -30.72 -13.19 6.41
C LYS D 372 -30.78 -11.73 5.99
N LYS D 373 -29.88 -11.37 5.08
CA LYS D 373 -29.94 -10.07 4.44
C LYS D 373 -31.09 -10.07 3.43
N PRO D 374 -31.84 -8.98 3.33
CA PRO D 374 -32.92 -8.91 2.33
C PRO D 374 -32.35 -9.02 0.92
N THR D 375 -33.23 -9.38 -0.01
CA THR D 375 -32.81 -9.71 -1.37
C THR D 375 -32.41 -8.46 -2.14
N GLY D 376 -31.37 -8.59 -2.95
CA GLY D 376 -30.97 -7.54 -3.87
C GLY D 376 -30.49 -6.25 -3.22
N VAL D 377 -29.84 -6.33 -2.07
CA VAL D 377 -29.22 -5.16 -1.44
C VAL D 377 -27.83 -5.55 -0.99
N ASN D 378 -26.91 -4.57 -0.99
CA ASN D 378 -25.53 -4.82 -0.65
C ASN D 378 -25.12 -4.34 0.74
N GLY D 379 -25.83 -3.36 1.31
CA GLY D 379 -25.48 -2.84 2.61
C GLY D 379 -25.65 -3.85 3.73
N TYR D 380 -25.32 -3.43 4.96
CA TYR D 380 -25.33 -4.36 6.08
C TYR D 380 -26.73 -4.54 6.66
N PHE D 381 -27.70 -4.82 5.80
CA PHE D 381 -29.08 -4.98 6.21
C PHE D 381 -29.30 -6.36 6.79
N TYR D 382 -30.02 -6.42 7.90
CA TYR D 382 -30.45 -7.68 8.50
C TYR D 382 -31.96 -7.63 8.68
N GLU D 383 -32.65 -8.63 8.15
CA GLU D 383 -34.10 -8.62 8.15
C GLU D 383 -34.63 -8.73 9.58
N PRO D 384 -35.83 -8.20 9.84
CA PRO D 384 -36.49 -8.48 11.12
C PRO D 384 -36.64 -9.99 11.30
N THR D 385 -36.02 -10.50 12.36
CA THR D 385 -35.89 -11.93 12.56
C THR D 385 -36.63 -12.36 13.82
N VAL D 386 -37.32 -13.50 13.71
CA VAL D 386 -38.07 -14.09 14.82
C VAL D 386 -37.63 -15.53 14.98
N LEU D 387 -37.16 -15.87 16.18
CA LEU D 387 -36.73 -17.22 16.52
C LEU D 387 -37.54 -17.71 17.70
N THR D 388 -38.03 -18.95 17.62
CA THR D 388 -38.71 -19.59 18.74
C THR D 388 -37.91 -20.81 19.17
N ASN D 389 -38.38 -21.44 20.25
CA ASN D 389 -37.74 -22.65 20.80
C ASN D 389 -36.30 -22.37 21.23
N VAL D 390 -36.05 -21.18 21.75
CA VAL D 390 -34.73 -20.80 22.26
C VAL D 390 -34.61 -21.29 23.70
N ASP D 391 -33.41 -21.71 24.09
CA ASP D 391 -33.16 -22.18 25.46
C ASP D 391 -31.90 -21.54 26.01
N SER D 392 -31.64 -21.81 27.29
CA SER D 392 -30.57 -21.13 28.02
C SER D 392 -29.18 -21.52 27.54
N SER D 393 -29.04 -22.61 26.78
CA SER D 393 -27.72 -23.04 26.36
C SER D 393 -27.20 -22.28 25.14
N MET D 394 -28.07 -21.62 24.39
CA MET D 394 -27.68 -20.98 23.15
C MET D 394 -26.91 -19.69 23.39
N LYS D 395 -26.01 -19.38 22.46
CA LYS D 395 -25.26 -18.13 22.53
C LYS D 395 -26.18 -16.92 22.46
N ILE D 396 -27.26 -17.01 21.67
CA ILE D 396 -28.19 -15.88 21.55
C ILE D 396 -28.92 -15.61 22.86
N TYR D 397 -29.00 -16.60 23.76
CA TYR D 397 -29.57 -16.40 25.09
C TYR D 397 -28.56 -15.75 26.02
N LYS D 398 -27.30 -16.17 25.94
CA LYS D 398 -26.27 -15.72 26.88
C LYS D 398 -25.68 -14.38 26.50
N ASP D 399 -25.62 -14.05 25.22
CA ASP D 399 -24.94 -12.86 24.75
C ASP D 399 -25.95 -11.82 24.28
N GLU D 400 -25.46 -10.58 24.16
CA GLU D 400 -26.30 -9.47 23.72
C GLU D 400 -26.46 -9.52 22.20
N ILE D 401 -27.70 -9.58 21.73
CA ILE D 401 -27.95 -9.59 20.29
C ILE D 401 -27.53 -8.27 19.67
N PHE D 402 -28.06 -7.16 20.19
CA PHE D 402 -27.83 -5.83 19.63
C PHE D 402 -28.16 -5.82 18.14
N GLY D 403 -29.31 -6.39 17.80
CA GLY D 403 -29.76 -6.47 16.44
C GLY D 403 -31.26 -6.72 16.38
N PRO D 404 -31.81 -6.78 15.17
CA PRO D 404 -33.27 -6.87 15.01
C PRO D 404 -33.77 -8.32 15.06
N VAL D 405 -33.51 -8.99 16.17
CA VAL D 405 -33.84 -10.41 16.32
C VAL D 405 -34.67 -10.58 17.58
N ILE D 406 -35.89 -11.09 17.44
CA ILE D 406 -36.75 -11.40 18.57
C ILE D 406 -36.57 -12.87 18.91
N SER D 407 -36.03 -13.14 20.09
CA SER D 407 -35.72 -14.49 20.55
C SER D 407 -36.70 -14.88 21.64
N ILE D 408 -37.49 -15.92 21.40
CA ILE D 408 -38.67 -16.24 22.20
C ILE D 408 -38.43 -17.56 22.95
N ILE D 409 -38.69 -17.53 24.26
CA ILE D 409 -38.62 -18.71 25.12
C ILE D 409 -39.99 -18.91 25.75
N ILE D 410 -40.47 -20.15 25.74
CA ILE D 410 -41.77 -20.49 26.31
C ILE D 410 -41.56 -21.00 27.73
N PHE D 411 -42.33 -20.46 28.68
CA PHE D 411 -42.25 -20.86 30.07
C PHE D 411 -43.64 -21.24 30.57
N SER D 412 -43.67 -21.79 31.79
CA SER D 412 -44.91 -22.30 32.37
C SER D 412 -45.15 -21.75 33.77
N ASP D 413 -44.09 -21.52 34.54
CA ASP D 413 -44.20 -21.10 35.93
C ASP D 413 -43.57 -19.74 36.12
N ASN D 414 -44.29 -18.83 36.80
CA ASN D 414 -43.80 -17.48 37.01
C ASN D 414 -42.58 -17.47 37.92
N GLU D 415 -42.56 -18.33 38.95
N GLU D 415 -42.55 -18.35 38.92
CA GLU D 415 -41.39 -18.40 39.81
CA GLU D 415 -41.40 -18.41 39.82
C GLU D 415 -40.19 -18.96 39.07
C GLU D 415 -40.19 -19.03 39.13
N GLN D 416 -40.41 -19.89 38.14
CA GLN D 416 -39.31 -20.47 37.39
C GLN D 416 -38.73 -19.48 36.39
N VAL D 417 -39.60 -18.74 35.69
CA VAL D 417 -39.13 -17.78 34.70
C VAL D 417 -38.38 -16.62 35.35
N LEU D 418 -38.68 -16.31 36.61
CA LEU D 418 -37.93 -15.28 37.31
C LEU D 418 -36.46 -15.67 37.46
N SER D 419 -36.20 -16.94 37.79
CA SER D 419 -34.81 -17.39 37.91
C SER D 419 -34.12 -17.36 36.55
N ASP D 420 -34.83 -17.76 35.49
CA ASP D 420 -34.28 -17.65 34.14
C ASP D 420 -34.01 -16.19 33.78
N ALA D 421 -34.94 -15.30 34.12
CA ALA D 421 -34.74 -13.88 33.82
C ALA D 421 -33.49 -13.34 34.49
N ASN D 422 -33.27 -13.73 35.75
CA ASN D 422 -32.12 -13.27 36.52
C ASN D 422 -30.84 -14.05 36.22
N ASP D 423 -30.87 -15.02 35.32
CA ASP D 423 -29.72 -15.87 35.01
C ASP D 423 -28.79 -15.17 34.01
N THR D 424 -28.31 -14.00 34.41
CA THR D 424 -27.42 -13.19 33.58
C THR D 424 -26.62 -12.27 34.50
N ASP D 425 -25.43 -11.89 34.07
CA ASP D 425 -24.66 -10.87 34.76
C ASP D 425 -25.03 -9.46 34.32
N ALA D 426 -25.84 -9.30 33.28
CA ALA D 426 -26.32 -7.99 32.88
C ALA D 426 -27.28 -7.44 33.93
N GLY D 427 -27.44 -6.12 33.93
CA GLY D 427 -28.30 -5.49 34.91
C GLY D 427 -28.92 -4.18 34.45
N LEU D 428 -29.30 -4.11 33.19
CA LEU D 428 -29.89 -2.87 32.68
C LEU D 428 -31.41 -2.90 32.82
N SER D 429 -32.12 -3.17 31.73
CA SER D 429 -33.56 -3.07 31.72
C SER D 429 -34.21 -4.46 31.81
N SER D 430 -35.47 -4.46 32.21
CA SER D 430 -36.27 -5.67 32.22
C SER D 430 -37.73 -5.27 31.97
N PHE D 431 -38.54 -6.25 31.61
CA PHE D 431 -39.93 -5.98 31.23
C PHE D 431 -40.83 -7.05 31.82
N ILE D 432 -41.99 -6.63 32.32
CA ILE D 432 -43.01 -7.55 32.80
C ILE D 432 -44.36 -7.10 32.22
N PHE D 433 -45.08 -8.04 31.61
CA PHE D 433 -46.40 -7.77 31.03
C PHE D 433 -47.40 -8.66 31.73
N SER D 434 -48.30 -8.05 32.50
CA SER D 434 -49.26 -8.78 33.30
C SER D 434 -50.35 -7.83 33.77
N SER D 435 -51.55 -8.36 33.97
CA SER D 435 -52.66 -7.61 34.53
C SER D 435 -52.91 -7.96 35.99
N ASN D 436 -52.11 -8.84 36.57
CA ASN D 436 -52.26 -9.27 37.95
C ASN D 436 -51.37 -8.41 38.84
N GLU D 437 -51.97 -7.78 39.84
CA GLU D 437 -51.22 -6.87 40.71
C GLU D 437 -50.19 -7.62 41.54
N ASP D 438 -50.51 -8.84 41.99
CA ASP D 438 -49.55 -9.61 42.76
C ASP D 438 -48.39 -10.08 41.90
N THR D 439 -48.68 -10.50 40.66
CA THR D 439 -47.63 -10.89 39.73
C THR D 439 -46.71 -9.71 39.42
N ILE D 440 -47.28 -8.52 39.23
CA ILE D 440 -46.48 -7.33 38.95
C ILE D 440 -45.57 -7.01 40.13
N SER D 441 -46.14 -6.99 41.35
CA SER D 441 -45.32 -6.68 42.51
C SER D 441 -44.24 -7.72 42.74
N TYR D 442 -44.54 -8.98 42.43
CA TYR D 442 -43.56 -10.05 42.62
C TYR D 442 -42.35 -9.87 41.69
N PHE D 443 -42.60 -9.62 40.41
CA PHE D 443 -41.49 -9.44 39.47
C PHE D 443 -40.76 -8.12 39.71
N ALA D 444 -41.51 -7.05 39.98
CA ALA D 444 -40.87 -5.75 40.22
C ALA D 444 -39.90 -5.82 41.38
N LYS D 445 -40.20 -6.62 42.40
CA LYS D 445 -39.34 -6.70 43.58
C LYS D 445 -38.16 -7.63 43.35
N HIS D 446 -38.37 -8.77 42.71
CA HIS D 446 -37.34 -9.80 42.64
C HIS D 446 -36.47 -9.72 41.40
N LEU D 447 -36.87 -8.95 40.38
CA LEU D 447 -36.04 -8.81 39.20
C LEU D 447 -34.76 -8.06 39.55
N ARG D 448 -33.61 -8.65 39.20
CA ARG D 448 -32.31 -8.07 39.55
C ARG D 448 -31.80 -7.21 38.39
N PHE D 449 -32.50 -6.10 38.17
CA PHE D 449 -32.17 -5.19 37.09
C PHE D 449 -32.35 -3.76 37.57
N GLY D 450 -31.66 -2.84 36.90
CA GLY D 450 -31.76 -1.44 37.26
C GLY D 450 -33.10 -0.82 36.93
N GLU D 451 -33.74 -1.30 35.86
CA GLU D 451 -35.05 -0.80 35.45
C GLU D 451 -36.01 -1.96 35.27
N VAL D 452 -37.22 -1.81 35.79
CA VAL D 452 -38.31 -2.76 35.57
C VAL D 452 -39.44 -1.99 34.89
N GLN D 453 -39.72 -2.34 33.64
CA GLN D 453 -40.76 -1.69 32.85
C GLN D 453 -42.01 -2.56 32.87
N VAL D 454 -43.10 -2.04 33.41
CA VAL D 454 -44.31 -2.80 33.63
C VAL D 454 -45.35 -2.40 32.59
N ASN D 455 -45.75 -3.36 31.77
CA ASN D 455 -46.81 -3.17 30.76
C ASN D 455 -46.49 -2.04 29.79
N GLY D 456 -45.21 -1.72 29.61
CA GLY D 456 -44.84 -0.67 28.69
C GLY D 456 -43.34 -0.40 28.74
N ILE D 457 -42.96 0.78 28.26
CA ILE D 457 -41.57 1.20 28.25
C ILE D 457 -41.49 2.72 28.23
N LYS D 458 -40.68 3.31 29.11
CA LYS D 458 -40.65 4.77 29.27
C LYS D 458 -39.26 5.21 29.68
N TYR D 459 -38.66 6.11 28.89
CA TYR D 459 -37.40 6.77 29.21
C TYR D 459 -37.54 8.24 28.85
N SER D 460 -36.90 9.11 29.65
CA SER D 460 -36.94 10.54 29.40
C SER D 460 -35.81 11.21 30.16
N ILE D 461 -35.56 12.48 29.81
CA ILE D 461 -34.41 13.20 30.34
C ILE D 461 -34.52 13.38 31.85
N ASN D 462 -35.72 13.35 32.41
CA ASN D 462 -35.88 13.48 33.86
C ASN D 462 -35.87 12.14 34.60
N LEU D 463 -35.93 11.03 33.88
CA LEU D 463 -36.03 9.72 34.51
C LEU D 463 -34.63 9.08 34.57
N PRO D 464 -34.20 8.61 35.74
CA PRO D 464 -32.86 8.01 35.84
C PRO D 464 -32.74 6.77 34.96
N HIS D 465 -31.61 6.67 34.27
CA HIS D 465 -31.27 5.54 33.43
C HIS D 465 -29.95 4.97 33.92
N PHE D 466 -29.98 3.74 34.43
CA PHE D 466 -28.80 3.17 35.06
C PHE D 466 -28.85 1.65 34.94
N GLY D 467 -27.69 1.03 35.13
CA GLY D 467 -27.60 -0.41 35.18
C GLY D 467 -26.85 -0.85 36.42
N ILE D 468 -27.14 -2.07 36.85
CA ILE D 468 -26.48 -2.67 38.00
C ILE D 468 -25.64 -3.85 37.53
N LYS D 469 -24.96 -4.51 38.47
CA LYS D 469 -24.15 -5.71 38.19
C LYS D 469 -23.11 -5.34 37.12
N GLN D 470 -22.87 -6.20 36.13
CA GLN D 470 -21.83 -5.97 35.14
C GLN D 470 -22.26 -5.02 34.02
N SER D 471 -23.45 -4.43 34.11
CA SER D 471 -23.91 -3.47 33.11
C SER D 471 -23.38 -2.07 33.36
N GLY D 472 -22.59 -1.86 34.41
CA GLY D 472 -21.88 -0.62 34.59
C GLY D 472 -22.22 0.04 35.91
N VAL D 473 -21.79 1.30 36.03
CA VAL D 473 -21.99 2.10 37.24
C VAL D 473 -22.29 3.53 36.83
N GLY D 474 -23.10 4.19 37.64
CA GLY D 474 -23.50 5.55 37.38
C GLY D 474 -24.90 5.63 36.78
N VAL D 475 -25.39 6.86 36.69
CA VAL D 475 -26.74 7.15 36.24
C VAL D 475 -26.64 8.19 35.13
N ASP D 476 -27.38 7.96 34.05
CA ASP D 476 -27.60 8.96 33.01
C ASP D 476 -29.04 9.47 33.13
N CYS D 477 -29.24 10.73 32.75
CA CYS D 477 -30.51 11.45 32.91
C CYS D 477 -30.86 11.66 34.38
N SER D 478 -31.93 12.42 34.62
CA SER D 478 -32.38 12.83 35.95
C SER D 478 -31.34 13.68 36.68
N LEU D 479 -31.71 14.17 37.87
CA LEU D 479 -30.77 14.96 38.68
C LEU D 479 -29.55 14.15 39.09
N LEU D 480 -29.69 12.83 39.22
CA LEU D 480 -28.58 12.00 39.68
C LEU D 480 -27.40 12.02 38.73
N ALA D 481 -27.62 12.34 37.44
CA ALA D 481 -26.51 12.35 36.48
C ALA D 481 -25.46 13.40 36.82
N LEU D 482 -25.81 14.41 37.62
CA LEU D 482 -24.86 15.42 38.05
C LEU D 482 -23.88 14.90 39.09
N ASP D 483 -24.21 13.80 39.78
CA ASP D 483 -23.38 13.33 40.87
C ASP D 483 -21.95 13.05 40.43
N ASP D 484 -21.77 12.52 39.21
CA ASP D 484 -20.43 12.22 38.72
C ASP D 484 -19.58 13.48 38.55
N TYR D 485 -20.22 14.61 38.26
CA TYR D 485 -19.52 15.85 37.95
C TYR D 485 -19.46 16.81 39.13
N LEU D 486 -20.05 16.47 40.27
CA LEU D 486 -20.08 17.34 41.44
C LEU D 486 -19.44 16.63 42.62
N ALA D 487 -18.59 17.35 43.35
CA ALA D 487 -17.91 16.85 44.53
C ALA D 487 -18.48 17.53 45.76
N TYR D 488 -18.63 16.77 46.84
CA TYR D 488 -19.16 17.37 48.05
C TYR D 488 -18.11 18.22 48.74
N LYS D 489 -18.58 19.09 49.62
CA LYS D 489 -17.70 19.79 50.55
C LYS D 489 -18.48 20.02 51.85
N ARG D 490 -17.88 19.65 52.97
CA ARG D 490 -18.43 19.93 54.29
C ARG D 490 -17.62 21.06 54.92
N VAL D 491 -18.29 22.16 55.27
CA VAL D 491 -17.70 23.25 56.02
C VAL D 491 -18.26 23.16 57.44
N SER D 492 -17.40 22.89 58.40
CA SER D 492 -17.78 22.77 59.81
C SER D 492 -17.07 23.84 60.62
N ARG D 493 -17.84 24.56 61.45
CA ARG D 493 -17.32 25.69 62.21
C ARG D 493 -17.66 25.52 63.69
N ALA D 494 -16.66 25.74 64.55
CA ALA D 494 -16.86 25.70 65.98
C ALA D 494 -17.68 26.91 66.42
N LEU D 495 -18.82 26.66 67.07
CA LEU D 495 -19.72 27.74 67.43
C LEU D 495 -19.24 28.50 68.67
N LYS D 496 -18.54 27.82 69.58
CA LYS D 496 -17.94 28.51 70.73
C LYS D 496 -16.81 29.45 70.32
N VAL D 497 -16.30 29.31 69.09
CA VAL D 497 -15.25 30.17 68.55
C VAL D 497 -14.00 30.15 69.41
#